data_5TRV
# 
_entry.id   5TRV 
# 
_audit_conform.dict_name       mmcif_pdbx.dic 
_audit_conform.dict_version    5.387 
_audit_conform.dict_location   http://mmcif.pdb.org/dictionaries/ascii/mmcif_pdbx.dic 
# 
loop_
_database_2.database_id 
_database_2.database_code 
_database_2.pdbx_database_accession 
_database_2.pdbx_DOI 
PDB   5TRV         pdb_00005trv 10.2210/pdb5trv/pdb 
WWPDB D_1000224604 ?            ?                   
# 
loop_
_pdbx_audit_revision_history.ordinal 
_pdbx_audit_revision_history.data_content_type 
_pdbx_audit_revision_history.major_revision 
_pdbx_audit_revision_history.minor_revision 
_pdbx_audit_revision_history.revision_date 
1 'Structure model' 1 0 2017-01-25 
2 'Structure model' 1 1 2017-02-01 
3 'Structure model' 1 2 2017-09-20 
4 'Structure model' 1 3 2019-12-04 
5 'Structure model' 1 4 2024-03-06 
# 
_pdbx_audit_revision_details.ordinal             1 
_pdbx_audit_revision_details.revision_ordinal    1 
_pdbx_audit_revision_details.data_content_type   'Structure model' 
_pdbx_audit_revision_details.provider            repository 
_pdbx_audit_revision_details.type                'Initial release' 
_pdbx_audit_revision_details.description         ? 
_pdbx_audit_revision_details.details             ? 
# 
loop_
_pdbx_audit_revision_group.ordinal 
_pdbx_audit_revision_group.revision_ordinal 
_pdbx_audit_revision_group.data_content_type 
_pdbx_audit_revision_group.group 
1 2 'Structure model' 'Database references'        
2 3 'Structure model' 'Author supporting evidence' 
3 4 'Structure model' 'Author supporting evidence' 
4 5 'Structure model' 'Data collection'            
5 5 'Structure model' 'Database references'        
# 
loop_
_pdbx_audit_revision_category.ordinal 
_pdbx_audit_revision_category.revision_ordinal 
_pdbx_audit_revision_category.data_content_type 
_pdbx_audit_revision_category.category 
1 3 'Structure model' pdbx_audit_support 
2 4 'Structure model' pdbx_audit_support 
3 5 'Structure model' chem_comp_atom     
4 5 'Structure model' chem_comp_bond     
5 5 'Structure model' database_2         
# 
loop_
_pdbx_audit_revision_item.ordinal 
_pdbx_audit_revision_item.revision_ordinal 
_pdbx_audit_revision_item.data_content_type 
_pdbx_audit_revision_item.item 
1 3 'Structure model' '_pdbx_audit_support.funding_organization' 
2 4 'Structure model' '_pdbx_audit_support.funding_organization' 
3 5 'Structure model' '_database_2.pdbx_DOI'                     
4 5 'Structure model' '_database_2.pdbx_database_accession'      
# 
_pdbx_database_status.status_code                     REL 
_pdbx_database_status.status_code_sf                  REL 
_pdbx_database_status.status_code_mr                  ? 
_pdbx_database_status.entry_id                        5TRV 
_pdbx_database_status.recvd_initial_deposition_date   2016-10-27 
_pdbx_database_status.SG_entry                        N 
_pdbx_database_status.deposit_site                    RCSB 
_pdbx_database_status.process_site                    RCSB 
_pdbx_database_status.status_code_cs                  ? 
_pdbx_database_status.methods_development_category    ? 
_pdbx_database_status.pdb_format_compatible           Y 
_pdbx_database_status.status_code_nmr_data            ? 
# 
_pdbx_database_related.content_type   unspecified 
_pdbx_database_related.db_id          5TS4 
_pdbx_database_related.db_name        PDB 
_pdbx_database_related.details        . 
# 
loop_
_audit_author.name 
_audit_author.pdbx_ordinal 
'Basanta, B.'       1 
'Oberdorfer, G.'    2 
'Marcos, E.'        3 
'Chidyausiku, T.M.' 4 
'Sankaran, B.'      5 
'Baker, D.'         6 
# 
_citation.abstract                  ? 
_citation.abstract_id_CAS           ? 
_citation.book_id_ISBN              ? 
_citation.book_publisher            ? 
_citation.book_publisher_city       ? 
_citation.book_title                ? 
_citation.coordinate_linkage        ? 
_citation.country                   US 
_citation.database_id_Medline       ? 
_citation.details                   ? 
_citation.id                        primary 
_citation.journal_abbrev            Science 
_citation.journal_id_ASTM           SCIEAS 
_citation.journal_id_CSD            0038 
_citation.journal_id_ISSN           1095-9203 
_citation.journal_full              ? 
_citation.journal_issue             ? 
_citation.journal_volume            355 
_citation.language                  ? 
_citation.page_first                201 
_citation.page_last                 206 
_citation.title                     'Principles for designing proteins with cavities formed by curved beta sheets.' 
_citation.year                      2017 
_citation.database_id_CSD           ? 
_citation.pdbx_database_id_DOI      10.1126/science.aah7389 
_citation.pdbx_database_id_PubMed   28082595 
_citation.unpublished_flag          ? 
# 
loop_
_citation_author.citation_id 
_citation_author.name 
_citation_author.ordinal 
_citation_author.identifier_ORCID 
primary 'Marcos, E.'        1  ? 
primary 'Basanta, B.'       2  ? 
primary 'Chidyausiku, T.M.' 3  ? 
primary 'Tang, Y.'          4  ? 
primary 'Oberdorfer, G.'    5  ? 
primary 'Liu, G.'           6  ? 
primary 'Swapna, G.V.'      7  ? 
primary 'Guan, R.'          8  ? 
primary 'Silva, D.A.'       9  ? 
primary 'Dou, J.'           10 ? 
primary 'Pereira, J.H.'     11 ? 
primary 'Xiao, R.'          12 ? 
primary 'Sankaran, B.'      13 ? 
primary 'Zwart, P.H.'       14 ? 
primary 'Montelione, G.T.'  15 ? 
primary 'Baker, D.'         16 ? 
# 
loop_
_entity.id 
_entity.type 
_entity.src_method 
_entity.pdbx_description 
_entity.formula_weight 
_entity.pdbx_number_of_molecules 
_entity.pdbx_ec 
_entity.pdbx_mutation 
_entity.pdbx_fragment 
_entity.details 
1 polymer     man 'denovo NTF2'           14857.236 1 ? ? ? ? 
2 non-polymer syn 'DI(HYDROXYETHYL)ETHER' 106.120   1 ? ? ? ? 
3 water       nat water                   18.015    2 ? ? ? ? 
# 
_entity_poly.entity_id                      1 
_entity_poly.type                           'polypeptide(L)' 
_entity_poly.nstd_linkage                   no 
_entity_poly.nstd_monomer                   no 
_entity_poly.pdbx_seq_one_letter_code       
;GSHMTQEEVRKIMEKLKKAFKQGNPEQIVSLLSPDVRVKVGNQEFSGSEEAEKMWRKLMKFVDRVEVRRVKVDENRVEIE
VEFEVNGQRYSMEFHFEVENGKVRRVEIRISPTMKKLMKQILNYG
;
_entity_poly.pdbx_seq_one_letter_code_can   
;GSHMTQEEVRKIMEKLKKAFKQGNPEQIVSLLSPDVRVKVGNQEFSGSEEAEKMWRKLMKFVDRVEVRRVKVDENRVEIE
VEFEVNGQRYSMEFHFEVENGKVRRVEIRISPTMKKLMKQILNYG
;
_entity_poly.pdbx_strand_id                 A 
_entity_poly.pdbx_target_identifier         ? 
# 
loop_
_pdbx_entity_nonpoly.entity_id 
_pdbx_entity_nonpoly.name 
_pdbx_entity_nonpoly.comp_id 
2 'DI(HYDROXYETHYL)ETHER' PEG 
3 water                   HOH 
# 
loop_
_entity_poly_seq.entity_id 
_entity_poly_seq.num 
_entity_poly_seq.mon_id 
_entity_poly_seq.hetero 
1 1   GLY n 
1 2   SER n 
1 3   HIS n 
1 4   MET n 
1 5   THR n 
1 6   GLN n 
1 7   GLU n 
1 8   GLU n 
1 9   VAL n 
1 10  ARG n 
1 11  LYS n 
1 12  ILE n 
1 13  MET n 
1 14  GLU n 
1 15  LYS n 
1 16  LEU n 
1 17  LYS n 
1 18  LYS n 
1 19  ALA n 
1 20  PHE n 
1 21  LYS n 
1 22  GLN n 
1 23  GLY n 
1 24  ASN n 
1 25  PRO n 
1 26  GLU n 
1 27  GLN n 
1 28  ILE n 
1 29  VAL n 
1 30  SER n 
1 31  LEU n 
1 32  LEU n 
1 33  SER n 
1 34  PRO n 
1 35  ASP n 
1 36  VAL n 
1 37  ARG n 
1 38  VAL n 
1 39  LYS n 
1 40  VAL n 
1 41  GLY n 
1 42  ASN n 
1 43  GLN n 
1 44  GLU n 
1 45  PHE n 
1 46  SER n 
1 47  GLY n 
1 48  SER n 
1 49  GLU n 
1 50  GLU n 
1 51  ALA n 
1 52  GLU n 
1 53  LYS n 
1 54  MET n 
1 55  TRP n 
1 56  ARG n 
1 57  LYS n 
1 58  LEU n 
1 59  MET n 
1 60  LYS n 
1 61  PHE n 
1 62  VAL n 
1 63  ASP n 
1 64  ARG n 
1 65  VAL n 
1 66  GLU n 
1 67  VAL n 
1 68  ARG n 
1 69  ARG n 
1 70  VAL n 
1 71  LYS n 
1 72  VAL n 
1 73  ASP n 
1 74  GLU n 
1 75  ASN n 
1 76  ARG n 
1 77  VAL n 
1 78  GLU n 
1 79  ILE n 
1 80  GLU n 
1 81  VAL n 
1 82  GLU n 
1 83  PHE n 
1 84  GLU n 
1 85  VAL n 
1 86  ASN n 
1 87  GLY n 
1 88  GLN n 
1 89  ARG n 
1 90  TYR n 
1 91  SER n 
1 92  MET n 
1 93  GLU n 
1 94  PHE n 
1 95  HIS n 
1 96  PHE n 
1 97  GLU n 
1 98  VAL n 
1 99  GLU n 
1 100 ASN n 
1 101 GLY n 
1 102 LYS n 
1 103 VAL n 
1 104 ARG n 
1 105 ARG n 
1 106 VAL n 
1 107 GLU n 
1 108 ILE n 
1 109 ARG n 
1 110 ILE n 
1 111 SER n 
1 112 PRO n 
1 113 THR n 
1 114 MET n 
1 115 LYS n 
1 116 LYS n 
1 117 LEU n 
1 118 MET n 
1 119 LYS n 
1 120 GLN n 
1 121 ILE n 
1 122 LEU n 
1 123 ASN n 
1 124 TYR n 
1 125 GLY n 
# 
_entity_src_gen.entity_id                          1 
_entity_src_gen.pdbx_src_id                        1 
_entity_src_gen.pdbx_alt_source_flag               sample 
_entity_src_gen.pdbx_seq_type                      'Biological sequence' 
_entity_src_gen.pdbx_beg_seq_num                   1 
_entity_src_gen.pdbx_end_seq_num                   125 
_entity_src_gen.gene_src_common_name               ? 
_entity_src_gen.gene_src_genus                     ? 
_entity_src_gen.pdbx_gene_src_gene                 ? 
_entity_src_gen.gene_src_species                   ? 
_entity_src_gen.gene_src_strain                    ? 
_entity_src_gen.gene_src_tissue                    ? 
_entity_src_gen.gene_src_tissue_fraction           ? 
_entity_src_gen.gene_src_details                   ? 
_entity_src_gen.pdbx_gene_src_fragment             ? 
_entity_src_gen.pdbx_gene_src_scientific_name      'synthetic construct' 
_entity_src_gen.pdbx_gene_src_ncbi_taxonomy_id     32630 
_entity_src_gen.pdbx_gene_src_variant              ? 
_entity_src_gen.pdbx_gene_src_cell_line            ? 
_entity_src_gen.pdbx_gene_src_atcc                 ? 
_entity_src_gen.pdbx_gene_src_organ                ? 
_entity_src_gen.pdbx_gene_src_organelle            ? 
_entity_src_gen.pdbx_gene_src_cell                 ? 
_entity_src_gen.pdbx_gene_src_cellular_location    ? 
_entity_src_gen.host_org_common_name               ? 
_entity_src_gen.pdbx_host_org_scientific_name      'Escherichia coli BL21(DE3)' 
_entity_src_gen.pdbx_host_org_ncbi_taxonomy_id     469008 
_entity_src_gen.host_org_genus                     ? 
_entity_src_gen.pdbx_host_org_gene                 ? 
_entity_src_gen.pdbx_host_org_organ                ? 
_entity_src_gen.host_org_species                   ? 
_entity_src_gen.pdbx_host_org_tissue               ? 
_entity_src_gen.pdbx_host_org_tissue_fraction      ? 
_entity_src_gen.pdbx_host_org_strain               ? 
_entity_src_gen.pdbx_host_org_variant              ? 
_entity_src_gen.pdbx_host_org_cell_line            ? 
_entity_src_gen.pdbx_host_org_atcc                 ? 
_entity_src_gen.pdbx_host_org_culture_collection   ? 
_entity_src_gen.pdbx_host_org_cell                 ? 
_entity_src_gen.pdbx_host_org_organelle            ? 
_entity_src_gen.pdbx_host_org_cellular_location    ? 
_entity_src_gen.pdbx_host_org_vector_type          ? 
_entity_src_gen.pdbx_host_org_vector               ? 
_entity_src_gen.host_org_details                   ? 
_entity_src_gen.expression_system_id               ? 
_entity_src_gen.plasmid_name                       ? 
_entity_src_gen.plasmid_details                    ? 
_entity_src_gen.pdbx_description                   ? 
# 
loop_
_chem_comp.id 
_chem_comp.type 
_chem_comp.mon_nstd_flag 
_chem_comp.name 
_chem_comp.pdbx_synonyms 
_chem_comp.formula 
_chem_comp.formula_weight 
ALA 'L-peptide linking' y ALANINE                 ? 'C3 H7 N O2'     89.093  
ARG 'L-peptide linking' y ARGININE                ? 'C6 H15 N4 O2 1' 175.209 
ASN 'L-peptide linking' y ASPARAGINE              ? 'C4 H8 N2 O3'    132.118 
ASP 'L-peptide linking' y 'ASPARTIC ACID'         ? 'C4 H7 N O4'     133.103 
GLN 'L-peptide linking' y GLUTAMINE               ? 'C5 H10 N2 O3'   146.144 
GLU 'L-peptide linking' y 'GLUTAMIC ACID'         ? 'C5 H9 N O4'     147.129 
GLY 'peptide linking'   y GLYCINE                 ? 'C2 H5 N O2'     75.067  
HIS 'L-peptide linking' y HISTIDINE               ? 'C6 H10 N3 O2 1' 156.162 
HOH non-polymer         . WATER                   ? 'H2 O'           18.015  
ILE 'L-peptide linking' y ISOLEUCINE              ? 'C6 H13 N O2'    131.173 
LEU 'L-peptide linking' y LEUCINE                 ? 'C6 H13 N O2'    131.173 
LYS 'L-peptide linking' y LYSINE                  ? 'C6 H15 N2 O2 1' 147.195 
MET 'L-peptide linking' y METHIONINE              ? 'C5 H11 N O2 S'  149.211 
PEG non-polymer         . 'DI(HYDROXYETHYL)ETHER' ? 'C4 H10 O3'      106.120 
PHE 'L-peptide linking' y PHENYLALANINE           ? 'C9 H11 N O2'    165.189 
PRO 'L-peptide linking' y PROLINE                 ? 'C5 H9 N O2'     115.130 
SER 'L-peptide linking' y SERINE                  ? 'C3 H7 N O3'     105.093 
THR 'L-peptide linking' y THREONINE               ? 'C4 H9 N O3'     119.119 
TRP 'L-peptide linking' y TRYPTOPHAN              ? 'C11 H12 N2 O2'  204.225 
TYR 'L-peptide linking' y TYROSINE                ? 'C9 H11 N O3'    181.189 
VAL 'L-peptide linking' y VALINE                  ? 'C5 H11 N O2'    117.146 
# 
loop_
_pdbx_poly_seq_scheme.asym_id 
_pdbx_poly_seq_scheme.entity_id 
_pdbx_poly_seq_scheme.seq_id 
_pdbx_poly_seq_scheme.mon_id 
_pdbx_poly_seq_scheme.ndb_seq_num 
_pdbx_poly_seq_scheme.pdb_seq_num 
_pdbx_poly_seq_scheme.auth_seq_num 
_pdbx_poly_seq_scheme.pdb_mon_id 
_pdbx_poly_seq_scheme.auth_mon_id 
_pdbx_poly_seq_scheme.pdb_strand_id 
_pdbx_poly_seq_scheme.pdb_ins_code 
_pdbx_poly_seq_scheme.hetero 
A 1 1   GLY 1   -3  ?   ?   ?   A . n 
A 1 2   SER 2   -2  ?   ?   ?   A . n 
A 1 3   HIS 3   -1  ?   ?   ?   A . n 
A 1 4   MET 4   0   0   MET MET A . n 
A 1 5   THR 5   1   1   THR THR A . n 
A 1 6   GLN 6   2   2   GLN GLN A . n 
A 1 7   GLU 7   3   3   GLU GLU A . n 
A 1 8   GLU 8   4   4   GLU GLU A . n 
A 1 9   VAL 9   5   5   VAL VAL A . n 
A 1 10  ARG 10  6   6   ARG ARG A . n 
A 1 11  LYS 11  7   7   LYS LYS A . n 
A 1 12  ILE 12  8   8   ILE ILE A . n 
A 1 13  MET 13  9   9   MET MET A . n 
A 1 14  GLU 14  10  10  GLU GLU A . n 
A 1 15  LYS 15  11  11  LYS LYS A . n 
A 1 16  LEU 16  12  12  LEU LEU A . n 
A 1 17  LYS 17  13  13  LYS LYS A . n 
A 1 18  LYS 18  14  14  LYS LYS A . n 
A 1 19  ALA 19  15  15  ALA ALA A . n 
A 1 20  PHE 20  16  16  PHE PHE A . n 
A 1 21  LYS 21  17  17  LYS LYS A . n 
A 1 22  GLN 22  18  18  GLN GLN A . n 
A 1 23  GLY 23  19  19  GLY GLY A . n 
A 1 24  ASN 24  20  20  ASN ASN A . n 
A 1 25  PRO 25  21  21  PRO PRO A . n 
A 1 26  GLU 26  22  22  GLU GLU A . n 
A 1 27  GLN 27  23  23  GLN GLN A . n 
A 1 28  ILE 28  24  24  ILE ILE A . n 
A 1 29  VAL 29  25  25  VAL VAL A . n 
A 1 30  SER 30  26  26  SER SER A . n 
A 1 31  LEU 31  27  27  LEU LEU A . n 
A 1 32  LEU 32  28  28  LEU LEU A . n 
A 1 33  SER 33  29  29  SER SER A . n 
A 1 34  PRO 34  30  30  PRO PRO A . n 
A 1 35  ASP 35  31  31  ASP ASP A . n 
A 1 36  VAL 36  32  32  VAL VAL A . n 
A 1 37  ARG 37  33  33  ARG ARG A . n 
A 1 38  VAL 38  34  34  VAL VAL A . n 
A 1 39  LYS 39  35  35  LYS LYS A . n 
A 1 40  VAL 40  36  36  VAL VAL A . n 
A 1 41  GLY 41  37  37  GLY GLY A . n 
A 1 42  ASN 42  38  38  ASN ASN A . n 
A 1 43  GLN 43  39  39  GLN GLN A . n 
A 1 44  GLU 44  40  40  GLU GLU A . n 
A 1 45  PHE 45  41  41  PHE PHE A . n 
A 1 46  SER 46  42  42  SER SER A . n 
A 1 47  GLY 47  43  43  GLY GLY A . n 
A 1 48  SER 48  44  44  SER SER A . n 
A 1 49  GLU 49  45  45  GLU GLU A . n 
A 1 50  GLU 50  46  46  GLU GLU A . n 
A 1 51  ALA 51  47  47  ALA ALA A . n 
A 1 52  GLU 52  48  48  GLU GLU A . n 
A 1 53  LYS 53  49  49  LYS LYS A . n 
A 1 54  MET 54  50  50  MET MET A . n 
A 1 55  TRP 55  51  51  TRP TRP A . n 
A 1 56  ARG 56  52  52  ARG ARG A . n 
A 1 57  LYS 57  53  53  LYS LYS A . n 
A 1 58  LEU 58  54  54  LEU LEU A . n 
A 1 59  MET 59  55  55  MET MET A . n 
A 1 60  LYS 60  56  56  LYS LYS A . n 
A 1 61  PHE 61  57  57  PHE PHE A . n 
A 1 62  VAL 62  58  58  VAL VAL A . n 
A 1 63  ASP 63  59  59  ASP ASP A . n 
A 1 64  ARG 64  60  60  ARG ARG A . n 
A 1 65  VAL 65  61  61  VAL VAL A . n 
A 1 66  GLU 66  62  62  GLU GLU A . n 
A 1 67  VAL 67  63  63  VAL VAL A . n 
A 1 68  ARG 68  64  64  ARG ARG A . n 
A 1 69  ARG 69  65  65  ARG ARG A . n 
A 1 70  VAL 70  66  66  VAL VAL A . n 
A 1 71  LYS 71  67  67  LYS LYS A . n 
A 1 72  VAL 72  68  68  VAL VAL A . n 
A 1 73  ASP 73  69  69  ASP ASP A . n 
A 1 74  GLU 74  70  70  GLU GLU A . n 
A 1 75  ASN 75  71  71  ASN ASN A . n 
A 1 76  ARG 76  72  72  ARG ARG A . n 
A 1 77  VAL 77  73  73  VAL VAL A . n 
A 1 78  GLU 78  74  74  GLU GLU A . n 
A 1 79  ILE 79  75  75  ILE ILE A . n 
A 1 80  GLU 80  76  76  GLU GLU A . n 
A 1 81  VAL 81  77  77  VAL VAL A . n 
A 1 82  GLU 82  78  78  GLU GLU A . n 
A 1 83  PHE 83  79  79  PHE PHE A . n 
A 1 84  GLU 84  80  80  GLU GLU A . n 
A 1 85  VAL 85  81  81  VAL VAL A . n 
A 1 86  ASN 86  82  82  ASN ASN A . n 
A 1 87  GLY 87  83  83  GLY GLY A . n 
A 1 88  GLN 88  84  84  GLN GLN A . n 
A 1 89  ARG 89  85  85  ARG ARG A . n 
A 1 90  TYR 90  86  86  TYR TYR A . n 
A 1 91  SER 91  87  87  SER SER A . n 
A 1 92  MET 92  88  88  MET MET A . n 
A 1 93  GLU 93  89  89  GLU GLU A . n 
A 1 94  PHE 94  90  90  PHE PHE A . n 
A 1 95  HIS 95  91  91  HIS HIS A . n 
A 1 96  PHE 96  92  92  PHE PHE A . n 
A 1 97  GLU 97  93  93  GLU GLU A . n 
A 1 98  VAL 98  94  94  VAL VAL A . n 
A 1 99  GLU 99  95  95  GLU GLU A . n 
A 1 100 ASN 100 96  96  ASN ASN A . n 
A 1 101 GLY 101 97  97  GLY GLY A . n 
A 1 102 LYS 102 98  98  LYS LYS A . n 
A 1 103 VAL 103 99  99  VAL VAL A . n 
A 1 104 ARG 104 100 100 ARG ARG A . n 
A 1 105 ARG 105 101 101 ARG ARG A . n 
A 1 106 VAL 106 102 102 VAL VAL A . n 
A 1 107 GLU 107 103 103 GLU GLU A . n 
A 1 108 ILE 108 104 104 ILE ILE A . n 
A 1 109 ARG 109 105 105 ARG ARG A . n 
A 1 110 ILE 110 106 106 ILE ILE A . n 
A 1 111 SER 111 107 107 SER SER A . n 
A 1 112 PRO 112 108 108 PRO PRO A . n 
A 1 113 THR 113 109 109 THR THR A . n 
A 1 114 MET 114 110 110 MET MET A . n 
A 1 115 LYS 115 111 111 LYS LYS A . n 
A 1 116 LYS 116 112 112 LYS LYS A . n 
A 1 117 LEU 117 113 113 LEU LEU A . n 
A 1 118 MET 118 114 114 MET MET A . n 
A 1 119 LYS 119 115 115 LYS LYS A . n 
A 1 120 GLN 120 116 116 GLN GLN A . n 
A 1 121 ILE 121 117 117 ILE ILE A . n 
A 1 122 LEU 122 118 ?   ?   ?   A . n 
A 1 123 ASN 123 119 ?   ?   ?   A . n 
A 1 124 TYR 124 120 ?   ?   ?   A . n 
A 1 125 GLY 125 121 ?   ?   ?   A . n 
# 
loop_
_pdbx_nonpoly_scheme.asym_id 
_pdbx_nonpoly_scheme.entity_id 
_pdbx_nonpoly_scheme.mon_id 
_pdbx_nonpoly_scheme.ndb_seq_num 
_pdbx_nonpoly_scheme.pdb_seq_num 
_pdbx_nonpoly_scheme.auth_seq_num 
_pdbx_nonpoly_scheme.pdb_mon_id 
_pdbx_nonpoly_scheme.auth_mon_id 
_pdbx_nonpoly_scheme.pdb_strand_id 
_pdbx_nonpoly_scheme.pdb_ins_code 
B 2 PEG 1 201 1 PEG PEG A . 
C 3 HOH 1 301 8 HOH HOH A . 
C 3 HOH 2 302 4 HOH HOH A . 
# 
loop_
_pdbx_unobs_or_zero_occ_atoms.id 
_pdbx_unobs_or_zero_occ_atoms.PDB_model_num 
_pdbx_unobs_or_zero_occ_atoms.polymer_flag 
_pdbx_unobs_or_zero_occ_atoms.occupancy_flag 
_pdbx_unobs_or_zero_occ_atoms.auth_asym_id 
_pdbx_unobs_or_zero_occ_atoms.auth_comp_id 
_pdbx_unobs_or_zero_occ_atoms.auth_seq_id 
_pdbx_unobs_or_zero_occ_atoms.PDB_ins_code 
_pdbx_unobs_or_zero_occ_atoms.auth_atom_id 
_pdbx_unobs_or_zero_occ_atoms.label_alt_id 
_pdbx_unobs_or_zero_occ_atoms.label_asym_id 
_pdbx_unobs_or_zero_occ_atoms.label_comp_id 
_pdbx_unobs_or_zero_occ_atoms.label_seq_id 
_pdbx_unobs_or_zero_occ_atoms.label_atom_id 
1  1 Y 1 A GLU 3   ? CG  ? A GLU 7   CG  
2  1 Y 1 A GLU 3   ? CD  ? A GLU 7   CD  
3  1 Y 1 A GLU 3   ? OE1 ? A GLU 7   OE1 
4  1 Y 1 A GLU 3   ? OE2 ? A GLU 7   OE2 
5  1 Y 1 A ARG 6   ? CG  ? A ARG 10  CG  
6  1 Y 1 A ARG 6   ? CD  ? A ARG 10  CD  
7  1 Y 1 A ARG 6   ? NE  ? A ARG 10  NE  
8  1 Y 1 A ARG 6   ? CZ  ? A ARG 10  CZ  
9  1 Y 1 A ARG 6   ? NH1 ? A ARG 10  NH1 
10 1 Y 1 A ARG 6   ? NH2 ? A ARG 10  NH2 
11 1 Y 1 A LYS 7   ? CG  ? A LYS 11  CG  
12 1 Y 1 A LYS 7   ? CD  ? A LYS 11  CD  
13 1 Y 1 A LYS 7   ? CE  ? A LYS 11  CE  
14 1 Y 1 A LYS 7   ? NZ  ? A LYS 11  NZ  
15 1 Y 1 A LYS 14  ? CG  ? A LYS 18  CG  
16 1 Y 1 A LYS 14  ? CD  ? A LYS 18  CD  
17 1 Y 1 A LYS 14  ? CE  ? A LYS 18  CE  
18 1 Y 1 A LYS 14  ? NZ  ? A LYS 18  NZ  
19 1 Y 1 A LYS 17  ? CG  ? A LYS 21  CG  
20 1 Y 1 A LYS 17  ? CD  ? A LYS 21  CD  
21 1 Y 1 A LYS 17  ? CE  ? A LYS 21  CE  
22 1 Y 1 A LYS 17  ? NZ  ? A LYS 21  NZ  
23 1 Y 1 A ASN 20  ? CG  ? A ASN 24  CG  
24 1 Y 1 A ASN 20  ? OD1 ? A ASN 24  OD1 
25 1 Y 1 A ASN 20  ? ND2 ? A ASN 24  ND2 
26 1 Y 1 A GLU 22  ? CG  ? A GLU 26  CG  
27 1 Y 1 A GLU 22  ? CD  ? A GLU 26  CD  
28 1 Y 1 A GLU 22  ? OE1 ? A GLU 26  OE1 
29 1 Y 1 A GLU 22  ? OE2 ? A GLU 26  OE2 
30 1 Y 1 A GLN 23  ? CG  ? A GLN 27  CG  
31 1 Y 1 A GLN 23  ? CD  ? A GLN 27  CD  
32 1 Y 1 A GLN 23  ? OE1 ? A GLN 27  OE1 
33 1 Y 1 A GLN 23  ? NE2 ? A GLN 27  NE2 
34 1 Y 1 A GLU 45  ? CG  ? A GLU 49  CG  
35 1 Y 1 A GLU 45  ? CD  ? A GLU 49  CD  
36 1 Y 1 A GLU 45  ? OE1 ? A GLU 49  OE1 
37 1 Y 1 A GLU 45  ? OE2 ? A GLU 49  OE2 
38 1 Y 1 A LYS 49  ? CG  ? A LYS 53  CG  
39 1 Y 1 A LYS 49  ? CD  ? A LYS 53  CD  
40 1 Y 1 A LYS 49  ? CE  ? A LYS 53  CE  
41 1 Y 1 A LYS 49  ? NZ  ? A LYS 53  NZ  
42 1 Y 1 A LYS 56  ? CG  ? A LYS 60  CG  
43 1 Y 1 A LYS 56  ? CD  ? A LYS 60  CD  
44 1 Y 1 A LYS 56  ? CE  ? A LYS 60  CE  
45 1 Y 1 A LYS 56  ? NZ  ? A LYS 60  NZ  
46 1 Y 1 A ASP 59  ? CG  ? A ASP 63  CG  
47 1 Y 1 A ASP 59  ? OD1 ? A ASP 63  OD1 
48 1 Y 1 A ASP 59  ? OD2 ? A ASP 63  OD2 
49 1 Y 1 A ARG 60  ? CG  ? A ARG 64  CG  
50 1 Y 1 A ARG 60  ? CD  ? A ARG 64  CD  
51 1 Y 1 A ARG 60  ? NE  ? A ARG 64  NE  
52 1 Y 1 A ARG 60  ? CZ  ? A ARG 64  CZ  
53 1 Y 1 A ARG 60  ? NH1 ? A ARG 64  NH1 
54 1 Y 1 A ARG 60  ? NH2 ? A ARG 64  NH2 
55 1 Y 1 A ASN 82  ? CG  ? A ASN 86  CG  
56 1 Y 1 A ASN 82  ? OD1 ? A ASN 86  OD1 
57 1 Y 1 A ASN 82  ? ND2 ? A ASN 86  ND2 
58 1 Y 1 A ARG 85  ? NE  ? A ARG 89  NE  
59 1 Y 1 A ARG 85  ? CZ  ? A ARG 89  CZ  
60 1 Y 1 A ARG 85  ? NH1 ? A ARG 89  NH1 
61 1 Y 1 A ARG 85  ? NH2 ? A ARG 89  NH2 
62 1 Y 1 A LYS 98  ? CG  ? A LYS 102 CG  
63 1 Y 1 A LYS 98  ? CD  ? A LYS 102 CD  
64 1 Y 1 A LYS 98  ? CE  ? A LYS 102 CE  
65 1 Y 1 A LYS 98  ? NZ  ? A LYS 102 NZ  
66 1 Y 1 A LYS 111 ? CG  ? A LYS 115 CG  
67 1 Y 1 A LYS 111 ? CD  ? A LYS 115 CD  
68 1 Y 1 A LYS 111 ? CE  ? A LYS 115 CE  
69 1 Y 1 A LYS 111 ? NZ  ? A LYS 115 NZ  
70 1 Y 1 A LYS 112 ? CG  ? A LYS 116 CG  
71 1 Y 1 A LYS 112 ? CD  ? A LYS 116 CD  
72 1 Y 1 A LYS 112 ? CE  ? A LYS 116 CE  
73 1 Y 1 A LYS 112 ? NZ  ? A LYS 116 NZ  
74 1 Y 1 A LYS 115 ? CG  ? A LYS 119 CG  
75 1 Y 1 A LYS 115 ? CD  ? A LYS 119 CD  
76 1 Y 1 A LYS 115 ? CE  ? A LYS 119 CE  
77 1 Y 1 A LYS 115 ? NZ  ? A LYS 119 NZ  
# 
loop_
_software.citation_id 
_software.classification 
_software.compiler_name 
_software.compiler_version 
_software.contact_author 
_software.contact_author_email 
_software.date 
_software.description 
_software.dependencies 
_software.hardware 
_software.language 
_software.location 
_software.mods 
_software.name 
_software.os 
_software.os_version 
_software.type 
_software.version 
_software.pdbx_ordinal 
? refinement       ? ? ? ? ? ? ? ? ? ? ? PHENIX  ? ? ? dev_1616 1 
? 'data reduction' ? ? ? ? ? ? ? ? ? ? ? iMOSFLM ? ? ? 7.1.0    2 
? 'data scaling'   ? ? ? ? ? ? ? ? ? ? ? Aimless ? ? ? 0.2.8    3 
? phasing          ? ? ? ? ? ? ? ? ? ? ? PHASER  ? ? ? 2.5.6    4 
# 
_cell.angle_alpha                  90.00 
_cell.angle_alpha_esd              ? 
_cell.angle_beta                   90.00 
_cell.angle_beta_esd               ? 
_cell.angle_gamma                  90.00 
_cell.angle_gamma_esd              ? 
_cell.entry_id                     5TRV 
_cell.details                      ? 
_cell.formula_units_Z              ? 
_cell.length_a                     75.530 
_cell.length_a_esd                 ? 
_cell.length_b                     75.530 
_cell.length_b_esd                 ? 
_cell.length_c                     50.070 
_cell.length_c_esd                 ? 
_cell.volume                       ? 
_cell.volume_esd                   ? 
_cell.Z_PDB                        8 
_cell.reciprocal_angle_alpha       ? 
_cell.reciprocal_angle_beta        ? 
_cell.reciprocal_angle_gamma       ? 
_cell.reciprocal_angle_alpha_esd   ? 
_cell.reciprocal_angle_beta_esd    ? 
_cell.reciprocal_angle_gamma_esd   ? 
_cell.reciprocal_length_a          ? 
_cell.reciprocal_length_b          ? 
_cell.reciprocal_length_c          ? 
_cell.reciprocal_length_a_esd      ? 
_cell.reciprocal_length_b_esd      ? 
_cell.reciprocal_length_c_esd      ? 
_cell.pdbx_unique_axis             ? 
# 
_symmetry.entry_id                         5TRV 
_symmetry.cell_setting                     ? 
_symmetry.Int_Tables_number                94 
_symmetry.space_group_name_Hall            ? 
_symmetry.space_group_name_H-M             'P 42 21 2' 
_symmetry.pdbx_full_space_group_name_H-M   ? 
# 
_exptl.absorpt_coefficient_mu     ? 
_exptl.absorpt_correction_T_max   ? 
_exptl.absorpt_correction_T_min   ? 
_exptl.absorpt_correction_type    ? 
_exptl.absorpt_process_details    ? 
_exptl.entry_id                   5TRV 
_exptl.crystals_number            1 
_exptl.details                    ? 
_exptl.method                     'X-RAY DIFFRACTION' 
_exptl.method_details             ? 
# 
_exptl_crystal.colour                      ? 
_exptl_crystal.density_diffrn              ? 
_exptl_crystal.density_Matthews            2.45 
_exptl_crystal.density_method              ? 
_exptl_crystal.density_percent_sol         49.79 
_exptl_crystal.description                 ? 
_exptl_crystal.F_000                       ? 
_exptl_crystal.id                          1 
_exptl_crystal.preparation                 ? 
_exptl_crystal.size_max                    ? 
_exptl_crystal.size_mid                    ? 
_exptl_crystal.size_min                    ? 
_exptl_crystal.size_rad                    ? 
_exptl_crystal.colour_lustre               ? 
_exptl_crystal.colour_modifier             ? 
_exptl_crystal.colour_primary              ? 
_exptl_crystal.density_meas                ? 
_exptl_crystal.density_meas_esd            ? 
_exptl_crystal.density_meas_gt             ? 
_exptl_crystal.density_meas_lt             ? 
_exptl_crystal.density_meas_temp           ? 
_exptl_crystal.density_meas_temp_esd       ? 
_exptl_crystal.density_meas_temp_gt        ? 
_exptl_crystal.density_meas_temp_lt        ? 
_exptl_crystal.pdbx_crystal_image_url      ? 
_exptl_crystal.pdbx_crystal_image_format   ? 
_exptl_crystal.pdbx_mosaicity              ? 
_exptl_crystal.pdbx_mosaicity_esd          ? 
# 
_exptl_crystal_grow.apparatus       ? 
_exptl_crystal_grow.atmosphere      ? 
_exptl_crystal_grow.crystal_id      1 
_exptl_crystal_grow.details         ? 
_exptl_crystal_grow.method          'VAPOR DIFFUSION, HANGING DROP' 
_exptl_crystal_grow.method_ref      ? 
_exptl_crystal_grow.pH              8.5 
_exptl_crystal_grow.pressure        ? 
_exptl_crystal_grow.pressure_esd    ? 
_exptl_crystal_grow.seeding         ? 
_exptl_crystal_grow.seeding_ref     ? 
_exptl_crystal_grow.temp            298 
_exptl_crystal_grow.temp_details    ? 
_exptl_crystal_grow.temp_esd        ? 
_exptl_crystal_grow.time            ? 
_exptl_crystal_grow.pdbx_details    
;0.1 M bicine/Trizma base, pH 8.5, 10% PEG 20 000, 20% PEG MME 550 and 0.03 M of each ethylene glycol (diethyleneglycol, triethyleneglycol, tetraethyleneglycol and pentaethyleneglycol).
;
_exptl_crystal_grow.pdbx_pH_range   ? 
# 
_diffrn.ambient_environment    ? 
_diffrn.ambient_temp           100 
_diffrn.ambient_temp_details   ? 
_diffrn.ambient_temp_esd       ? 
_diffrn.crystal_id             1 
_diffrn.crystal_support        ? 
_diffrn.crystal_treatment      ? 
_diffrn.details                ? 
_diffrn.id                     1 
_diffrn.ambient_pressure       ? 
_diffrn.ambient_pressure_esd   ? 
_diffrn.ambient_pressure_gt    ? 
_diffrn.ambient_pressure_lt    ? 
_diffrn.ambient_temp_gt        ? 
_diffrn.ambient_temp_lt        ? 
# 
_diffrn_detector.details                      ? 
_diffrn_detector.detector                     CCD 
_diffrn_detector.diffrn_id                    1 
_diffrn_detector.type                         'ADSC QUANTUM 315r' 
_diffrn_detector.area_resol_mean              ? 
_diffrn_detector.dtime                        ? 
_diffrn_detector.pdbx_frames_total            ? 
_diffrn_detector.pdbx_collection_time_total   ? 
_diffrn_detector.pdbx_collection_date         2016-06-01 
# 
_diffrn_radiation.collimation                      ? 
_diffrn_radiation.diffrn_id                        1 
_diffrn_radiation.filter_edge                      ? 
_diffrn_radiation.inhomogeneity                    ? 
_diffrn_radiation.monochromator                    ? 
_diffrn_radiation.polarisn_norm                    ? 
_diffrn_radiation.polarisn_ratio                   ? 
_diffrn_radiation.probe                            ? 
_diffrn_radiation.type                             ? 
_diffrn_radiation.xray_symbol                      ? 
_diffrn_radiation.wavelength_id                    1 
_diffrn_radiation.pdbx_monochromatic_or_laue_m_l   M 
_diffrn_radiation.pdbx_wavelength_list             ? 
_diffrn_radiation.pdbx_wavelength                  ? 
_diffrn_radiation.pdbx_diffrn_protocol             'SINGLE WAVELENGTH' 
_diffrn_radiation.pdbx_analyzer                    ? 
_diffrn_radiation.pdbx_scattering_type             x-ray 
# 
_diffrn_radiation_wavelength.id           1 
_diffrn_radiation_wavelength.wavelength   1.0 
_diffrn_radiation_wavelength.wt           1.0 
# 
_diffrn_source.current                     ? 
_diffrn_source.details                     ? 
_diffrn_source.diffrn_id                   1 
_diffrn_source.power                       ? 
_diffrn_source.size                        ? 
_diffrn_source.source                      SYNCHROTRON 
_diffrn_source.target                      ? 
_diffrn_source.type                        'ALS BEAMLINE 8.2.1' 
_diffrn_source.voltage                     ? 
_diffrn_source.take-off_angle              ? 
_diffrn_source.pdbx_wavelength_list        1.0 
_diffrn_source.pdbx_wavelength             ? 
_diffrn_source.pdbx_synchrotron_beamline   8.2.1 
_diffrn_source.pdbx_synchrotron_site       ALS 
# 
_reflns.B_iso_Wilson_estimate            ? 
_reflns.entry_id                         5TRV 
_reflns.data_reduction_details           ? 
_reflns.data_reduction_method            ? 
_reflns.d_resolution_high                2.91 
_reflns.d_resolution_low                 41.73 
_reflns.details                          ? 
_reflns.limit_h_max                      ? 
_reflns.limit_h_min                      ? 
_reflns.limit_k_max                      ? 
_reflns.limit_k_min                      ? 
_reflns.limit_l_max                      ? 
_reflns.limit_l_min                      ? 
_reflns.number_all                       ? 
_reflns.number_obs                       3349 
_reflns.observed_criterion               ? 
_reflns.observed_criterion_F_max         ? 
_reflns.observed_criterion_F_min         ? 
_reflns.observed_criterion_I_max         ? 
_reflns.observed_criterion_I_min         ? 
_reflns.observed_criterion_sigma_F       ? 
_reflns.observed_criterion_sigma_I       ? 
_reflns.percent_possible_obs             97.9 
_reflns.R_free_details                   ? 
_reflns.Rmerge_F_all                     ? 
_reflns.Rmerge_F_obs                     ? 
_reflns.Friedel_coverage                 ? 
_reflns.number_gt                        ? 
_reflns.threshold_expression             ? 
_reflns.pdbx_redundancy                  4.5 
_reflns.pdbx_Rmerge_I_obs                0.034 
_reflns.pdbx_Rmerge_I_all                ? 
_reflns.pdbx_Rsym_value                  ? 
_reflns.pdbx_netI_over_av_sigmaI         ? 
_reflns.pdbx_netI_over_sigmaI            72.8 
_reflns.pdbx_res_netI_over_av_sigmaI_2   ? 
_reflns.pdbx_res_netI_over_sigmaI_2      ? 
_reflns.pdbx_chi_squared                 ? 
_reflns.pdbx_scaling_rejects             ? 
_reflns.pdbx_d_res_high_opt              ? 
_reflns.pdbx_d_res_low_opt               ? 
_reflns.pdbx_d_res_opt_method            ? 
_reflns.phase_calculation_details        ? 
_reflns.pdbx_Rrim_I_all                  ? 
_reflns.pdbx_Rpim_I_all                  ? 
_reflns.pdbx_d_opt                       ? 
_reflns.pdbx_number_measured_all         ? 
_reflns.pdbx_diffrn_id                   1 
_reflns.pdbx_ordinal                     1 
_reflns.pdbx_CC_half                     ? 
_reflns.pdbx_R_split                     ? 
# 
_reflns_shell.d_res_high                  . 
_reflns_shell.d_res_low                   ? 
_reflns_shell.meanI_over_sigI_all         ? 
_reflns_shell.meanI_over_sigI_obs         ? 
_reflns_shell.number_measured_all         ? 
_reflns_shell.number_measured_obs         ? 
_reflns_shell.number_possible             ? 
_reflns_shell.number_unique_all           ? 
_reflns_shell.number_unique_obs           ? 
_reflns_shell.percent_possible_all        ? 
_reflns_shell.percent_possible_obs        ? 
_reflns_shell.Rmerge_F_all                ? 
_reflns_shell.Rmerge_F_obs                ? 
_reflns_shell.Rmerge_I_all                ? 
_reflns_shell.Rmerge_I_obs                ? 
_reflns_shell.meanI_over_sigI_gt          ? 
_reflns_shell.meanI_over_uI_all           ? 
_reflns_shell.meanI_over_uI_gt            ? 
_reflns_shell.number_measured_gt          ? 
_reflns_shell.number_unique_gt            ? 
_reflns_shell.percent_possible_gt         ? 
_reflns_shell.Rmerge_F_gt                 ? 
_reflns_shell.Rmerge_I_gt                 ? 
_reflns_shell.pdbx_redundancy             ? 
_reflns_shell.pdbx_Rsym_value             ? 
_reflns_shell.pdbx_chi_squared            ? 
_reflns_shell.pdbx_netI_over_sigmaI_all   ? 
_reflns_shell.pdbx_netI_over_sigmaI_obs   ? 
_reflns_shell.pdbx_Rrim_I_all             ? 
_reflns_shell.pdbx_Rpim_I_all             ? 
_reflns_shell.pdbx_rejects                ? 
_reflns_shell.pdbx_ordinal                1 
_reflns_shell.pdbx_diffrn_id              1 
_reflns_shell.pdbx_CC_half                ? 
_reflns_shell.pdbx_R_split                ? 
# 
_refine.aniso_B[1][1]                            ? 
_refine.aniso_B[1][2]                            ? 
_refine.aniso_B[1][3]                            ? 
_refine.aniso_B[2][2]                            ? 
_refine.aniso_B[2][3]                            ? 
_refine.aniso_B[3][3]                            ? 
_refine.B_iso_max                                ? 
_refine.B_iso_mean                               ? 
_refine.B_iso_min                                ? 
_refine.correlation_coeff_Fo_to_Fc               ? 
_refine.correlation_coeff_Fo_to_Fc_free          ? 
_refine.details                                  ? 
_refine.diff_density_max                         ? 
_refine.diff_density_max_esd                     ? 
_refine.diff_density_min                         ? 
_refine.diff_density_min_esd                     ? 
_refine.diff_density_rms                         ? 
_refine.diff_density_rms_esd                     ? 
_refine.entry_id                                 5TRV 
_refine.pdbx_refine_id                           'X-RAY DIFFRACTION' 
_refine.ls_abs_structure_details                 ? 
_refine.ls_abs_structure_Flack                   ? 
_refine.ls_abs_structure_Flack_esd               ? 
_refine.ls_abs_structure_Rogers                  ? 
_refine.ls_abs_structure_Rogers_esd              ? 
_refine.ls_d_res_high                            2.910 
_refine.ls_d_res_low                             41.73 
_refine.ls_extinction_coef                       ? 
_refine.ls_extinction_coef_esd                   ? 
_refine.ls_extinction_expression                 ? 
_refine.ls_extinction_method                     ? 
_refine.ls_goodness_of_fit_all                   ? 
_refine.ls_goodness_of_fit_all_esd               ? 
_refine.ls_goodness_of_fit_obs                   ? 
_refine.ls_goodness_of_fit_obs_esd               ? 
_refine.ls_hydrogen_treatment                    ? 
_refine.ls_matrix_type                           ? 
_refine.ls_number_constraints                    ? 
_refine.ls_number_parameters                     ? 
_refine.ls_number_reflns_all                     ? 
_refine.ls_number_reflns_obs                     3316 
_refine.ls_number_reflns_R_free                  300 
_refine.ls_number_reflns_R_work                  ? 
_refine.ls_number_restraints                     ? 
_refine.ls_percent_reflns_obs                    95.95 
_refine.ls_percent_reflns_R_free                 9.05 
_refine.ls_R_factor_all                          ? 
_refine.ls_R_factor_obs                          0.2535 
_refine.ls_R_factor_R_free                       0.2971 
_refine.ls_R_factor_R_free_error                 ? 
_refine.ls_R_factor_R_free_error_details         ? 
_refine.ls_R_factor_R_work                       0.2494 
_refine.ls_R_Fsqd_factor_obs                     ? 
_refine.ls_R_I_factor_obs                        ? 
_refine.ls_redundancy_reflns_all                 ? 
_refine.ls_redundancy_reflns_obs                 ? 
_refine.ls_restrained_S_all                      ? 
_refine.ls_restrained_S_obs                      ? 
_refine.ls_shift_over_esd_max                    ? 
_refine.ls_shift_over_esd_mean                   ? 
_refine.ls_structure_factor_coef                 ? 
_refine.ls_weighting_details                     ? 
_refine.ls_weighting_scheme                      ? 
_refine.ls_wR_factor_all                         ? 
_refine.ls_wR_factor_obs                         ? 
_refine.ls_wR_factor_R_free                      ? 
_refine.ls_wR_factor_R_work                      ? 
_refine.occupancy_max                            ? 
_refine.occupancy_min                            ? 
_refine.solvent_model_details                    ? 
_refine.solvent_model_param_bsol                 ? 
_refine.solvent_model_param_ksol                 ? 
_refine.ls_R_factor_gt                           ? 
_refine.ls_goodness_of_fit_gt                    ? 
_refine.ls_goodness_of_fit_ref                   ? 
_refine.ls_shift_over_su_max                     ? 
_refine.ls_shift_over_su_max_lt                  ? 
_refine.ls_shift_over_su_mean                    ? 
_refine.ls_shift_over_su_mean_lt                 ? 
_refine.pdbx_ls_sigma_I                          ? 
_refine.pdbx_ls_sigma_F                          1.34 
_refine.pdbx_ls_sigma_Fsqd                       ? 
_refine.pdbx_data_cutoff_high_absF               ? 
_refine.pdbx_data_cutoff_high_rms_absF           ? 
_refine.pdbx_data_cutoff_low_absF                ? 
_refine.pdbx_isotropic_thermal_model             ? 
_refine.pdbx_ls_cross_valid_method               'FREE R-VALUE' 
_refine.pdbx_method_to_determine_struct          ? 
_refine.pdbx_starting_model                      ? 
_refine.pdbx_stereochemistry_target_values       ? 
_refine.pdbx_R_Free_selection_details            ? 
_refine.pdbx_stereochem_target_val_spec_case     ? 
_refine.pdbx_overall_ESU_R                       ? 
_refine.pdbx_overall_ESU_R_Free                  ? 
_refine.pdbx_solvent_vdw_probe_radii             1.11 
_refine.pdbx_solvent_ion_probe_radii             ? 
_refine.pdbx_solvent_shrinkage_radii             0.90 
_refine.pdbx_real_space_R                        ? 
_refine.pdbx_density_correlation                 ? 
_refine.pdbx_pd_number_of_powder_patterns        ? 
_refine.pdbx_pd_number_of_points                 ? 
_refine.pdbx_pd_meas_number_of_points            ? 
_refine.pdbx_pd_proc_ls_prof_R_factor            ? 
_refine.pdbx_pd_proc_ls_prof_wR_factor           ? 
_refine.pdbx_pd_Marquardt_correlation_coeff      ? 
_refine.pdbx_pd_Fsqrd_R_factor                   ? 
_refine.pdbx_pd_ls_matrix_band_width             ? 
_refine.pdbx_overall_phase_error                 33.52 
_refine.pdbx_overall_SU_R_free_Cruickshank_DPI   ? 
_refine.pdbx_overall_SU_R_free_Blow_DPI          ? 
_refine.pdbx_overall_SU_R_Blow_DPI               ? 
_refine.pdbx_TLS_residual_ADP_flag               ? 
_refine.pdbx_diffrn_id                           1 
_refine.overall_SU_B                             ? 
_refine.overall_SU_ML                            0.38 
_refine.overall_SU_R_Cruickshank_DPI             ? 
_refine.overall_SU_R_free                        ? 
_refine.overall_FOM_free_R_set                   ? 
_refine.overall_FOM_work_R_set                   ? 
_refine.pdbx_average_fsc_overall                 ? 
_refine.pdbx_average_fsc_work                    ? 
_refine.pdbx_average_fsc_free                    ? 
# 
_refine_hist.pdbx_refine_id                   'X-RAY DIFFRACTION' 
_refine_hist.cycle_id                         LAST 
_refine_hist.pdbx_number_atoms_protein        910 
_refine_hist.pdbx_number_atoms_nucleic_acid   0 
_refine_hist.pdbx_number_atoms_ligand         7 
_refine_hist.number_atoms_solvent             2 
_refine_hist.number_atoms_total               919 
_refine_hist.d_res_high                       2.910 
_refine_hist.d_res_low                        41.73 
# 
loop_
_refine_ls_restr.pdbx_refine_id 
_refine_ls_restr.criterion 
_refine_ls_restr.dev_ideal 
_refine_ls_restr.dev_ideal_target 
_refine_ls_restr.number 
_refine_ls_restr.rejects 
_refine_ls_restr.type 
_refine_ls_restr.weight 
_refine_ls_restr.pdbx_restraint_function 
'X-RAY DIFFRACTION' ? 0.002  ? 928  ? f_bond_d           ? ? 
'X-RAY DIFFRACTION' ? 0.521  ? 1247 ? f_angle_d          ? ? 
'X-RAY DIFFRACTION' ? 13.829 ? 348  ? f_dihedral_angle_d ? ? 
'X-RAY DIFFRACTION' ? 0.021  ? 142  ? f_chiral_restr     ? ? 
'X-RAY DIFFRACTION' ? 0.002  ? 163  ? f_plane_restr      ? ? 
# 
loop_
_refine_ls_shell.pdbx_refine_id 
_refine_ls_shell.d_res_high 
_refine_ls_shell.d_res_low 
_refine_ls_shell.number_reflns_all 
_refine_ls_shell.number_reflns_obs 
_refine_ls_shell.number_reflns_R_free 
_refine_ls_shell.number_reflns_R_work 
_refine_ls_shell.percent_reflns_obs 
_refine_ls_shell.percent_reflns_R_free 
_refine_ls_shell.R_factor_all 
_refine_ls_shell.R_factor_obs 
_refine_ls_shell.R_factor_R_free 
_refine_ls_shell.R_factor_R_free_error 
_refine_ls_shell.R_factor_R_work 
_refine_ls_shell.redundancy_reflns_all 
_refine_ls_shell.redundancy_reflns_obs 
_refine_ls_shell.wR_factor_all 
_refine_ls_shell.wR_factor_obs 
_refine_ls_shell.wR_factor_R_free 
_refine_ls_shell.wR_factor_R_work 
_refine_ls_shell.pdbx_total_number_of_bins_used 
_refine_ls_shell.pdbx_phase_error 
_refine_ls_shell.pdbx_fsc_work 
_refine_ls_shell.pdbx_fsc_free 
'X-RAY DIFFRACTION' 2.9101 3.6661  . . 141 1501 98.00 . . . 0.2979 . 0.2862 . . . . . . . . . . 
'X-RAY DIFFRACTION' 3.6661 41.7371 . . 159 1515 94.00 . . . 0.2968 . 0.2354 . . . . . . . . . . 
# 
_struct.entry_id                     5TRV 
_struct.title                        'Crystal structure of a de novo designed protein with curved beta-sheet' 
_struct.pdbx_model_details           ? 
_struct.pdbx_formula_weight          ? 
_struct.pdbx_formula_weight_method   ? 
_struct.pdbx_model_type_details      ? 
_struct.pdbx_CASP_flag               N 
# 
_struct_keywords.entry_id        5TRV 
_struct_keywords.text            'de novo NTF2, DE NOVO PROTEIN' 
_struct_keywords.pdbx_keywords   'DE NOVO PROTEIN' 
# 
loop_
_struct_asym.id 
_struct_asym.pdbx_blank_PDB_chainid_flag 
_struct_asym.pdbx_modified 
_struct_asym.entity_id 
_struct_asym.details 
A N N 1 ? 
B N N 2 ? 
C N N 3 ? 
# 
_struct_ref.id                         1 
_struct_ref.db_name                    PDB 
_struct_ref.db_code                    5TRV 
_struct_ref.pdbx_db_accession          5TRV 
_struct_ref.pdbx_db_isoform            ? 
_struct_ref.entity_id                  1 
_struct_ref.pdbx_seq_one_letter_code   ? 
_struct_ref.pdbx_align_begin           1 
# 
_struct_ref_seq.align_id                      1 
_struct_ref_seq.ref_id                        1 
_struct_ref_seq.pdbx_PDB_id_code              5TRV 
_struct_ref_seq.pdbx_strand_id                A 
_struct_ref_seq.seq_align_beg                 1 
_struct_ref_seq.pdbx_seq_align_beg_ins_code   ? 
_struct_ref_seq.seq_align_end                 125 
_struct_ref_seq.pdbx_seq_align_end_ins_code   ? 
_struct_ref_seq.pdbx_db_accession             5TRV 
_struct_ref_seq.db_align_beg                  -3 
_struct_ref_seq.pdbx_db_align_beg_ins_code    ? 
_struct_ref_seq.db_align_end                  121 
_struct_ref_seq.pdbx_db_align_end_ins_code    ? 
_struct_ref_seq.pdbx_auth_seq_align_beg       -3 
_struct_ref_seq.pdbx_auth_seq_align_end       121 
# 
_pdbx_struct_assembly.id                   1 
_pdbx_struct_assembly.details              author_and_software_defined_assembly 
_pdbx_struct_assembly.method_details       PISA 
_pdbx_struct_assembly.oligomeric_details   monomeric 
_pdbx_struct_assembly.oligomeric_count     1 
# 
_pdbx_struct_assembly_gen.assembly_id       1 
_pdbx_struct_assembly_gen.oper_expression   1 
_pdbx_struct_assembly_gen.asym_id_list      A,B,C 
# 
_pdbx_struct_oper_list.id                   1 
_pdbx_struct_oper_list.type                 'identity operation' 
_pdbx_struct_oper_list.name                 1_555 
_pdbx_struct_oper_list.symmetry_operation   x,y,z 
_pdbx_struct_oper_list.matrix[1][1]         1.0000000000 
_pdbx_struct_oper_list.matrix[1][2]         0.0000000000 
_pdbx_struct_oper_list.matrix[1][3]         0.0000000000 
_pdbx_struct_oper_list.vector[1]            0.0000000000 
_pdbx_struct_oper_list.matrix[2][1]         0.0000000000 
_pdbx_struct_oper_list.matrix[2][2]         1.0000000000 
_pdbx_struct_oper_list.matrix[2][3]         0.0000000000 
_pdbx_struct_oper_list.vector[2]            0.0000000000 
_pdbx_struct_oper_list.matrix[3][1]         0.0000000000 
_pdbx_struct_oper_list.matrix[3][2]         0.0000000000 
_pdbx_struct_oper_list.matrix[3][3]         1.0000000000 
_pdbx_struct_oper_list.vector[3]            0.0000000000 
# 
loop_
_struct_conf.conf_type_id 
_struct_conf.id 
_struct_conf.pdbx_PDB_helix_id 
_struct_conf.beg_label_comp_id 
_struct_conf.beg_label_asym_id 
_struct_conf.beg_label_seq_id 
_struct_conf.pdbx_beg_PDB_ins_code 
_struct_conf.end_label_comp_id 
_struct_conf.end_label_asym_id 
_struct_conf.end_label_seq_id 
_struct_conf.pdbx_end_PDB_ins_code 
_struct_conf.beg_auth_comp_id 
_struct_conf.beg_auth_asym_id 
_struct_conf.beg_auth_seq_id 
_struct_conf.end_auth_comp_id 
_struct_conf.end_auth_asym_id 
_struct_conf.end_auth_seq_id 
_struct_conf.pdbx_PDB_helix_class 
_struct_conf.details 
_struct_conf.pdbx_PDB_helix_length 
HELX_P HELX_P1 AA1 THR A 5   ? GLY A 23  ? THR A 1   GLY A 19  1 ? 19 
HELX_P HELX_P2 AA2 ASN A 24  ? LEU A 31  ? ASN A 20  LEU A 27  1 ? 8  
HELX_P HELX_P3 AA3 GLY A 47  ? VAL A 62  ? GLY A 43  VAL A 58  1 ? 16 
HELX_P HELX_P4 AA4 PRO A 112 ? LYS A 115 ? PRO A 108 LYS A 111 5 ? 4  
HELX_P HELX_P5 AA5 LYS A 116 ? ILE A 121 ? LYS A 112 ILE A 117 5 ? 6  
# 
_struct_conf_type.id          HELX_P 
_struct_conf_type.criteria    ? 
_struct_conf_type.reference   ? 
# 
_struct_sheet.id               AA1 
_struct_sheet.type             ? 
_struct_sheet.number_strands   6 
_struct_sheet.details          ? 
# 
loop_
_struct_sheet_order.sheet_id 
_struct_sheet_order.range_id_1 
_struct_sheet_order.range_id_2 
_struct_sheet_order.offset 
_struct_sheet_order.sense 
AA1 1 2 ? anti-parallel 
AA1 2 3 ? parallel      
AA1 3 4 ? anti-parallel 
AA1 4 5 ? anti-parallel 
AA1 5 6 ? anti-parallel 
# 
loop_
_struct_sheet_range.sheet_id 
_struct_sheet_range.id 
_struct_sheet_range.beg_label_comp_id 
_struct_sheet_range.beg_label_asym_id 
_struct_sheet_range.beg_label_seq_id 
_struct_sheet_range.pdbx_beg_PDB_ins_code 
_struct_sheet_range.end_label_comp_id 
_struct_sheet_range.end_label_asym_id 
_struct_sheet_range.end_label_seq_id 
_struct_sheet_range.pdbx_end_PDB_ins_code 
_struct_sheet_range.beg_auth_comp_id 
_struct_sheet_range.beg_auth_asym_id 
_struct_sheet_range.beg_auth_seq_id 
_struct_sheet_range.end_auth_comp_id 
_struct_sheet_range.end_auth_asym_id 
_struct_sheet_range.end_auth_seq_id 
AA1 1 GLN A 43  ? SER A 46  ? GLN A 39 SER A 42  
AA1 2 LEU A 32  ? VAL A 40  ? LEU A 28 VAL A 36  
AA1 3 LYS A 102 ? ILE A 110 ? LYS A 98 ILE A 106 
AA1 4 ARG A 89  ? GLU A 99  ? ARG A 85 GLU A 95  
AA1 5 ARG A 76  ? GLU A 84  ? ARG A 72 GLU A 80  
AA1 6 VAL A 65  ? ASP A 73  ? VAL A 61 ASP A 69  
# 
loop_
_pdbx_struct_sheet_hbond.sheet_id 
_pdbx_struct_sheet_hbond.range_id_1 
_pdbx_struct_sheet_hbond.range_id_2 
_pdbx_struct_sheet_hbond.range_1_label_atom_id 
_pdbx_struct_sheet_hbond.range_1_label_comp_id 
_pdbx_struct_sheet_hbond.range_1_label_asym_id 
_pdbx_struct_sheet_hbond.range_1_label_seq_id 
_pdbx_struct_sheet_hbond.range_1_PDB_ins_code 
_pdbx_struct_sheet_hbond.range_1_auth_atom_id 
_pdbx_struct_sheet_hbond.range_1_auth_comp_id 
_pdbx_struct_sheet_hbond.range_1_auth_asym_id 
_pdbx_struct_sheet_hbond.range_1_auth_seq_id 
_pdbx_struct_sheet_hbond.range_2_label_atom_id 
_pdbx_struct_sheet_hbond.range_2_label_comp_id 
_pdbx_struct_sheet_hbond.range_2_label_asym_id 
_pdbx_struct_sheet_hbond.range_2_label_seq_id 
_pdbx_struct_sheet_hbond.range_2_PDB_ins_code 
_pdbx_struct_sheet_hbond.range_2_auth_atom_id 
_pdbx_struct_sheet_hbond.range_2_auth_comp_id 
_pdbx_struct_sheet_hbond.range_2_auth_asym_id 
_pdbx_struct_sheet_hbond.range_2_auth_seq_id 
AA1 1 2 O PHE A 45  ? O PHE A 41  N VAL A 38  ? N VAL A 34  
AA1 2 3 N LYS A 39  ? N LYS A 35  O VAL A 106 ? O VAL A 102 
AA1 3 4 O GLU A 107 ? O GLU A 103 N HIS A 95  ? N HIS A 91  
AA1 4 5 O PHE A 96  ? O PHE A 92  N VAL A 77  ? N VAL A 73  
AA1 5 6 O GLU A 82  ? O GLU A 78  N GLU A 66  ? N GLU A 62  
# 
_struct_site.id                   AC1 
_struct_site.pdbx_evidence_code   Software 
_struct_site.pdbx_auth_asym_id    A 
_struct_site.pdbx_auth_comp_id    PEG 
_struct_site.pdbx_auth_seq_id     201 
_struct_site.pdbx_auth_ins_code   ? 
_struct_site.pdbx_num_residues    5 
_struct_site.details              'binding site for residue PEG A 201' 
# 
loop_
_struct_site_gen.id 
_struct_site_gen.site_id 
_struct_site_gen.pdbx_num_res 
_struct_site_gen.label_comp_id 
_struct_site_gen.label_asym_id 
_struct_site_gen.label_seq_id 
_struct_site_gen.pdbx_auth_ins_code 
_struct_site_gen.auth_comp_id 
_struct_site_gen.auth_asym_id 
_struct_site_gen.auth_seq_id 
_struct_site_gen.label_atom_id 
_struct_site_gen.label_alt_id 
_struct_site_gen.symmetry 
_struct_site_gen.details 
1 AC1 5 GLN A 43  ? GLN A 39  . ? 1_555 ? 
2 AC1 5 PHE A 45  ? PHE A 41  . ? 1_555 ? 
3 AC1 5 MET A 54  ? MET A 50  . ? 1_555 ? 
4 AC1 5 MET A 118 ? MET A 114 . ? 1_555 ? 
5 AC1 5 ILE A 121 ? ILE A 117 . ? 1_555 ? 
# 
loop_
_pdbx_validate_torsion.id 
_pdbx_validate_torsion.PDB_model_num 
_pdbx_validate_torsion.auth_comp_id 
_pdbx_validate_torsion.auth_asym_id 
_pdbx_validate_torsion.auth_seq_id 
_pdbx_validate_torsion.PDB_ins_code 
_pdbx_validate_torsion.label_alt_id 
_pdbx_validate_torsion.phi 
_pdbx_validate_torsion.psi 
1 1 GLU A 70  ? ? 55.30  -119.94 
2 1 GLN A 116 ? ? -85.57 34.30   
# 
loop_
_pdbx_unobs_or_zero_occ_residues.id 
_pdbx_unobs_or_zero_occ_residues.PDB_model_num 
_pdbx_unobs_or_zero_occ_residues.polymer_flag 
_pdbx_unobs_or_zero_occ_residues.occupancy_flag 
_pdbx_unobs_or_zero_occ_residues.auth_asym_id 
_pdbx_unobs_or_zero_occ_residues.auth_comp_id 
_pdbx_unobs_or_zero_occ_residues.auth_seq_id 
_pdbx_unobs_or_zero_occ_residues.PDB_ins_code 
_pdbx_unobs_or_zero_occ_residues.label_asym_id 
_pdbx_unobs_or_zero_occ_residues.label_comp_id 
_pdbx_unobs_or_zero_occ_residues.label_seq_id 
1 1 Y 1 A GLY -3  ? A GLY 1   
2 1 Y 1 A SER -2  ? A SER 2   
3 1 Y 1 A HIS -1  ? A HIS 3   
4 1 Y 1 A LEU 118 ? A LEU 122 
5 1 Y 1 A ASN 119 ? A ASN 123 
6 1 Y 1 A TYR 120 ? A TYR 124 
7 1 Y 1 A GLY 121 ? A GLY 125 
# 
loop_
_chem_comp_atom.comp_id 
_chem_comp_atom.atom_id 
_chem_comp_atom.type_symbol 
_chem_comp_atom.pdbx_aromatic_flag 
_chem_comp_atom.pdbx_stereo_config 
_chem_comp_atom.pdbx_ordinal 
ALA N    N N N 1   
ALA CA   C N S 2   
ALA C    C N N 3   
ALA O    O N N 4   
ALA CB   C N N 5   
ALA OXT  O N N 6   
ALA H    H N N 7   
ALA H2   H N N 8   
ALA HA   H N N 9   
ALA HB1  H N N 10  
ALA HB2  H N N 11  
ALA HB3  H N N 12  
ALA HXT  H N N 13  
ARG N    N N N 14  
ARG CA   C N S 15  
ARG C    C N N 16  
ARG O    O N N 17  
ARG CB   C N N 18  
ARG CG   C N N 19  
ARG CD   C N N 20  
ARG NE   N N N 21  
ARG CZ   C N N 22  
ARG NH1  N N N 23  
ARG NH2  N N N 24  
ARG OXT  O N N 25  
ARG H    H N N 26  
ARG H2   H N N 27  
ARG HA   H N N 28  
ARG HB2  H N N 29  
ARG HB3  H N N 30  
ARG HG2  H N N 31  
ARG HG3  H N N 32  
ARG HD2  H N N 33  
ARG HD3  H N N 34  
ARG HE   H N N 35  
ARG HH11 H N N 36  
ARG HH12 H N N 37  
ARG HH21 H N N 38  
ARG HH22 H N N 39  
ARG HXT  H N N 40  
ASN N    N N N 41  
ASN CA   C N S 42  
ASN C    C N N 43  
ASN O    O N N 44  
ASN CB   C N N 45  
ASN CG   C N N 46  
ASN OD1  O N N 47  
ASN ND2  N N N 48  
ASN OXT  O N N 49  
ASN H    H N N 50  
ASN H2   H N N 51  
ASN HA   H N N 52  
ASN HB2  H N N 53  
ASN HB3  H N N 54  
ASN HD21 H N N 55  
ASN HD22 H N N 56  
ASN HXT  H N N 57  
ASP N    N N N 58  
ASP CA   C N S 59  
ASP C    C N N 60  
ASP O    O N N 61  
ASP CB   C N N 62  
ASP CG   C N N 63  
ASP OD1  O N N 64  
ASP OD2  O N N 65  
ASP OXT  O N N 66  
ASP H    H N N 67  
ASP H2   H N N 68  
ASP HA   H N N 69  
ASP HB2  H N N 70  
ASP HB3  H N N 71  
ASP HD2  H N N 72  
ASP HXT  H N N 73  
GLN N    N N N 74  
GLN CA   C N S 75  
GLN C    C N N 76  
GLN O    O N N 77  
GLN CB   C N N 78  
GLN CG   C N N 79  
GLN CD   C N N 80  
GLN OE1  O N N 81  
GLN NE2  N N N 82  
GLN OXT  O N N 83  
GLN H    H N N 84  
GLN H2   H N N 85  
GLN HA   H N N 86  
GLN HB2  H N N 87  
GLN HB3  H N N 88  
GLN HG2  H N N 89  
GLN HG3  H N N 90  
GLN HE21 H N N 91  
GLN HE22 H N N 92  
GLN HXT  H N N 93  
GLU N    N N N 94  
GLU CA   C N S 95  
GLU C    C N N 96  
GLU O    O N N 97  
GLU CB   C N N 98  
GLU CG   C N N 99  
GLU CD   C N N 100 
GLU OE1  O N N 101 
GLU OE2  O N N 102 
GLU OXT  O N N 103 
GLU H    H N N 104 
GLU H2   H N N 105 
GLU HA   H N N 106 
GLU HB2  H N N 107 
GLU HB3  H N N 108 
GLU HG2  H N N 109 
GLU HG3  H N N 110 
GLU HE2  H N N 111 
GLU HXT  H N N 112 
GLY N    N N N 113 
GLY CA   C N N 114 
GLY C    C N N 115 
GLY O    O N N 116 
GLY OXT  O N N 117 
GLY H    H N N 118 
GLY H2   H N N 119 
GLY HA2  H N N 120 
GLY HA3  H N N 121 
GLY HXT  H N N 122 
HIS N    N N N 123 
HIS CA   C N S 124 
HIS C    C N N 125 
HIS O    O N N 126 
HIS CB   C N N 127 
HIS CG   C Y N 128 
HIS ND1  N Y N 129 
HIS CD2  C Y N 130 
HIS CE1  C Y N 131 
HIS NE2  N Y N 132 
HIS OXT  O N N 133 
HIS H    H N N 134 
HIS H2   H N N 135 
HIS HA   H N N 136 
HIS HB2  H N N 137 
HIS HB3  H N N 138 
HIS HD1  H N N 139 
HIS HD2  H N N 140 
HIS HE1  H N N 141 
HIS HE2  H N N 142 
HIS HXT  H N N 143 
HOH O    O N N 144 
HOH H1   H N N 145 
HOH H2   H N N 146 
ILE N    N N N 147 
ILE CA   C N S 148 
ILE C    C N N 149 
ILE O    O N N 150 
ILE CB   C N S 151 
ILE CG1  C N N 152 
ILE CG2  C N N 153 
ILE CD1  C N N 154 
ILE OXT  O N N 155 
ILE H    H N N 156 
ILE H2   H N N 157 
ILE HA   H N N 158 
ILE HB   H N N 159 
ILE HG12 H N N 160 
ILE HG13 H N N 161 
ILE HG21 H N N 162 
ILE HG22 H N N 163 
ILE HG23 H N N 164 
ILE HD11 H N N 165 
ILE HD12 H N N 166 
ILE HD13 H N N 167 
ILE HXT  H N N 168 
LEU N    N N N 169 
LEU CA   C N S 170 
LEU C    C N N 171 
LEU O    O N N 172 
LEU CB   C N N 173 
LEU CG   C N N 174 
LEU CD1  C N N 175 
LEU CD2  C N N 176 
LEU OXT  O N N 177 
LEU H    H N N 178 
LEU H2   H N N 179 
LEU HA   H N N 180 
LEU HB2  H N N 181 
LEU HB3  H N N 182 
LEU HG   H N N 183 
LEU HD11 H N N 184 
LEU HD12 H N N 185 
LEU HD13 H N N 186 
LEU HD21 H N N 187 
LEU HD22 H N N 188 
LEU HD23 H N N 189 
LEU HXT  H N N 190 
LYS N    N N N 191 
LYS CA   C N S 192 
LYS C    C N N 193 
LYS O    O N N 194 
LYS CB   C N N 195 
LYS CG   C N N 196 
LYS CD   C N N 197 
LYS CE   C N N 198 
LYS NZ   N N N 199 
LYS OXT  O N N 200 
LYS H    H N N 201 
LYS H2   H N N 202 
LYS HA   H N N 203 
LYS HB2  H N N 204 
LYS HB3  H N N 205 
LYS HG2  H N N 206 
LYS HG3  H N N 207 
LYS HD2  H N N 208 
LYS HD3  H N N 209 
LYS HE2  H N N 210 
LYS HE3  H N N 211 
LYS HZ1  H N N 212 
LYS HZ2  H N N 213 
LYS HZ3  H N N 214 
LYS HXT  H N N 215 
MET N    N N N 216 
MET CA   C N S 217 
MET C    C N N 218 
MET O    O N N 219 
MET CB   C N N 220 
MET CG   C N N 221 
MET SD   S N N 222 
MET CE   C N N 223 
MET OXT  O N N 224 
MET H    H N N 225 
MET H2   H N N 226 
MET HA   H N N 227 
MET HB2  H N N 228 
MET HB3  H N N 229 
MET HG2  H N N 230 
MET HG3  H N N 231 
MET HE1  H N N 232 
MET HE2  H N N 233 
MET HE3  H N N 234 
MET HXT  H N N 235 
PEG C1   C N N 236 
PEG O1   O N N 237 
PEG C2   C N N 238 
PEG O2   O N N 239 
PEG C3   C N N 240 
PEG C4   C N N 241 
PEG O4   O N N 242 
PEG H11  H N N 243 
PEG H12  H N N 244 
PEG HO1  H N N 245 
PEG H21  H N N 246 
PEG H22  H N N 247 
PEG H31  H N N 248 
PEG H32  H N N 249 
PEG H41  H N N 250 
PEG H42  H N N 251 
PEG HO4  H N N 252 
PHE N    N N N 253 
PHE CA   C N S 254 
PHE C    C N N 255 
PHE O    O N N 256 
PHE CB   C N N 257 
PHE CG   C Y N 258 
PHE CD1  C Y N 259 
PHE CD2  C Y N 260 
PHE CE1  C Y N 261 
PHE CE2  C Y N 262 
PHE CZ   C Y N 263 
PHE OXT  O N N 264 
PHE H    H N N 265 
PHE H2   H N N 266 
PHE HA   H N N 267 
PHE HB2  H N N 268 
PHE HB3  H N N 269 
PHE HD1  H N N 270 
PHE HD2  H N N 271 
PHE HE1  H N N 272 
PHE HE2  H N N 273 
PHE HZ   H N N 274 
PHE HXT  H N N 275 
PRO N    N N N 276 
PRO CA   C N S 277 
PRO C    C N N 278 
PRO O    O N N 279 
PRO CB   C N N 280 
PRO CG   C N N 281 
PRO CD   C N N 282 
PRO OXT  O N N 283 
PRO H    H N N 284 
PRO HA   H N N 285 
PRO HB2  H N N 286 
PRO HB3  H N N 287 
PRO HG2  H N N 288 
PRO HG3  H N N 289 
PRO HD2  H N N 290 
PRO HD3  H N N 291 
PRO HXT  H N N 292 
SER N    N N N 293 
SER CA   C N S 294 
SER C    C N N 295 
SER O    O N N 296 
SER CB   C N N 297 
SER OG   O N N 298 
SER OXT  O N N 299 
SER H    H N N 300 
SER H2   H N N 301 
SER HA   H N N 302 
SER HB2  H N N 303 
SER HB3  H N N 304 
SER HG   H N N 305 
SER HXT  H N N 306 
THR N    N N N 307 
THR CA   C N S 308 
THR C    C N N 309 
THR O    O N N 310 
THR CB   C N R 311 
THR OG1  O N N 312 
THR CG2  C N N 313 
THR OXT  O N N 314 
THR H    H N N 315 
THR H2   H N N 316 
THR HA   H N N 317 
THR HB   H N N 318 
THR HG1  H N N 319 
THR HG21 H N N 320 
THR HG22 H N N 321 
THR HG23 H N N 322 
THR HXT  H N N 323 
TRP N    N N N 324 
TRP CA   C N S 325 
TRP C    C N N 326 
TRP O    O N N 327 
TRP CB   C N N 328 
TRP CG   C Y N 329 
TRP CD1  C Y N 330 
TRP CD2  C Y N 331 
TRP NE1  N Y N 332 
TRP CE2  C Y N 333 
TRP CE3  C Y N 334 
TRP CZ2  C Y N 335 
TRP CZ3  C Y N 336 
TRP CH2  C Y N 337 
TRP OXT  O N N 338 
TRP H    H N N 339 
TRP H2   H N N 340 
TRP HA   H N N 341 
TRP HB2  H N N 342 
TRP HB3  H N N 343 
TRP HD1  H N N 344 
TRP HE1  H N N 345 
TRP HE3  H N N 346 
TRP HZ2  H N N 347 
TRP HZ3  H N N 348 
TRP HH2  H N N 349 
TRP HXT  H N N 350 
TYR N    N N N 351 
TYR CA   C N S 352 
TYR C    C N N 353 
TYR O    O N N 354 
TYR CB   C N N 355 
TYR CG   C Y N 356 
TYR CD1  C Y N 357 
TYR CD2  C Y N 358 
TYR CE1  C Y N 359 
TYR CE2  C Y N 360 
TYR CZ   C Y N 361 
TYR OH   O N N 362 
TYR OXT  O N N 363 
TYR H    H N N 364 
TYR H2   H N N 365 
TYR HA   H N N 366 
TYR HB2  H N N 367 
TYR HB3  H N N 368 
TYR HD1  H N N 369 
TYR HD2  H N N 370 
TYR HE1  H N N 371 
TYR HE2  H N N 372 
TYR HH   H N N 373 
TYR HXT  H N N 374 
VAL N    N N N 375 
VAL CA   C N S 376 
VAL C    C N N 377 
VAL O    O N N 378 
VAL CB   C N N 379 
VAL CG1  C N N 380 
VAL CG2  C N N 381 
VAL OXT  O N N 382 
VAL H    H N N 383 
VAL H2   H N N 384 
VAL HA   H N N 385 
VAL HB   H N N 386 
VAL HG11 H N N 387 
VAL HG12 H N N 388 
VAL HG13 H N N 389 
VAL HG21 H N N 390 
VAL HG22 H N N 391 
VAL HG23 H N N 392 
VAL HXT  H N N 393 
# 
loop_
_chem_comp_bond.comp_id 
_chem_comp_bond.atom_id_1 
_chem_comp_bond.atom_id_2 
_chem_comp_bond.value_order 
_chem_comp_bond.pdbx_aromatic_flag 
_chem_comp_bond.pdbx_stereo_config 
_chem_comp_bond.pdbx_ordinal 
ALA N   CA   sing N N 1   
ALA N   H    sing N N 2   
ALA N   H2   sing N N 3   
ALA CA  C    sing N N 4   
ALA CA  CB   sing N N 5   
ALA CA  HA   sing N N 6   
ALA C   O    doub N N 7   
ALA C   OXT  sing N N 8   
ALA CB  HB1  sing N N 9   
ALA CB  HB2  sing N N 10  
ALA CB  HB3  sing N N 11  
ALA OXT HXT  sing N N 12  
ARG N   CA   sing N N 13  
ARG N   H    sing N N 14  
ARG N   H2   sing N N 15  
ARG CA  C    sing N N 16  
ARG CA  CB   sing N N 17  
ARG CA  HA   sing N N 18  
ARG C   O    doub N N 19  
ARG C   OXT  sing N N 20  
ARG CB  CG   sing N N 21  
ARG CB  HB2  sing N N 22  
ARG CB  HB3  sing N N 23  
ARG CG  CD   sing N N 24  
ARG CG  HG2  sing N N 25  
ARG CG  HG3  sing N N 26  
ARG CD  NE   sing N N 27  
ARG CD  HD2  sing N N 28  
ARG CD  HD3  sing N N 29  
ARG NE  CZ   sing N N 30  
ARG NE  HE   sing N N 31  
ARG CZ  NH1  sing N N 32  
ARG CZ  NH2  doub N N 33  
ARG NH1 HH11 sing N N 34  
ARG NH1 HH12 sing N N 35  
ARG NH2 HH21 sing N N 36  
ARG NH2 HH22 sing N N 37  
ARG OXT HXT  sing N N 38  
ASN N   CA   sing N N 39  
ASN N   H    sing N N 40  
ASN N   H2   sing N N 41  
ASN CA  C    sing N N 42  
ASN CA  CB   sing N N 43  
ASN CA  HA   sing N N 44  
ASN C   O    doub N N 45  
ASN C   OXT  sing N N 46  
ASN CB  CG   sing N N 47  
ASN CB  HB2  sing N N 48  
ASN CB  HB3  sing N N 49  
ASN CG  OD1  doub N N 50  
ASN CG  ND2  sing N N 51  
ASN ND2 HD21 sing N N 52  
ASN ND2 HD22 sing N N 53  
ASN OXT HXT  sing N N 54  
ASP N   CA   sing N N 55  
ASP N   H    sing N N 56  
ASP N   H2   sing N N 57  
ASP CA  C    sing N N 58  
ASP CA  CB   sing N N 59  
ASP CA  HA   sing N N 60  
ASP C   O    doub N N 61  
ASP C   OXT  sing N N 62  
ASP CB  CG   sing N N 63  
ASP CB  HB2  sing N N 64  
ASP CB  HB3  sing N N 65  
ASP CG  OD1  doub N N 66  
ASP CG  OD2  sing N N 67  
ASP OD2 HD2  sing N N 68  
ASP OXT HXT  sing N N 69  
GLN N   CA   sing N N 70  
GLN N   H    sing N N 71  
GLN N   H2   sing N N 72  
GLN CA  C    sing N N 73  
GLN CA  CB   sing N N 74  
GLN CA  HA   sing N N 75  
GLN C   O    doub N N 76  
GLN C   OXT  sing N N 77  
GLN CB  CG   sing N N 78  
GLN CB  HB2  sing N N 79  
GLN CB  HB3  sing N N 80  
GLN CG  CD   sing N N 81  
GLN CG  HG2  sing N N 82  
GLN CG  HG3  sing N N 83  
GLN CD  OE1  doub N N 84  
GLN CD  NE2  sing N N 85  
GLN NE2 HE21 sing N N 86  
GLN NE2 HE22 sing N N 87  
GLN OXT HXT  sing N N 88  
GLU N   CA   sing N N 89  
GLU N   H    sing N N 90  
GLU N   H2   sing N N 91  
GLU CA  C    sing N N 92  
GLU CA  CB   sing N N 93  
GLU CA  HA   sing N N 94  
GLU C   O    doub N N 95  
GLU C   OXT  sing N N 96  
GLU CB  CG   sing N N 97  
GLU CB  HB2  sing N N 98  
GLU CB  HB3  sing N N 99  
GLU CG  CD   sing N N 100 
GLU CG  HG2  sing N N 101 
GLU CG  HG3  sing N N 102 
GLU CD  OE1  doub N N 103 
GLU CD  OE2  sing N N 104 
GLU OE2 HE2  sing N N 105 
GLU OXT HXT  sing N N 106 
GLY N   CA   sing N N 107 
GLY N   H    sing N N 108 
GLY N   H2   sing N N 109 
GLY CA  C    sing N N 110 
GLY CA  HA2  sing N N 111 
GLY CA  HA3  sing N N 112 
GLY C   O    doub N N 113 
GLY C   OXT  sing N N 114 
GLY OXT HXT  sing N N 115 
HIS N   CA   sing N N 116 
HIS N   H    sing N N 117 
HIS N   H2   sing N N 118 
HIS CA  C    sing N N 119 
HIS CA  CB   sing N N 120 
HIS CA  HA   sing N N 121 
HIS C   O    doub N N 122 
HIS C   OXT  sing N N 123 
HIS CB  CG   sing N N 124 
HIS CB  HB2  sing N N 125 
HIS CB  HB3  sing N N 126 
HIS CG  ND1  sing Y N 127 
HIS CG  CD2  doub Y N 128 
HIS ND1 CE1  doub Y N 129 
HIS ND1 HD1  sing N N 130 
HIS CD2 NE2  sing Y N 131 
HIS CD2 HD2  sing N N 132 
HIS CE1 NE2  sing Y N 133 
HIS CE1 HE1  sing N N 134 
HIS NE2 HE2  sing N N 135 
HIS OXT HXT  sing N N 136 
HOH O   H1   sing N N 137 
HOH O   H2   sing N N 138 
ILE N   CA   sing N N 139 
ILE N   H    sing N N 140 
ILE N   H2   sing N N 141 
ILE CA  C    sing N N 142 
ILE CA  CB   sing N N 143 
ILE CA  HA   sing N N 144 
ILE C   O    doub N N 145 
ILE C   OXT  sing N N 146 
ILE CB  CG1  sing N N 147 
ILE CB  CG2  sing N N 148 
ILE CB  HB   sing N N 149 
ILE CG1 CD1  sing N N 150 
ILE CG1 HG12 sing N N 151 
ILE CG1 HG13 sing N N 152 
ILE CG2 HG21 sing N N 153 
ILE CG2 HG22 sing N N 154 
ILE CG2 HG23 sing N N 155 
ILE CD1 HD11 sing N N 156 
ILE CD1 HD12 sing N N 157 
ILE CD1 HD13 sing N N 158 
ILE OXT HXT  sing N N 159 
LEU N   CA   sing N N 160 
LEU N   H    sing N N 161 
LEU N   H2   sing N N 162 
LEU CA  C    sing N N 163 
LEU CA  CB   sing N N 164 
LEU CA  HA   sing N N 165 
LEU C   O    doub N N 166 
LEU C   OXT  sing N N 167 
LEU CB  CG   sing N N 168 
LEU CB  HB2  sing N N 169 
LEU CB  HB3  sing N N 170 
LEU CG  CD1  sing N N 171 
LEU CG  CD2  sing N N 172 
LEU CG  HG   sing N N 173 
LEU CD1 HD11 sing N N 174 
LEU CD1 HD12 sing N N 175 
LEU CD1 HD13 sing N N 176 
LEU CD2 HD21 sing N N 177 
LEU CD2 HD22 sing N N 178 
LEU CD2 HD23 sing N N 179 
LEU OXT HXT  sing N N 180 
LYS N   CA   sing N N 181 
LYS N   H    sing N N 182 
LYS N   H2   sing N N 183 
LYS CA  C    sing N N 184 
LYS CA  CB   sing N N 185 
LYS CA  HA   sing N N 186 
LYS C   O    doub N N 187 
LYS C   OXT  sing N N 188 
LYS CB  CG   sing N N 189 
LYS CB  HB2  sing N N 190 
LYS CB  HB3  sing N N 191 
LYS CG  CD   sing N N 192 
LYS CG  HG2  sing N N 193 
LYS CG  HG3  sing N N 194 
LYS CD  CE   sing N N 195 
LYS CD  HD2  sing N N 196 
LYS CD  HD3  sing N N 197 
LYS CE  NZ   sing N N 198 
LYS CE  HE2  sing N N 199 
LYS CE  HE3  sing N N 200 
LYS NZ  HZ1  sing N N 201 
LYS NZ  HZ2  sing N N 202 
LYS NZ  HZ3  sing N N 203 
LYS OXT HXT  sing N N 204 
MET N   CA   sing N N 205 
MET N   H    sing N N 206 
MET N   H2   sing N N 207 
MET CA  C    sing N N 208 
MET CA  CB   sing N N 209 
MET CA  HA   sing N N 210 
MET C   O    doub N N 211 
MET C   OXT  sing N N 212 
MET CB  CG   sing N N 213 
MET CB  HB2  sing N N 214 
MET CB  HB3  sing N N 215 
MET CG  SD   sing N N 216 
MET CG  HG2  sing N N 217 
MET CG  HG3  sing N N 218 
MET SD  CE   sing N N 219 
MET CE  HE1  sing N N 220 
MET CE  HE2  sing N N 221 
MET CE  HE3  sing N N 222 
MET OXT HXT  sing N N 223 
PEG C1  O1   sing N N 224 
PEG C1  C2   sing N N 225 
PEG C1  H11  sing N N 226 
PEG C1  H12  sing N N 227 
PEG O1  HO1  sing N N 228 
PEG C2  O2   sing N N 229 
PEG C2  H21  sing N N 230 
PEG C2  H22  sing N N 231 
PEG O2  C3   sing N N 232 
PEG C3  C4   sing N N 233 
PEG C3  H31  sing N N 234 
PEG C3  H32  sing N N 235 
PEG C4  O4   sing N N 236 
PEG C4  H41  sing N N 237 
PEG C4  H42  sing N N 238 
PEG O4  HO4  sing N N 239 
PHE N   CA   sing N N 240 
PHE N   H    sing N N 241 
PHE N   H2   sing N N 242 
PHE CA  C    sing N N 243 
PHE CA  CB   sing N N 244 
PHE CA  HA   sing N N 245 
PHE C   O    doub N N 246 
PHE C   OXT  sing N N 247 
PHE CB  CG   sing N N 248 
PHE CB  HB2  sing N N 249 
PHE CB  HB3  sing N N 250 
PHE CG  CD1  doub Y N 251 
PHE CG  CD2  sing Y N 252 
PHE CD1 CE1  sing Y N 253 
PHE CD1 HD1  sing N N 254 
PHE CD2 CE2  doub Y N 255 
PHE CD2 HD2  sing N N 256 
PHE CE1 CZ   doub Y N 257 
PHE CE1 HE1  sing N N 258 
PHE CE2 CZ   sing Y N 259 
PHE CE2 HE2  sing N N 260 
PHE CZ  HZ   sing N N 261 
PHE OXT HXT  sing N N 262 
PRO N   CA   sing N N 263 
PRO N   CD   sing N N 264 
PRO N   H    sing N N 265 
PRO CA  C    sing N N 266 
PRO CA  CB   sing N N 267 
PRO CA  HA   sing N N 268 
PRO C   O    doub N N 269 
PRO C   OXT  sing N N 270 
PRO CB  CG   sing N N 271 
PRO CB  HB2  sing N N 272 
PRO CB  HB3  sing N N 273 
PRO CG  CD   sing N N 274 
PRO CG  HG2  sing N N 275 
PRO CG  HG3  sing N N 276 
PRO CD  HD2  sing N N 277 
PRO CD  HD3  sing N N 278 
PRO OXT HXT  sing N N 279 
SER N   CA   sing N N 280 
SER N   H    sing N N 281 
SER N   H2   sing N N 282 
SER CA  C    sing N N 283 
SER CA  CB   sing N N 284 
SER CA  HA   sing N N 285 
SER C   O    doub N N 286 
SER C   OXT  sing N N 287 
SER CB  OG   sing N N 288 
SER CB  HB2  sing N N 289 
SER CB  HB3  sing N N 290 
SER OG  HG   sing N N 291 
SER OXT HXT  sing N N 292 
THR N   CA   sing N N 293 
THR N   H    sing N N 294 
THR N   H2   sing N N 295 
THR CA  C    sing N N 296 
THR CA  CB   sing N N 297 
THR CA  HA   sing N N 298 
THR C   O    doub N N 299 
THR C   OXT  sing N N 300 
THR CB  OG1  sing N N 301 
THR CB  CG2  sing N N 302 
THR CB  HB   sing N N 303 
THR OG1 HG1  sing N N 304 
THR CG2 HG21 sing N N 305 
THR CG2 HG22 sing N N 306 
THR CG2 HG23 sing N N 307 
THR OXT HXT  sing N N 308 
TRP N   CA   sing N N 309 
TRP N   H    sing N N 310 
TRP N   H2   sing N N 311 
TRP CA  C    sing N N 312 
TRP CA  CB   sing N N 313 
TRP CA  HA   sing N N 314 
TRP C   O    doub N N 315 
TRP C   OXT  sing N N 316 
TRP CB  CG   sing N N 317 
TRP CB  HB2  sing N N 318 
TRP CB  HB3  sing N N 319 
TRP CG  CD1  doub Y N 320 
TRP CG  CD2  sing Y N 321 
TRP CD1 NE1  sing Y N 322 
TRP CD1 HD1  sing N N 323 
TRP CD2 CE2  doub Y N 324 
TRP CD2 CE3  sing Y N 325 
TRP NE1 CE2  sing Y N 326 
TRP NE1 HE1  sing N N 327 
TRP CE2 CZ2  sing Y N 328 
TRP CE3 CZ3  doub Y N 329 
TRP CE3 HE3  sing N N 330 
TRP CZ2 CH2  doub Y N 331 
TRP CZ2 HZ2  sing N N 332 
TRP CZ3 CH2  sing Y N 333 
TRP CZ3 HZ3  sing N N 334 
TRP CH2 HH2  sing N N 335 
TRP OXT HXT  sing N N 336 
TYR N   CA   sing N N 337 
TYR N   H    sing N N 338 
TYR N   H2   sing N N 339 
TYR CA  C    sing N N 340 
TYR CA  CB   sing N N 341 
TYR CA  HA   sing N N 342 
TYR C   O    doub N N 343 
TYR C   OXT  sing N N 344 
TYR CB  CG   sing N N 345 
TYR CB  HB2  sing N N 346 
TYR CB  HB3  sing N N 347 
TYR CG  CD1  doub Y N 348 
TYR CG  CD2  sing Y N 349 
TYR CD1 CE1  sing Y N 350 
TYR CD1 HD1  sing N N 351 
TYR CD2 CE2  doub Y N 352 
TYR CD2 HD2  sing N N 353 
TYR CE1 CZ   doub Y N 354 
TYR CE1 HE1  sing N N 355 
TYR CE2 CZ   sing Y N 356 
TYR CE2 HE2  sing N N 357 
TYR CZ  OH   sing N N 358 
TYR OH  HH   sing N N 359 
TYR OXT HXT  sing N N 360 
VAL N   CA   sing N N 361 
VAL N   H    sing N N 362 
VAL N   H2   sing N N 363 
VAL CA  C    sing N N 364 
VAL CA  CB   sing N N 365 
VAL CA  HA   sing N N 366 
VAL C   O    doub N N 367 
VAL C   OXT  sing N N 368 
VAL CB  CG1  sing N N 369 
VAL CB  CG2  sing N N 370 
VAL CB  HB   sing N N 371 
VAL CG1 HG11 sing N N 372 
VAL CG1 HG12 sing N N 373 
VAL CG1 HG13 sing N N 374 
VAL CG2 HG21 sing N N 375 
VAL CG2 HG22 sing N N 376 
VAL CG2 HG23 sing N N 377 
VAL OXT HXT  sing N N 378 
# 
loop_
_pdbx_audit_support.funding_organization 
_pdbx_audit_support.country 
_pdbx_audit_support.grant_number 
_pdbx_audit_support.ordinal 
'Defense Threat Reduction Agency (DTRA)'    'United States' 'HDTRA 1-11-1-0041'                         1 
'European Commission'                       Spain           'FP7-PEOPLE-2011-IOF 298976'                2 
'European Commission'                       Austria         '332094 ASR-CompEnzDes FP7-PEOPLE-2012-IOF' 3 
'Department of Energy (DOE, United States)' 'United States' DE-AC02-05CH11231                           4 
# 
_atom_sites.entry_id                    5TRV 
_atom_sites.fract_transf_matrix[1][1]   -0.01277706 
_atom_sites.fract_transf_matrix[1][2]   0.00303804 
_atom_sites.fract_transf_matrix[1][3]   -0.00167771 
_atom_sites.fract_transf_matrix[2][1]   -0.00168905 
_atom_sites.fract_transf_matrix[2][2]   0.00014777 
_atom_sites.fract_transf_matrix[2][3]   0.01313099 
_atom_sites.fract_transf_matrix[3][1]   0.00457327 
_atom_sites.fract_transf_matrix[3][2]   0.01943783 
_atom_sites.fract_transf_matrix[3][3]   0.00036952 
_atom_sites.fract_transf_vector[1]      0.317579 
_atom_sites.fract_transf_vector[2]      1.001257 
_atom_sites.fract_transf_vector[3]      0.470584 
# 
loop_
_atom_type.symbol 
C 
N 
O 
S 
# 
loop_
_atom_site.group_PDB 
_atom_site.id 
_atom_site.type_symbol 
_atom_site.label_atom_id 
_atom_site.label_alt_id 
_atom_site.label_comp_id 
_atom_site.label_asym_id 
_atom_site.label_entity_id 
_atom_site.label_seq_id 
_atom_site.pdbx_PDB_ins_code 
_atom_site.Cartn_x 
_atom_site.Cartn_y 
_atom_site.Cartn_z 
_atom_site.occupancy 
_atom_site.B_iso_or_equiv 
_atom_site.pdbx_formal_charge 
_atom_site.auth_seq_id 
_atom_site.auth_comp_id 
_atom_site.auth_asym_id 
_atom_site.auth_atom_id 
_atom_site.pdbx_PDB_model_num 
ATOM   1   N N   . MET A 1 4   ? -6.046  3.698   -19.749 1.00 98.77  ? 0   MET A N   1 
ATOM   2   C CA  . MET A 1 4   ? -5.074  2.675   -19.381 1.00 94.55  ? 0   MET A CA  1 
ATOM   3   C C   . MET A 1 4   ? -5.640  1.272   -19.598 1.00 95.06  ? 0   MET A C   1 
ATOM   4   O O   . MET A 1 4   ? -6.788  0.992   -19.251 1.00 78.90  ? 0   MET A O   1 
ATOM   5   C CB  . MET A 1 4   ? -4.634  2.857   -17.926 1.00 81.56  ? 0   MET A CB  1 
ATOM   6   C CG  . MET A 1 4   ? -3.391  2.066   -17.550 1.00 86.90  ? 0   MET A CG  1 
ATOM   7   S SD  . MET A 1 4   ? -2.708  2.549   -15.950 1.00 78.59  ? 0   MET A SD  1 
ATOM   8   C CE  . MET A 1 4   ? -1.292  1.458   -15.843 1.00 55.15  ? 0   MET A CE  1 
ATOM   9   N N   . THR A 1 5   ? -4.818  0.399   -20.174 1.00 91.22  ? 1   THR A N   1 
ATOM   10  C CA  . THR A 1 5   ? -5.218  -0.969  -20.495 1.00 77.48  ? 1   THR A CA  1 
ATOM   11  C C   . THR A 1 5   ? -5.193  -1.865  -19.260 1.00 72.50  ? 1   THR A C   1 
ATOM   12  O O   . THR A 1 5   ? -4.276  -1.780  -18.444 1.00 69.96  ? 1   THR A O   1 
ATOM   13  C CB  . THR A 1 5   ? -4.299  -1.576  -21.577 1.00 80.19  ? 1   THR A CB  1 
ATOM   14  O OG1 . THR A 1 5   ? -4.303  -0.736  -22.738 1.00 108.29 ? 1   THR A OG1 1 
ATOM   15  C CG2 . THR A 1 5   ? -4.761  -2.972  -21.967 1.00 98.80  ? 1   THR A CG2 1 
ATOM   16  N N   . GLN A 1 6   ? -6.202  -2.723  -19.131 1.00 81.78  ? 2   GLN A N   1 
ATOM   17  C CA  . GLN A 1 6   ? -6.288  -3.664  -18.017 1.00 66.21  ? 2   GLN A CA  1 
ATOM   18  C C   . GLN A 1 6   ? -5.053  -4.555  -17.907 1.00 72.80  ? 2   GLN A C   1 
ATOM   19  O O   . GLN A 1 6   ? -4.650  -4.928  -16.806 1.00 70.37  ? 2   GLN A O   1 
ATOM   20  C CB  . GLN A 1 6   ? -7.542  -4.528  -18.155 1.00 61.47  ? 2   GLN A CB  1 
ATOM   21  C CG  . GLN A 1 6   ? -8.824  -3.795  -17.818 1.00 70.95  ? 2   GLN A CG  1 
ATOM   22  C CD  . GLN A 1 6   ? -8.882  -3.378  -16.363 1.00 66.64  ? 2   GLN A CD  1 
ATOM   23  O OE1 . GLN A 1 6   ? -8.860  -4.217  -15.463 1.00 71.14  ? 2   GLN A OE1 1 
ATOM   24  N NE2 . GLN A 1 6   ? -8.947  -2.076  -16.125 1.00 44.31  ? 2   GLN A NE2 1 
ATOM   25  N N   . GLU A 1 7   ? -4.455  -4.891  -19.046 1.00 55.22  ? 3   GLU A N   1 
ATOM   26  C CA  . GLU A 1 7   ? -3.226  -5.680  -19.055 1.00 72.04  ? 3   GLU A CA  1 
ATOM   27  C C   . GLU A 1 7   ? -2.098  -4.901  -18.385 1.00 59.35  ? 3   GLU A C   1 
ATOM   28  O O   . GLU A 1 7   ? -1.265  -5.472  -17.682 1.00 61.53  ? 3   GLU A O   1 
ATOM   29  C CB  . GLU A 1 7   ? -2.836  -6.066  -20.482 1.00 87.92  ? 3   GLU A CB  1 
ATOM   30  N N   . GLU A 1 8   ? -2.079  -3.592  -18.610 1.00 67.86  ? 4   GLU A N   1 
ATOM   31  C CA  . GLU A 1 8   ? -1.115  -2.721  -17.952 1.00 69.79  ? 4   GLU A CA  1 
ATOM   32  C C   . GLU A 1 8   ? -1.452  -2.591  -16.471 1.00 60.94  ? 4   GLU A C   1 
ATOM   33  O O   . GLU A 1 8   ? -0.567  -2.661  -15.619 1.00 57.41  ? 4   GLU A O   1 
ATOM   34  C CB  . GLU A 1 8   ? -1.090  -1.345  -18.617 1.00 80.41  ? 4   GLU A CB  1 
ATOM   35  C CG  . GLU A 1 8   ? -0.794  -1.383  -20.104 1.00 81.99  ? 4   GLU A CG  1 
ATOM   36  C CD  . GLU A 1 8   ? -0.980  -0.035  -20.765 1.00 95.55  ? 4   GLU A CD  1 
ATOM   37  O OE1 . GLU A 1 8   ? -1.652  0.833   -20.168 1.00 98.14  ? 4   GLU A OE1 1 
ATOM   38  O OE2 . GLU A 1 8   ? -0.453  0.160   -21.880 1.00 118.61 1 4   GLU A OE2 1 
ATOM   39  N N   . VAL A 1 9   ? -2.736  -2.409  -16.172 1.00 74.51  ? 5   VAL A N   1 
ATOM   40  C CA  . VAL A 1 9   ? -3.199  -2.293  -14.793 1.00 56.37  ? 5   VAL A CA  1 
ATOM   41  C C   . VAL A 1 9   ? -2.870  -3.559  -14.007 1.00 65.92  ? 5   VAL A C   1 
ATOM   42  O O   . VAL A 1 9   ? -2.471  -3.496  -12.844 1.00 68.23  ? 5   VAL A O   1 
ATOM   43  C CB  . VAL A 1 9   ? -4.718  -2.026  -14.724 1.00 41.34  ? 5   VAL A CB  1 
ATOM   44  C CG1 . VAL A 1 9   ? -5.192  -1.985  -13.279 1.00 36.96  ? 5   VAL A CG1 1 
ATOM   45  C CG2 . VAL A 1 9   ? -5.061  -0.726  -15.433 1.00 54.81  ? 5   VAL A CG2 1 
ATOM   46  N N   . ARG A 1 10  ? -3.027  -4.708  -14.657 1.00 53.78  ? 6   ARG A N   1 
ATOM   47  C CA  . ARG A 1 10  ? -2.688  -5.982  -14.039 1.00 54.18  ? 6   ARG A CA  1 
ATOM   48  C C   . ARG A 1 10  ? -1.181  -6.106  -13.844 1.00 54.54  ? 6   ARG A C   1 
ATOM   49  O O   . ARG A 1 10  ? -0.720  -6.753  -12.906 1.00 58.27  ? 6   ARG A O   1 
ATOM   50  C CB  . ARG A 1 10  ? -3.208  -7.147  -14.884 1.00 87.42  ? 6   ARG A CB  1 
ATOM   51  N N   . LYS A 1 11  ? -0.417  -5.479  -14.733 1.00 59.02  ? 7   LYS A N   1 
ATOM   52  C CA  . LYS A 1 11  ? 1.039   -5.532  -14.661 1.00 64.60  ? 7   LYS A CA  1 
ATOM   53  C C   . LYS A 1 11  ? 1.554   -4.769  -13.446 1.00 59.50  ? 7   LYS A C   1 
ATOM   54  O O   . LYS A 1 11  ? 2.436   -5.245  -12.731 1.00 60.38  ? 7   LYS A O   1 
ATOM   55  C CB  . LYS A 1 11  ? 1.662   -4.971  -15.940 1.00 66.76  ? 7   LYS A CB  1 
ATOM   56  N N   . ILE A 1 12  ? 0.999   -3.582  -13.218 1.00 55.24  ? 8   ILE A N   1 
ATOM   57  C CA  . ILE A 1 12  ? 1.356   -2.786  -12.051 1.00 52.61  ? 8   ILE A CA  1 
ATOM   58  C C   . ILE A 1 12  ? 0.973   -3.530  -10.777 1.00 52.12  ? 8   ILE A C   1 
ATOM   59  O O   . ILE A 1 12  ? 1.714   -3.524  -9.794  1.00 51.27  ? 8   ILE A O   1 
ATOM   60  C CB  . ILE A 1 12  ? 0.664   -1.405  -12.063 1.00 42.89  ? 8   ILE A CB  1 
ATOM   61  C CG1 . ILE A 1 12  ? 0.723   -0.781  -13.459 1.00 82.66  ? 8   ILE A CG1 1 
ATOM   62  C CG2 . ILE A 1 12  ? 1.294   -0.475  -11.032 1.00 47.82  ? 8   ILE A CG2 1 
ATOM   63  C CD1 . ILE A 1 12  ? 2.129   -0.515  -13.957 1.00 109.34 ? 8   ILE A CD1 1 
ATOM   64  N N   . MET A 1 13  ? -0.189  -4.177  -10.812 1.00 68.21  ? 9   MET A N   1 
ATOM   65  C CA  . MET A 1 13  ? -0.702  -4.920  -9.668  1.00 59.22  ? 9   MET A CA  1 
ATOM   66  C C   . MET A 1 13  ? 0.245   -6.040  -9.246  1.00 55.71  ? 9   MET A C   1 
ATOM   67  O O   . MET A 1 13  ? 0.438   -6.281  -8.056  1.00 57.16  ? 9   MET A O   1 
ATOM   68  C CB  . MET A 1 13  ? -2.085  -5.491  -9.991  1.00 45.58  ? 9   MET A CB  1 
ATOM   69  C CG  . MET A 1 13  ? -2.643  -6.422  -8.932  1.00 50.46  ? 9   MET A CG  1 
ATOM   70  S SD  . MET A 1 13  ? -2.327  -8.161  -9.294  1.00 83.55  ? 9   MET A SD  1 
ATOM   71  C CE  . MET A 1 13  ? -3.256  -8.356  -10.812 1.00 66.62  ? 9   MET A CE  1 
ATOM   72  N N   . GLU A 1 14  ? 0.832   -6.717  -10.227 1.00 48.50  ? 10  GLU A N   1 
ATOM   73  C CA  . GLU A 1 14  ? 1.781   -7.786  -9.948  1.00 52.07  ? 10  GLU A CA  1 
ATOM   74  C C   . GLU A 1 14  ? 3.036   -7.242  -9.277  1.00 59.83  ? 10  GLU A C   1 
ATOM   75  O O   . GLU A 1 14  ? 3.544   -7.834  -8.325  1.00 64.95  ? 10  GLU A O   1 
ATOM   76  C CB  . GLU A 1 14  ? 2.148   -8.527  -11.236 1.00 59.99  ? 10  GLU A CB  1 
ATOM   77  C CG  . GLU A 1 14  ? 0.990   -9.281  -11.874 1.00 72.58  ? 10  GLU A CG  1 
ATOM   78  C CD  . GLU A 1 14  ? 0.520   -10.459 -11.038 1.00 68.05  ? 10  GLU A CD  1 
ATOM   79  O OE1 . GLU A 1 14  ? 1.294   -10.933 -10.179 1.00 73.97  ? 10  GLU A OE1 1 
ATOM   80  O OE2 . GLU A 1 14  ? -0.627  -10.911 -11.241 1.00 56.72  1 10  GLU A OE2 1 
ATOM   81  N N   . LYS A 1 15  ? 3.528   -6.111  -9.773  1.00 73.64  ? 11  LYS A N   1 
ATOM   82  C CA  . LYS A 1 15  ? 4.708   -5.470  -9.200  1.00 69.07  ? 11  LYS A CA  1 
ATOM   83  C C   . LYS A 1 15  ? 4.437   -4.997  -7.778  1.00 64.59  ? 11  LYS A C   1 
ATOM   84  O O   . LYS A 1 15  ? 5.316   -5.054  -6.915  1.00 63.73  ? 11  LYS A O   1 
ATOM   85  C CB  . LYS A 1 15  ? 5.161   -4.294  -10.064 1.00 64.85  ? 11  LYS A CB  1 
ATOM   86  C CG  . LYS A 1 15  ? 5.517   -4.670  -11.491 1.00 78.37  ? 11  LYS A CG  1 
ATOM   87  C CD  . LYS A 1 15  ? 6.461   -3.650  -12.100 1.00 109.25 ? 11  LYS A CD  1 
ATOM   88  C CE  . LYS A 1 15  ? 7.769   -3.591  -11.323 1.00 129.77 ? 11  LYS A CE  1 
ATOM   89  N NZ  . LYS A 1 15  ? 8.720   -2.599  -11.896 1.00 123.89 1 11  LYS A NZ  1 
ATOM   90  N N   . LEU A 1 16  ? 3.217   -4.522  -7.547  1.00 69.61  ? 12  LEU A N   1 
ATOM   91  C CA  . LEU A 1 16  ? 2.782   -4.128  -6.214  1.00 64.47  ? 12  LEU A CA  1 
ATOM   92  C C   . LEU A 1 16  ? 2.801   -5.325  -5.270  1.00 65.14  ? 12  LEU A C   1 
ATOM   93  O O   . LEU A 1 16  ? 3.407   -5.268  -4.201  1.00 70.75  ? 12  LEU A O   1 
ATOM   94  C CB  . LEU A 1 16  ? 1.381   -3.515  -6.264  1.00 45.38  ? 12  LEU A CB  1 
ATOM   95  C CG  . LEU A 1 16  ? 1.250   -2.121  -6.879  1.00 40.09  ? 12  LEU A CG  1 
ATOM   96  C CD1 . LEU A 1 16  ? -0.206  -1.797  -7.177  1.00 40.33  ? 12  LEU A CD1 1 
ATOM   97  C CD2 . LEU A 1 16  ? 1.846   -1.080  -5.948  1.00 45.01  ? 12  LEU A CD2 1 
ATOM   98  N N   . LYS A 1 17  ? 2.143   -6.407  -5.680  1.00 56.62  ? 13  LYS A N   1 
ATOM   99  C CA  . LYS A 1 17  ? 2.107   -7.635  -4.891  1.00 56.39  ? 13  LYS A CA  1 
ATOM   100 C C   . LYS A 1 17  ? 3.516   -8.177  -4.682  1.00 72.40  ? 13  LYS A C   1 
ATOM   101 O O   . LYS A 1 17  ? 3.823   -8.756  -3.641  1.00 77.72  ? 13  LYS A O   1 
ATOM   102 C CB  . LYS A 1 17  ? 1.233   -8.692  -5.571  1.00 65.28  ? 13  LYS A CB  1 
ATOM   103 C CG  . LYS A 1 17  ? 0.982   -9.925  -4.717  1.00 76.14  ? 13  LYS A CG  1 
ATOM   104 C CD  . LYS A 1 17  ? 0.614   -11.131 -5.566  1.00 78.61  ? 13  LYS A CD  1 
ATOM   105 C CE  . LYS A 1 17  ? -0.590  -10.853 -6.449  1.00 87.74  ? 13  LYS A CE  1 
ATOM   106 N NZ  . LYS A 1 17  ? -0.927  -12.025 -7.306  1.00 119.29 1 13  LYS A NZ  1 
ATOM   107 N N   . LYS A 1 18  ? 4.371   -7.982  -5.682  1.00 66.47  ? 14  LYS A N   1 
ATOM   108 C CA  . LYS A 1 18  ? 5.765   -8.389  -5.588  1.00 82.65  ? 14  LYS A CA  1 
ATOM   109 C C   . LYS A 1 18  ? 6.502   -7.509  -4.587  1.00 86.19  ? 14  LYS A C   1 
ATOM   110 O O   . LYS A 1 18  ? 7.346   -7.986  -3.831  1.00 106.00 ? 14  LYS A O   1 
ATOM   111 C CB  . LYS A 1 18  ? 6.446   -8.321  -6.957  1.00 83.22  ? 14  LYS A CB  1 
ATOM   112 N N   . ALA A 1 19  ? 6.169   -6.223  -4.583  1.00 83.43  ? 15  ALA A N   1 
ATOM   113 C CA  . ALA A 1 19  ? 6.790   -5.269  -3.673  1.00 84.38  ? 15  ALA A CA  1 
ATOM   114 C C   . ALA A 1 19  ? 6.445   -5.583  -2.217  1.00 87.53  ? 15  ALA A C   1 
ATOM   115 O O   . ALA A 1 19  ? 7.302   -5.501  -1.338  1.00 102.19 ? 15  ALA A O   1 
ATOM   116 C CB  . ALA A 1 19  ? 6.368   -3.854  -4.025  1.00 78.23  ? 15  ALA A CB  1 
ATOM   117 N N   . PHE A 1 20  ? 5.188   -5.943  -1.971  1.00 98.23  ? 16  PHE A N   1 
ATOM   118 C CA  . PHE A 1 20  ? 4.751   -6.328  -0.632  1.00 84.75  ? 16  PHE A CA  1 
ATOM   119 C C   . PHE A 1 20  ? 5.405   -7.633  -0.190  1.00 112.99 ? 16  PHE A C   1 
ATOM   120 O O   . PHE A 1 20  ? 5.866   -7.754  0.943   1.00 136.22 ? 16  PHE A O   1 
ATOM   121 C CB  . PHE A 1 20  ? 3.227   -6.478  -0.573  1.00 73.75  ? 16  PHE A CB  1 
ATOM   122 C CG  . PHE A 1 20  ? 2.481   -5.175  -0.522  1.00 52.13  ? 16  PHE A CG  1 
ATOM   123 C CD1 . PHE A 1 20  ? 2.350   -4.482  0.670   1.00 47.54  ? 16  PHE A CD1 1 
ATOM   124 C CD2 . PHE A 1 20  ? 1.883   -4.658  -1.658  1.00 56.00  ? 16  PHE A CD2 1 
ATOM   125 C CE1 . PHE A 1 20  ? 1.654   -3.288  0.723   1.00 46.00  ? 16  PHE A CE1 1 
ATOM   126 C CE2 . PHE A 1 20  ? 1.185   -3.464  -1.613  1.00 42.21  ? 16  PHE A CE2 1 
ATOM   127 C CZ  . PHE A 1 20  ? 1.070   -2.778  -0.422  1.00 42.20  ? 16  PHE A CZ  1 
ATOM   128 N N   . LYS A 1 21  ? 5.435   -8.608  -1.095  1.00 95.61  ? 17  LYS A N   1 
ATOM   129 C CA  . LYS A 1 21  ? 5.960   -9.935  -0.787  1.00 111.30 ? 17  LYS A CA  1 
ATOM   130 C C   . LYS A 1 21  ? 7.450   -9.897  -0.458  1.00 105.94 ? 17  LYS A C   1 
ATOM   131 O O   . LYS A 1 21  ? 7.898   -10.524 0.502   1.00 102.94 ? 17  LYS A O   1 
ATOM   132 C CB  . LYS A 1 21  ? 5.707   -10.892 -1.954  1.00 116.48 ? 17  LYS A CB  1 
ATOM   133 N N   . GLN A 1 22  ? 8.210   -9.157  -1.258  1.00 112.40 ? 18  GLN A N   1 
ATOM   134 C CA  . GLN A 1 22  ? 9.647   -9.021  -1.044  1.00 117.71 ? 18  GLN A CA  1 
ATOM   135 C C   . GLN A 1 22  ? 9.952   -8.310  0.271   1.00 105.89 ? 18  GLN A C   1 
ATOM   136 O O   . GLN A 1 22  ? 10.961  -8.589  0.918   1.00 116.72 ? 18  GLN A O   1 
ATOM   137 C CB  . GLN A 1 22  ? 10.295  -8.264  -2.206  1.00 128.65 ? 18  GLN A CB  1 
ATOM   138 C CG  . GLN A 1 22  ? 10.330  -9.031  -3.518  1.00 129.08 ? 18  GLN A CG  1 
ATOM   139 C CD  . GLN A 1 22  ? 10.756  -8.162  -4.685  1.00 133.90 ? 18  GLN A CD  1 
ATOM   140 O OE1 . GLN A 1 22  ? 10.928  -6.951  -4.540  1.00 125.68 ? 18  GLN A OE1 1 
ATOM   141 N NE2 . GLN A 1 22  ? 10.928  -8.775  -5.850  1.00 129.21 ? 18  GLN A NE2 1 
ATOM   142 N N   . GLY A 1 23  ? 9.075   -7.392  0.662   1.00 105.38 ? 19  GLY A N   1 
ATOM   143 C CA  . GLY A 1 23  ? 9.276   -6.614  1.870   1.00 105.39 ? 19  GLY A CA  1 
ATOM   144 C C   . GLY A 1 23  ? 10.311  -5.528  1.657   1.00 110.55 ? 19  GLY A C   1 
ATOM   145 O O   . GLY A 1 23  ? 10.908  -5.028  2.611   1.00 109.67 ? 19  GLY A O   1 
ATOM   146 N N   . ASN A 1 24  ? 10.524  -5.166  0.395   1.00 107.30 ? 20  ASN A N   1 
ATOM   147 C CA  . ASN A 1 24  ? 11.501  -4.145  0.036   1.00 108.09 ? 20  ASN A CA  1 
ATOM   148 C C   . ASN A 1 24  ? 10.833  -2.829  -0.352  1.00 100.01 ? 20  ASN A C   1 
ATOM   149 O O   . ASN A 1 24  ? 10.029  -2.786  -1.284  1.00 98.85  ? 20  ASN A O   1 
ATOM   150 C CB  . ASN A 1 24  ? 12.391  -4.636  -1.106  1.00 112.99 ? 20  ASN A CB  1 
ATOM   151 N N   . PRO A 1 25  ? 11.166  -1.749  0.370   1.00 108.00 ? 21  PRO A N   1 
ATOM   152 C CA  . PRO A 1 25  ? 10.601  -0.413  0.135   1.00 102.00 ? 21  PRO A CA  1 
ATOM   153 C C   . PRO A 1 25  ? 10.972  0.177   -1.225  1.00 92.95  ? 21  PRO A C   1 
ATOM   154 O O   . PRO A 1 25  ? 10.210  0.976   -1.771  1.00 85.18  ? 21  PRO A O   1 
ATOM   155 C CB  . PRO A 1 25  ? 11.208  0.428   1.266   1.00 90.74  ? 21  PRO A CB  1 
ATOM   156 C CG  . PRO A 1 25  ? 11.600  -0.558  2.314   1.00 94.41  ? 21  PRO A CG  1 
ATOM   157 C CD  . PRO A 1 25  ? 12.033  -1.775  1.560   1.00 101.82 ? 21  PRO A CD  1 
ATOM   158 N N   . GLU A 1 26  ? 12.126  -0.215  -1.755  1.00 86.53  ? 22  GLU A N   1 
ATOM   159 C CA  . GLU A 1 26  ? 12.645  0.349   -2.998  1.00 93.52  ? 22  GLU A CA  1 
ATOM   160 C C   . GLU A 1 26  ? 11.710  0.125   -4.185  1.00 90.64  ? 22  GLU A C   1 
ATOM   161 O O   . GLU A 1 26  ? 11.571  0.993   -5.048  1.00 84.26  ? 22  GLU A O   1 
ATOM   162 C CB  . GLU A 1 26  ? 14.021  -0.243  -3.310  1.00 100.08 ? 22  GLU A CB  1 
ATOM   163 N N   . GLN A 1 27  ? 11.072  -1.039  -4.219  1.00 88.39  ? 23  GLN A N   1 
ATOM   164 C CA  . GLN A 1 27  ? 10.182  -1.395  -5.320  1.00 89.80  ? 23  GLN A CA  1 
ATOM   165 C C   . GLN A 1 27  ? 8.918   -0.541  -5.328  1.00 79.23  ? 23  GLN A C   1 
ATOM   166 O O   . GLN A 1 27  ? 8.375   -0.235  -6.388  1.00 75.49  ? 23  GLN A O   1 
ATOM   167 C CB  . GLN A 1 27  ? 9.811   -2.878  -5.246  1.00 101.17 ? 23  GLN A CB  1 
ATOM   168 N N   . ILE A 1 28  ? 8.459   -0.156  -4.142  1.00 92.73  ? 24  ILE A N   1 
ATOM   169 C CA  . ILE A 1 28  ? 7.217   0.596   -4.005  1.00 79.17  ? 24  ILE A CA  1 
ATOM   170 C C   . ILE A 1 28  ? 7.368   2.049   -4.446  1.00 63.50  ? 24  ILE A C   1 
ATOM   171 O O   . ILE A 1 28  ? 6.512   2.582   -5.152  1.00 66.97  ? 24  ILE A O   1 
ATOM   172 C CB  . ILE A 1 28  ? 6.708   0.572   -2.551  1.00 78.15  ? 24  ILE A CB  1 
ATOM   173 C CG1 . ILE A 1 28  ? 6.600   -0.869  -2.052  1.00 84.59  ? 24  ILE A CG1 1 
ATOM   174 C CG2 . ILE A 1 28  ? 5.368   1.281   -2.441  1.00 83.10  ? 24  ILE A CG2 1 
ATOM   175 C CD1 . ILE A 1 28  ? 6.011   -0.996  -0.668  1.00 85.52  ? 24  ILE A CD1 1 
ATOM   176 N N   . VAL A 1 29  ? 8.459   2.683   -4.029  1.00 59.55  ? 25  VAL A N   1 
ATOM   177 C CA  . VAL A 1 29  ? 8.696   4.090   -4.335  1.00 70.72  ? 25  VAL A CA  1 
ATOM   178 C C   . VAL A 1 29  ? 8.746   4.341   -5.840  1.00 56.53  ? 25  VAL A C   1 
ATOM   179 O O   . VAL A 1 29  ? 8.272   5.370   -6.322  1.00 67.01  ? 25  VAL A O   1 
ATOM   180 C CB  . VAL A 1 29  ? 10.009  4.593   -3.699  1.00 119.60 ? 25  VAL A CB  1 
ATOM   181 C CG1 . VAL A 1 29  ? 10.135  6.104   -3.856  1.00 119.38 ? 25  VAL A CG1 1 
ATOM   182 C CG2 . VAL A 1 29  ? 10.071  4.208   -2.232  1.00 118.28 ? 25  VAL A CG2 1 
ATOM   183 N N   . SER A 1 30  ? 9.317   3.395   -6.579  1.00 58.35  ? 26  SER A N   1 
ATOM   184 C CA  . SER A 1 30  ? 9.438   3.522   -8.026  1.00 61.13  ? 26  SER A CA  1 
ATOM   185 C C   . SER A 1 30  ? 8.069   3.513   -8.702  1.00 57.52  ? 26  SER A C   1 
ATOM   186 O O   . SER A 1 30  ? 7.901   4.067   -9.789  1.00 64.17  ? 26  SER A O   1 
ATOM   187 C CB  . SER A 1 30  ? 10.311  2.400   -8.590  1.00 94.68  ? 26  SER A CB  1 
ATOM   188 O OG  . SER A 1 30  ? 9.771   1.127   -8.278  1.00 99.54  ? 26  SER A OG  1 
ATOM   189 N N   . LEU A 1 31  ? 7.096   2.888   -8.045  1.00 67.62  ? 27  LEU A N   1 
ATOM   190 C CA  . LEU A 1 31  ? 5.747   2.755   -8.590  1.00 65.22  ? 27  LEU A CA  1 
ATOM   191 C C   . LEU A 1 31  ? 4.900   3.994   -8.323  1.00 52.47  ? 27  LEU A C   1 
ATOM   192 O O   . LEU A 1 31  ? 3.918   4.253   -9.021  1.00 51.03  ? 27  LEU A O   1 
ATOM   193 C CB  . LEU A 1 31  ? 5.058   1.521   -8.002  1.00 66.26  ? 27  LEU A CB  1 
ATOM   194 C CG  . LEU A 1 31  ? 5.729   0.170   -8.252  1.00 79.09  ? 27  LEU A CG  1 
ATOM   195 C CD1 . LEU A 1 31  ? 5.208   -0.864  -7.273  1.00 81.84  ? 27  LEU A CD1 1 
ATOM   196 C CD2 . LEU A 1 31  ? 5.496   -0.282  -9.683  1.00 88.95  ? 27  LEU A CD2 1 
ATOM   197 N N   . LEU A 1 32  ? 5.283   4.753   -7.303  1.00 46.30  ? 28  LEU A N   1 
ATOM   198 C CA  . LEU A 1 32  ? 4.513   5.916   -6.882  1.00 47.29  ? 28  LEU A CA  1 
ATOM   199 C C   . LEU A 1 32  ? 4.726   7.124   -7.781  1.00 48.64  ? 28  LEU A C   1 
ATOM   200 O O   . LEU A 1 32  ? 5.838   7.387   -8.240  1.00 60.14  ? 28  LEU A O   1 
ATOM   201 C CB  . LEU A 1 32  ? 4.862   6.293   -5.443  1.00 51.38  ? 28  LEU A CB  1 
ATOM   202 C CG  . LEU A 1 32  ? 4.551   5.252   -4.372  1.00 46.78  ? 28  LEU A CG  1 
ATOM   203 C CD1 . LEU A 1 32  ? 4.918   5.789   -3.000  1.00 55.20  ? 28  LEU A CD1 1 
ATOM   204 C CD2 . LEU A 1 32  ? 3.085   4.854   -4.427  1.00 59.94  ? 28  LEU A CD2 1 
ATOM   205 N N   . SER A 1 33  ? 3.645   7.857   -8.019  1.00 40.62  ? 29  SER A N   1 
ATOM   206 C CA  . SER A 1 33  ? 3.706   9.137   -8.706  1.00 35.65  ? 29  SER A CA  1 
ATOM   207 C C   . SER A 1 33  ? 4.402   10.164  -7.817  1.00 50.47  ? 29  SER A C   1 
ATOM   208 O O   . SER A 1 33  ? 4.309   10.086  -6.593  1.00 50.39  ? 29  SER A O   1 
ATOM   209 C CB  . SER A 1 33  ? 2.294   9.606   -9.071  1.00 37.86  ? 29  SER A CB  1 
ATOM   210 O OG  . SER A 1 33  ? 2.314   10.869  -9.708  1.00 49.52  ? 29  SER A OG  1 
ATOM   211 N N   . PRO A 1 34  ? 5.116   11.123  -8.427  1.00 48.25  ? 30  PRO A N   1 
ATOM   212 C CA  . PRO A 1 34  ? 5.753   12.205  -7.667  1.00 41.59  ? 30  PRO A CA  1 
ATOM   213 C C   . PRO A 1 34  ? 4.754   12.969  -6.800  1.00 50.15  ? 30  PRO A C   1 
ATOM   214 O O   . PRO A 1 34  ? 5.117   13.475  -5.738  1.00 58.45  ? 30  PRO A O   1 
ATOM   215 C CB  . PRO A 1 34  ? 6.327   13.109  -8.760  1.00 41.76  ? 30  PRO A CB  1 
ATOM   216 C CG  . PRO A 1 34  ? 6.556   12.196  -9.912  1.00 56.61  ? 30  PRO A CG  1 
ATOM   217 C CD  . PRO A 1 34  ? 5.447   11.188  -9.862  1.00 58.42  ? 30  PRO A CD  1 
ATOM   218 N N   . ASP A 1 35  ? 3.507   13.040  -7.251  1.00 49.10  ? 31  ASP A N   1 
ATOM   219 C CA  . ASP A 1 35  ? 2.463   13.738  -6.514  1.00 42.29  ? 31  ASP A CA  1 
ATOM   220 C C   . ASP A 1 35  ? 1.361   12.787  -6.065  1.00 41.24  ? 31  ASP A C   1 
ATOM   221 O O   . ASP A 1 35  ? 0.174   13.105  -6.160  1.00 41.05  ? 31  ASP A O   1 
ATOM   222 C CB  . ASP A 1 35  ? 1.878   14.860  -7.370  1.00 51.52  ? 31  ASP A CB  1 
ATOM   223 C CG  . ASP A 1 35  ? 2.901   15.919  -7.708  1.00 68.95  ? 31  ASP A CG  1 
ATOM   224 O OD1 . ASP A 1 35  ? 3.786   16.175  -6.863  1.00 58.81  ? 31  ASP A OD1 1 
ATOM   225 O OD2 . ASP A 1 35  ? 2.828   16.492  -8.814  1.00 76.69  1 31  ASP A OD2 1 
ATOM   226 N N   . VAL A 1 36  ? 1.762   11.621  -5.568  1.00 46.21  ? 32  VAL A N   1 
ATOM   227 C CA  . VAL A 1 36  ? 0.813   10.623  -5.091  1.00 45.69  ? 32  VAL A CA  1 
ATOM   228 C C   . VAL A 1 36  ? 0.087   11.114  -3.840  1.00 34.55  ? 32  VAL A C   1 
ATOM   229 O O   . VAL A 1 36  ? 0.708   11.571  -2.881  1.00 39.53  ? 32  VAL A O   1 
ATOM   230 C CB  . VAL A 1 36  ? 1.511   9.272   -4.800  1.00 38.10  ? 32  VAL A CB  1 
ATOM   231 C CG1 . VAL A 1 36  ? 2.718   9.466   -3.891  1.00 38.16  ? 32  VAL A CG1 1 
ATOM   232 C CG2 . VAL A 1 36  ? 0.529   8.274   -4.201  1.00 38.79  ? 32  VAL A CG2 1 
ATOM   233 N N   . ARG A 1 37  ? -1.238  11.033  -3.869  1.00 36.13  ? 33  ARG A N   1 
ATOM   234 C CA  . ARG A 1 37  ? -2.058  11.452  -2.739  1.00 36.29  ? 33  ARG A CA  1 
ATOM   235 C C   . ARG A 1 37  ? -2.398  10.257  -1.856  1.00 38.18  ? 33  ARG A C   1 
ATOM   236 O O   . ARG A 1 37  ? -2.962  9.267   -2.324  1.00 41.32  ? 33  ARG A O   1 
ATOM   237 C CB  . ARG A 1 37  ? -3.332  12.144  -3.234  1.00 47.41  ? 33  ARG A CB  1 
ATOM   238 C CG  . ARG A 1 37  ? -3.095  13.551  -3.773  1.00 67.46  ? 33  ARG A CG  1 
ATOM   239 C CD  . ARG A 1 37  ? -4.014  13.875  -4.941  1.00 82.72  ? 33  ARG A CD  1 
ATOM   240 N NE  . ARG A 1 37  ? -5.417  13.616  -4.635  1.00 117.24 ? 33  ARG A NE  1 
ATOM   241 C CZ  . ARG A 1 37  ? -6.261  14.527  -4.160  1.00 146.58 ? 33  ARG A CZ  1 
ATOM   242 N NH1 . ARG A 1 37  ? -5.847  15.766  -3.931  1.00 156.22 1 33  ARG A NH1 1 
ATOM   243 N NH2 . ARG A 1 37  ? -7.522  14.197  -3.913  1.00 170.83 ? 33  ARG A NH2 1 
ATOM   244 N N   . VAL A 1 38  ? -2.040  10.347  -0.579  1.00 36.68  ? 34  VAL A N   1 
ATOM   245 C CA  . VAL A 1 38  ? -2.245  9.242   0.348   1.00 29.93  ? 34  VAL A CA  1 
ATOM   246 C C   . VAL A 1 38  ? -3.305  9.570   1.390   1.00 38.16  ? 34  VAL A C   1 
ATOM   247 O O   . VAL A 1 38  ? -3.225  10.591  2.073   1.00 47.77  ? 34  VAL A O   1 
ATOM   248 C CB  . VAL A 1 38  ? -0.939  8.863   1.068   1.00 41.96  ? 34  VAL A CB  1 
ATOM   249 C CG1 . VAL A 1 38  ? -1.163  7.663   1.975   1.00 42.34  ? 34  VAL A CG1 1 
ATOM   250 C CG2 . VAL A 1 38  ? 0.161   8.577   0.058   1.00 43.60  ? 34  VAL A CG2 1 
ATOM   251 N N   . LYS A 1 39  ? -4.296  8.692   1.510   1.00 44.54  ? 35  LYS A N   1 
ATOM   252 C CA  . LYS A 1 39  ? -5.371  8.881   2.474   1.00 36.71  ? 35  LYS A CA  1 
ATOM   253 C C   . LYS A 1 39  ? -5.401  7.759   3.503   1.00 36.51  ? 35  LYS A C   1 
ATOM   254 O O   . LYS A 1 39  ? -5.552  6.590   3.159   1.00 39.47  ? 35  LYS A O   1 
ATOM   255 C CB  . LYS A 1 39  ? -6.723  8.963   1.767   1.00 32.60  ? 35  LYS A CB  1 
ATOM   256 C CG  . LYS A 1 39  ? -7.885  9.192   2.717   1.00 40.65  ? 35  LYS A CG  1 
ATOM   257 C CD  . LYS A 1 39  ? -9.217  9.138   1.995   1.00 43.90  ? 35  LYS A CD  1 
ATOM   258 C CE  . LYS A 1 39  ? -10.363 9.462   2.942   1.00 55.70  ? 35  LYS A CE  1 
ATOM   259 N NZ  . LYS A 1 39  ? -10.421 8.519   4.097   1.00 75.28  1 35  LYS A NZ  1 
ATOM   260 N N   . VAL A 1 40  ? -5.253  8.124   4.770   1.00 40.00  ? 36  VAL A N   1 
ATOM   261 C CA  . VAL A 1 40  ? -5.342  7.154   5.849   1.00 34.38  ? 36  VAL A CA  1 
ATOM   262 C C   . VAL A 1 40  ? -6.386  7.624   6.854   1.00 44.40  ? 36  VAL A C   1 
ATOM   263 O O   . VAL A 1 40  ? -6.117  8.479   7.700   1.00 62.18  ? 36  VAL A O   1 
ATOM   264 C CB  . VAL A 1 40  ? -3.985  6.945   6.541   1.00 34.40  ? 36  VAL A CB  1 
ATOM   265 C CG1 . VAL A 1 40  ? -4.106  5.910   7.648   1.00 52.80  ? 36  VAL A CG1 1 
ATOM   266 C CG2 . VAL A 1 40  ? -2.936  6.512   5.527   1.00 59.27  ? 36  VAL A CG2 1 
ATOM   267 N N   . GLY A 1 41  ? -7.587  7.067   6.739   1.00 56.91  ? 37  GLY A N   1 
ATOM   268 C CA  . GLY A 1 41  ? -8.706  7.480   7.563   1.00 53.85  ? 37  GLY A CA  1 
ATOM   269 C C   . GLY A 1 41  ? -9.134  8.895   7.236   1.00 45.01  ? 37  GLY A C   1 
ATOM   270 O O   . GLY A 1 41  ? -9.449  9.213   6.089   1.00 51.02  ? 37  GLY A O   1 
ATOM   271 N N   . ASN A 1 42  ? -9.133  9.750   8.251   1.00 46.08  ? 38  ASN A N   1 
ATOM   272 C CA  . ASN A 1 42  ? -9.538  11.139  8.088   1.00 41.77  ? 38  ASN A CA  1 
ATOM   273 C C   . ASN A 1 42  ? -8.366  12.039  7.708   1.00 41.93  ? 38  ASN A C   1 
ATOM   274 O O   . ASN A 1 42  ? -8.526  13.244  7.519   1.00 59.60  ? 38  ASN A O   1 
ATOM   275 C CB  . ASN A 1 42  ? -10.189 11.647  9.373   1.00 61.92  ? 38  ASN A CB  1 
ATOM   276 C CG  . ASN A 1 42  ? -11.472 10.913  9.704   1.00 104.73 ? 38  ASN A CG  1 
ATOM   277 O OD1 . ASN A 1 42  ? -12.150 10.396  8.818   1.00 126.02 ? 38  ASN A OD1 1 
ATOM   278 N ND2 . ASN A 1 42  ? -11.814 10.865  10.986  1.00 119.01 ? 38  ASN A ND2 1 
ATOM   279 N N   . GLN A 1 43  ? -7.186  11.441  7.589   1.00 38.91  ? 39  GLN A N   1 
ATOM   280 C CA  . GLN A 1 43  ? -5.970  12.194  7.317   1.00 33.23  ? 39  GLN A CA  1 
ATOM   281 C C   . GLN A 1 43  ? -5.494  12.005  5.881   1.00 35.33  ? 39  GLN A C   1 
ATOM   282 O O   . GLN A 1 43  ? -5.439  10.885  5.376   1.00 46.28  ? 39  GLN A O   1 
ATOM   283 C CB  . GLN A 1 43  ? -4.873  11.777  8.296   1.00 38.81  ? 39  GLN A CB  1 
ATOM   284 C CG  . GLN A 1 43  ? -3.550  12.483  8.094   1.00 74.86  ? 39  GLN A CG  1 
ATOM   285 C CD  . GLN A 1 43  ? -2.579  12.205  9.221   1.00 86.18  ? 39  GLN A CD  1 
ATOM   286 O OE1 . GLN A 1 43  ? -2.986  11.875  10.335  1.00 67.16  ? 39  GLN A OE1 1 
ATOM   287 N NE2 . GLN A 1 43  ? -1.287  12.333  8.938   1.00 120.48 ? 39  GLN A NE2 1 
ATOM   288 N N   . GLU A 1 44  ? -5.155  13.112  5.226   1.00 42.58  ? 40  GLU A N   1 
ATOM   289 C CA  . GLU A 1 44  ? -4.653  13.073  3.860   1.00 34.07  ? 40  GLU A CA  1 
ATOM   290 C C   . GLU A 1 44  ? -3.349  13.840  3.714   1.00 31.08  ? 40  GLU A C   1 
ATOM   291 O O   . GLU A 1 44  ? -3.183  14.915  4.284   1.00 42.25  ? 40  GLU A O   1 
ATOM   292 C CB  . GLU A 1 44  ? -5.678  13.649  2.885   1.00 35.91  ? 40  GLU A CB  1 
ATOM   293 C CG  . GLU A 1 44  ? -6.963  12.864  2.778   1.00 51.91  ? 40  GLU A CG  1 
ATOM   294 C CD  . GLU A 1 44  ? -7.785  13.295  1.583   1.00 85.60  ? 40  GLU A CD  1 
ATOM   295 O OE1 . GLU A 1 44  ? -7.218  13.358  0.470   1.00 91.46  ? 40  GLU A OE1 1 
ATOM   296 O OE2 . GLU A 1 44  ? -8.988  13.579  1.754   1.00 104.09 1 40  GLU A OE2 1 
ATOM   297 N N   . PHE A 1 45  ? -2.428  13.280  2.940   1.00 28.66  ? 41  PHE A N   1 
ATOM   298 C CA  . PHE A 1 45  ? -1.197  13.974  2.596   1.00 29.24  ? 41  PHE A CA  1 
ATOM   299 C C   . PHE A 1 45  ? -0.750  13.561  1.200   1.00 32.54  ? 41  PHE A C   1 
ATOM   300 O O   . PHE A 1 45  ? -1.283  12.611  0.627   1.00 33.44  ? 41  PHE A O   1 
ATOM   301 C CB  . PHE A 1 45  ? -0.101  13.695  3.629   1.00 42.57  ? 41  PHE A CB  1 
ATOM   302 C CG  . PHE A 1 45  ? 0.318   12.256  3.708   1.00 52.49  ? 41  PHE A CG  1 
ATOM   303 C CD1 . PHE A 1 45  ? -0.320  11.382  4.570   1.00 68.19  ? 41  PHE A CD1 1 
ATOM   304 C CD2 . PHE A 1 45  ? 1.359   11.780  2.928   1.00 65.13  ? 41  PHE A CD2 1 
ATOM   305 C CE1 . PHE A 1 45  ? 0.067   10.058  4.648   1.00 79.54  ? 41  PHE A CE1 1 
ATOM   306 C CE2 . PHE A 1 45  ? 1.750   10.458  3.002   1.00 67.34  ? 41  PHE A CE2 1 
ATOM   307 C CZ  . PHE A 1 45  ? 1.104   9.596   3.864   1.00 71.48  ? 41  PHE A CZ  1 
ATOM   308 N N   . SER A 1 46  ? 0.224   14.279  0.654   1.00 41.79  ? 42  SER A N   1 
ATOM   309 C CA  . SER A 1 46  ? 0.662   14.031  -0.714  1.00 39.50  ? 42  SER A CA  1 
ATOM   310 C C   . SER A 1 46  ? 2.177   14.097  -0.854  1.00 40.15  ? 42  SER A C   1 
ATOM   311 O O   . SER A 1 46  ? 2.872   14.614  0.020   1.00 46.94  ? 42  SER A O   1 
ATOM   312 C CB  . SER A 1 46  ? 0.004   15.030  -1.668  1.00 37.72  ? 42  SER A CB  1 
ATOM   313 O OG  . SER A 1 46  ? 0.222   16.361  -1.234  1.00 51.37  ? 42  SER A OG  1 
ATOM   314 N N   . GLY A 1 47  ? 2.679   13.570  -1.968  1.00 42.70  ? 43  GLY A N   1 
ATOM   315 C CA  . GLY A 1 47  ? 4.103   13.560  -2.238  1.00 55.12  ? 43  GLY A CA  1 
ATOM   316 C C   . GLY A 1 47  ? 4.698   12.172  -2.121  1.00 49.82  ? 43  GLY A C   1 
ATOM   317 O O   . GLY A 1 47  ? 4.392   11.432  -1.187  1.00 49.16  ? 43  GLY A O   1 
ATOM   318 N N   . SER A 1 48  ? 5.553   11.817  -3.075  1.00 53.68  ? 44  SER A N   1 
ATOM   319 C CA  . SER A 1 48  ? 6.209   10.515  -3.072  1.00 55.06  ? 44  SER A CA  1 
ATOM   320 C C   . SER A 1 48  ? 7.211   10.420  -1.929  1.00 56.39  ? 44  SER A C   1 
ATOM   321 O O   . SER A 1 48  ? 7.424   9.346   -1.366  1.00 62.79  ? 44  SER A O   1 
ATOM   322 C CB  . SER A 1 48  ? 6.909   10.258  -4.408  1.00 56.71  ? 44  SER A CB  1 
ATOM   323 O OG  . SER A 1 48  ? 7.999   11.144  -4.591  1.00 76.31  ? 44  SER A OG  1 
ATOM   324 N N   . GLU A 1 49  ? 7.824   11.551  -1.590  1.00 56.69  ? 45  GLU A N   1 
ATOM   325 C CA  . GLU A 1 49  ? 8.793   11.600  -0.502  1.00 58.01  ? 45  GLU A CA  1 
ATOM   326 C C   . GLU A 1 49  ? 8.115   11.415  0.853   1.00 56.63  ? 45  GLU A C   1 
ATOM   327 O O   . GLU A 1 49  ? 8.587   10.650  1.694   1.00 60.66  ? 45  GLU A O   1 
ATOM   328 C CB  . GLU A 1 49  ? 9.562   12.923  -0.529  1.00 61.06  ? 45  GLU A CB  1 
ATOM   329 N N   . GLU A 1 50  ? 7.006   12.116  1.060   1.00 56.63  ? 46  GLU A N   1 
ATOM   330 C CA  . GLU A 1 50  ? 6.282   12.032  2.324   1.00 55.51  ? 46  GLU A CA  1 
ATOM   331 C C   . GLU A 1 50  ? 5.637   10.660  2.476   1.00 56.79  ? 46  GLU A C   1 
ATOM   332 O O   . GLU A 1 50  ? 5.496   10.149  3.588   1.00 67.54  ? 46  GLU A O   1 
ATOM   333 C CB  . GLU A 1 50  ? 5.228   13.137  2.417   1.00 57.79  ? 46  GLU A CB  1 
ATOM   334 C CG  . GLU A 1 50  ? 4.448   13.145  3.723   1.00 78.11  ? 46  GLU A CG  1 
ATOM   335 C CD  . GLU A 1 50  ? 5.345   13.056  4.941   1.00 104.70 ? 46  GLU A CD  1 
ATOM   336 O OE1 . GLU A 1 50  ? 6.102   14.017  5.196   1.00 88.83  ? 46  GLU A OE1 1 
ATOM   337 O OE2 . GLU A 1 50  ? 5.296   12.020  5.639   1.00 112.15 1 46  GLU A OE2 1 
ATOM   338 N N   . ALA A 1 51  ? 5.251   10.068  1.350   1.00 58.85  ? 47  ALA A N   1 
ATOM   339 C CA  . ALA A 1 51  ? 4.690   8.721   1.343   1.00 58.06  ? 47  ALA A CA  1 
ATOM   340 C C   . ALA A 1 51  ? 5.740   7.694   1.756   1.00 57.00  ? 47  ALA A C   1 
ATOM   341 O O   . ALA A 1 51  ? 5.492   6.870   2.634   1.00 57.09  ? 47  ALA A O   1 
ATOM   342 C CB  . ALA A 1 51  ? 4.130   8.384   -0.028  1.00 64.75  ? 47  ALA A CB  1 
ATOM   343 N N   . GLU A 1 52  ? 6.913   7.761   1.128   1.00 66.96  ? 48  GLU A N   1 
ATOM   344 C CA  . GLU A 1 52  ? 8.007   6.824   1.392   1.00 63.87  ? 48  GLU A CA  1 
ATOM   345 C C   . GLU A 1 52  ? 8.334   6.709   2.880   1.00 60.84  ? 48  GLU A C   1 
ATOM   346 O O   . GLU A 1 52  ? 8.706   5.638   3.359   1.00 69.74  ? 48  GLU A O   1 
ATOM   347 C CB  . GLU A 1 52  ? 9.261   7.248   0.618   1.00 68.71  ? 48  GLU A CB  1 
ATOM   348 C CG  . GLU A 1 52  ? 10.473  6.346   0.824   1.00 89.51  ? 48  GLU A CG  1 
ATOM   349 C CD  . GLU A 1 52  ? 11.693  6.815   0.050   1.00 109.00 ? 48  GLU A CD  1 
ATOM   350 O OE1 . GLU A 1 52  ? 11.557  7.740   -0.777  1.00 126.00 ? 48  GLU A OE1 1 
ATOM   351 O OE2 . GLU A 1 52  ? 12.791  6.258   0.274   1.00 110.26 1 48  GLU A OE2 1 
ATOM   352 N N   . LYS A 1 53  ? 8.178   7.810   3.606   1.00 61.07  ? 49  LYS A N   1 
ATOM   353 C CA  . LYS A 1 53  ? 8.474   7.843   5.033   1.00 64.15  ? 49  LYS A CA  1 
ATOM   354 C C   . LYS A 1 53  ? 7.617   6.857   5.830   1.00 59.67  ? 49  LYS A C   1 
ATOM   355 O O   . LYS A 1 53  ? 8.140   6.094   6.641   1.00 64.81  ? 49  LYS A O   1 
ATOM   356 C CB  . LYS A 1 53  ? 8.283   9.259   5.585   1.00 80.81  ? 49  LYS A CB  1 
ATOM   357 N N   . MET A 1 54  ? 6.308   6.868   5.601   1.00 71.99  ? 50  MET A N   1 
ATOM   358 C CA  . MET A 1 54  ? 5.417   5.996   6.360   1.00 64.46  ? 50  MET A CA  1 
ATOM   359 C C   . MET A 1 54  ? 5.500   4.545   5.888   1.00 67.07  ? 50  MET A C   1 
ATOM   360 O O   . MET A 1 54  ? 5.385   3.623   6.692   1.00 70.69  ? 50  MET A O   1 
ATOM   361 C CB  . MET A 1 54  ? 3.967   6.492   6.285   1.00 66.35  ? 50  MET A CB  1 
ATOM   362 C CG  . MET A 1 54  ? 3.344   6.465   4.898   1.00 84.18  ? 50  MET A CG  1 
ATOM   363 S SD  . MET A 1 54  ? 1.549   6.301   4.954   1.00 107.42 ? 50  MET A SD  1 
ATOM   364 C CE  . MET A 1 54  ? 1.383   4.718   5.778   1.00 74.85  ? 50  MET A CE  1 
ATOM   365 N N   . TRP A 1 55  ? 5.702   4.344   4.588   1.00 59.29  ? 51  TRP A N   1 
ATOM   366 C CA  . TRP A 1 55  ? 5.819   2.999   4.038   1.00 56.11  ? 51  TRP A CA  1 
ATOM   367 C C   . TRP A 1 55  ? 7.079   2.315   4.559   1.00 58.16  ? 51  TRP A C   1 
ATOM   368 O O   . TRP A 1 55  ? 7.048   1.138   4.916   1.00 73.57  ? 51  TRP A O   1 
ATOM   369 C CB  . TRP A 1 55  ? 5.821   3.034   2.506   1.00 64.99  ? 51  TRP A CB  1 
ATOM   370 C CG  . TRP A 1 55  ? 4.486   3.386   1.901   1.00 73.98  ? 51  TRP A CG  1 
ATOM   371 C CD1 . TRP A 1 55  ? 3.860   4.601   1.942   1.00 78.64  ? 51  TRP A CD1 1 
ATOM   372 C CD2 . TRP A 1 55  ? 3.620   2.519   1.156   1.00 82.05  ? 51  TRP A CD2 1 
ATOM   373 N NE1 . TRP A 1 55  ? 2.659   4.541   1.277   1.00 66.81  ? 51  TRP A NE1 1 
ATOM   374 C CE2 . TRP A 1 55  ? 2.490   3.275   0.784   1.00 67.85  ? 51  TRP A CE2 1 
ATOM   375 C CE3 . TRP A 1 55  ? 3.689   1.176   0.771   1.00 86.22  ? 51  TRP A CE3 1 
ATOM   376 C CZ2 . TRP A 1 55  ? 1.438   2.734   0.046   1.00 72.60  ? 51  TRP A CZ2 1 
ATOM   377 C CZ3 . TRP A 1 55  ? 2.644   0.641   0.038   1.00 88.97  ? 51  TRP A CZ3 1 
ATOM   378 C CH2 . TRP A 1 55  ? 1.534   1.418   -0.316  1.00 85.25  ? 51  TRP A CH2 1 
ATOM   379 N N   . ARG A 1 56  ? 8.182   3.058   4.610   1.00 62.80  ? 52  ARG A N   1 
ATOM   380 C CA  . ARG A 1 56  ? 9.422   2.537   5.177   1.00 72.52  ? 52  ARG A CA  1 
ATOM   381 C C   . ARG A 1 56  ? 9.273   2.313   6.677   1.00 83.30  ? 52  ARG A C   1 
ATOM   382 O O   . ARG A 1 56  ? 9.809   1.351   7.224   1.00 110.48 ? 52  ARG A O   1 
ATOM   383 C CB  . ARG A 1 56  ? 10.592  3.484   4.904   1.00 62.51  ? 52  ARG A CB  1 
ATOM   384 C CG  . ARG A 1 56  ? 11.106  3.449   3.474   1.00 86.99  ? 52  ARG A CG  1 
ATOM   385 C CD  . ARG A 1 56  ? 12.435  4.180   3.355   1.00 101.00 ? 52  ARG A CD  1 
ATOM   386 N NE  . ARG A 1 56  ? 12.999  4.073   2.013   1.00 104.13 ? 52  ARG A NE  1 
ATOM   387 C CZ  . ARG A 1 56  ? 13.699  3.029   1.578   1.00 101.41 ? 52  ARG A CZ  1 
ATOM   388 N NH1 . ARG A 1 56  ? 13.917  1.996   2.380   1.00 93.82  1 52  ARG A NH1 1 
ATOM   389 N NH2 . ARG A 1 56  ? 14.177  3.016   0.342   1.00 94.90  ? 52  ARG A NH2 1 
ATOM   390 N N   . LYS A 1 57  ? 8.542   3.206   7.336   1.00 70.25  ? 53  LYS A N   1 
ATOM   391 C CA  . LYS A 1 57  ? 8.292   3.081   8.766   1.00 68.52  ? 53  LYS A CA  1 
ATOM   392 C C   . LYS A 1 57  ? 7.379   1.893   9.051   1.00 90.72  ? 53  LYS A C   1 
ATOM   393 O O   . LYS A 1 57  ? 7.532   1.210   10.062  1.00 105.96 ? 53  LYS A O   1 
ATOM   394 C CB  . LYS A 1 57  ? 7.675   4.368   9.320   1.00 74.05  ? 53  LYS A CB  1 
ATOM   395 C CG  . LYS A 1 57  ? 7.402   4.338   10.815  1.00 95.11  ? 53  LYS A CG  1 
ATOM   396 C CD  . LYS A 1 57  ? 8.667   4.032   11.605  1.00 109.26 ? 53  LYS A CD  1 
ATOM   397 C CE  . LYS A 1 57  ? 8.404   4.058   13.102  1.00 118.12 ? 53  LYS A CE  1 
ATOM   398 N NZ  . LYS A 1 57  ? 7.337   3.096   13.495  1.00 138.25 1 53  LYS A NZ  1 
ATOM   399 N N   . LEU A 1 58  ? 6.434   1.649   8.148   1.00 70.46  ? 54  LEU A N   1 
ATOM   400 C CA  . LEU A 1 58  ? 5.484   0.552   8.303   1.00 80.62  ? 54  LEU A CA  1 
ATOM   401 C C   . LEU A 1 58  ? 6.139   -0.814  8.129   1.00 96.16  ? 54  LEU A C   1 
ATOM   402 O O   . LEU A 1 58  ? 5.992   -1.696  8.975   1.00 173.88 ? 54  LEU A O   1 
ATOM   403 C CB  . LEU A 1 58  ? 4.333   0.698   7.305   1.00 87.09  ? 54  LEU A CB  1 
ATOM   404 C CG  . LEU A 1 58  ? 3.391   -0.500  7.169   1.00 77.03  ? 54  LEU A CG  1 
ATOM   405 C CD1 . LEU A 1 58  ? 2.590   -0.715  8.445   1.00 85.79  ? 54  LEU A CD1 1 
ATOM   406 C CD2 . LEU A 1 58  ? 2.468   -0.328  5.971   1.00 91.87  ? 54  LEU A CD2 1 
ATOM   407 N N   . MET A 1 59  ? 6.859   -0.987  7.024   1.00 95.45  ? 55  MET A N   1 
ATOM   408 C CA  . MET A 1 59  ? 7.443   -2.281  6.689   1.00 93.17  ? 55  MET A CA  1 
ATOM   409 C C   . MET A 1 59  ? 8.622   -2.644  7.587   1.00 101.42 ? 55  MET A C   1 
ATOM   410 O O   . MET A 1 59  ? 8.883   -3.821  7.831   1.00 115.32 ? 55  MET A O   1 
ATOM   411 C CB  . MET A 1 59  ? 7.875   -2.303  5.224   1.00 90.85  ? 55  MET A CB  1 
ATOM   412 C CG  . MET A 1 59  ? 6.716   -2.417  4.249   1.00 101.50 ? 55  MET A CG  1 
ATOM   413 S SD  . MET A 1 59  ? 7.249   -2.335  2.533   1.00 122.52 ? 55  MET A SD  1 
ATOM   414 C CE  . MET A 1 59  ? 7.865   -0.658  2.461   1.00 114.08 ? 55  MET A CE  1 
ATOM   415 N N   . LYS A 1 60  ? 9.333   -1.633  8.077   1.00 93.16  ? 56  LYS A N   1 
ATOM   416 C CA  . LYS A 1 60  ? 10.405  -1.871  9.036   1.00 105.08 ? 56  LYS A CA  1 
ATOM   417 C C   . LYS A 1 60  ? 9.806   -2.247  10.386  1.00 112.86 ? 56  LYS A C   1 
ATOM   418 O O   . LYS A 1 60  ? 10.409  -2.987  11.164  1.00 128.12 ? 56  LYS A O   1 
ATOM   419 C CB  . LYS A 1 60  ? 11.304  -0.642  9.172   1.00 103.89 ? 56  LYS A CB  1 
ATOM   420 N N   . PHE A 1 61  ? 8.609   -1.732  10.650  1.00 106.18 ? 57  PHE A N   1 
ATOM   421 C CA  . PHE A 1 61  ? 7.889   -2.018  11.886  1.00 111.32 ? 57  PHE A CA  1 
ATOM   422 C C   . PHE A 1 61  ? 7.414   -3.465  11.927  1.00 120.47 ? 57  PHE A C   1 
ATOM   423 O O   . PHE A 1 61  ? 7.656   -4.183  12.899  1.00 118.83 ? 57  PHE A O   1 
ATOM   424 C CB  . PHE A 1 61  ? 6.697   -1.068  12.039  1.00 110.72 ? 57  PHE A CB  1 
ATOM   425 C CG  . PHE A 1 61  ? 5.812   -1.376  13.216  1.00 117.59 ? 57  PHE A CG  1 
ATOM   426 C CD1 . PHE A 1 61  ? 6.137   -0.922  14.483  1.00 110.11 ? 57  PHE A CD1 1 
ATOM   427 C CD2 . PHE A 1 61  ? 4.645   -2.106  13.052  1.00 128.75 ? 57  PHE A CD2 1 
ATOM   428 C CE1 . PHE A 1 61  ? 5.321   -1.200  15.566  1.00 119.08 ? 57  PHE A CE1 1 
ATOM   429 C CE2 . PHE A 1 61  ? 3.826   -2.386  14.130  1.00 136.40 ? 57  PHE A CE2 1 
ATOM   430 C CZ  . PHE A 1 61  ? 4.165   -1.931  15.389  1.00 138.29 ? 57  PHE A CZ  1 
ATOM   431 N N   . VAL A 1 62  ? 6.734   -3.888  10.867  1.00 120.69 ? 58  VAL A N   1 
ATOM   432 C CA  . VAL A 1 62  ? 6.187   -5.236  10.809  1.00 114.25 ? 58  VAL A CA  1 
ATOM   433 C C   . VAL A 1 62  ? 7.301   -6.273  10.690  1.00 119.24 ? 58  VAL A C   1 
ATOM   434 O O   . VAL A 1 62  ? 8.329   -6.032  10.058  1.00 113.40 ? 58  VAL A O   1 
ATOM   435 C CB  . VAL A 1 62  ? 5.196   -5.396  9.633   1.00 102.68 ? 58  VAL A CB  1 
ATOM   436 C CG1 . VAL A 1 62  ? 4.024   -4.443  9.798   1.00 100.48 ? 58  VAL A CG1 1 
ATOM   437 C CG2 . VAL A 1 62  ? 5.890   -5.161  8.301   1.00 95.98  ? 58  VAL A CG2 1 
ATOM   438 N N   . ASP A 1 63  ? 7.092   -7.424  11.321  1.00 108.47 ? 59  ASP A N   1 
ATOM   439 C CA  . ASP A 1 63  ? 8.062   -8.510  11.272  1.00 109.08 ? 59  ASP A CA  1 
ATOM   440 C C   . ASP A 1 63  ? 7.982   -9.221  9.928   1.00 100.71 ? 59  ASP A C   1 
ATOM   441 O O   . ASP A 1 63  ? 9.002   -9.524  9.309   1.00 101.79 ? 59  ASP A O   1 
ATOM   442 C CB  . ASP A 1 63  ? 7.825   -9.499  12.416  1.00 103.29 ? 59  ASP A CB  1 
ATOM   443 N N   . ARG A 1 64  ? 6.757   -9.482  9.485   1.00 105.72 ? 60  ARG A N   1 
ATOM   444 C CA  . ARG A 1 64  ? 6.516   -10.085 8.182   1.00 97.90  ? 60  ARG A CA  1 
ATOM   445 C C   . ARG A 1 64  ? 5.310   -9.430  7.520   1.00 89.35  ? 60  ARG A C   1 
ATOM   446 O O   . ARG A 1 64  ? 4.519   -8.764  8.183   1.00 89.84  ? 60  ARG A O   1 
ATOM   447 C CB  . ARG A 1 64  ? 6.302   -11.594 8.313   1.00 105.99 ? 60  ARG A CB  1 
ATOM   448 N N   . VAL A 1 65  ? 5.180   -9.621  6.212   1.00 85.96  ? 61  VAL A N   1 
ATOM   449 C CA  . VAL A 1 65  ? 4.080   -9.035  5.454   1.00 80.47  ? 61  VAL A CA  1 
ATOM   450 C C   . VAL A 1 65  ? 3.633   -9.984  4.341   1.00 86.11  ? 61  VAL A C   1 
ATOM   451 O O   . VAL A 1 65  ? 4.455   -10.489 3.578   1.00 91.71  ? 61  VAL A O   1 
ATOM   452 C CB  . VAL A 1 65  ? 4.475   -7.665  4.858   1.00 88.58  ? 61  VAL A CB  1 
ATOM   453 C CG1 . VAL A 1 65  ? 5.858   -7.732  4.222   1.00 113.47 ? 61  VAL A CG1 1 
ATOM   454 C CG2 . VAL A 1 65  ? 3.435   -7.188  3.858   1.00 90.75  ? 61  VAL A CG2 1 
ATOM   455 N N   . GLU A 1 66  ? 2.330   -10.231 4.260   1.00 85.01  ? 62  GLU A N   1 
ATOM   456 C CA  . GLU A 1 66  ? 1.800   -11.180 3.287   1.00 82.85  ? 62  GLU A CA  1 
ATOM   457 C C   . GLU A 1 66  ? 0.544   -10.648 2.598   1.00 79.67  ? 62  GLU A C   1 
ATOM   458 O O   . GLU A 1 66  ? -0.284  -9.986  3.223   1.00 70.80  ? 62  GLU A O   1 
ATOM   459 C CB  . GLU A 1 66  ? 1.505   -12.518 3.971   1.00 68.79  ? 62  GLU A CB  1 
ATOM   460 C CG  . GLU A 1 66  ? 1.420   -13.704 3.024   1.00 93.44  ? 62  GLU A CG  1 
ATOM   461 C CD  . GLU A 1 66  ? 1.495   -15.036 3.752   1.00 114.95 ? 62  GLU A CD  1 
ATOM   462 O OE1 . GLU A 1 66  ? 1.290   -15.057 4.984   1.00 107.90 ? 62  GLU A OE1 1 
ATOM   463 O OE2 . GLU A 1 66  ? 1.767   -16.063 3.091   1.00 122.86 1 62  GLU A OE2 1 
ATOM   464 N N   . VAL A 1 67  ? 0.413   -10.940 1.307   1.00 88.09  ? 63  VAL A N   1 
ATOM   465 C CA  . VAL A 1 67  ? -0.741  -10.503 0.525   1.00 58.80  ? 63  VAL A CA  1 
ATOM   466 C C   . VAL A 1 67  ? -1.829  -11.572 0.504   1.00 39.94  ? 63  VAL A C   1 
ATOM   467 O O   . VAL A 1 67  ? -1.635  -12.652 -0.054  1.00 53.98  ? 63  VAL A O   1 
ATOM   468 C CB  . VAL A 1 67  ? -0.345  -10.165 -0.926  1.00 64.63  ? 63  VAL A CB  1 
ATOM   469 C CG1 . VAL A 1 67  ? -1.562  -9.722  -1.721  1.00 56.87  ? 63  VAL A CG1 1 
ATOM   470 C CG2 . VAL A 1 67  ? 0.733   -9.096  -0.947  1.00 83.29  ? 63  VAL A CG2 1 
ATOM   471 N N   . ARG A 1 68  ? -2.974  -11.267 1.109   1.00 50.78  ? 64  ARG A N   1 
ATOM   472 C CA  . ARG A 1 68  ? -4.066  -12.231 1.198   1.00 43.91  ? 64  ARG A CA  1 
ATOM   473 C C   . ARG A 1 68  ? -4.983  -12.196 -0.025  1.00 51.09  ? 64  ARG A C   1 
ATOM   474 O O   . ARG A 1 68  ? -5.247  -13.230 -0.634  1.00 75.44  ? 64  ARG A O   1 
ATOM   475 C CB  . ARG A 1 68  ? -4.893  -11.994 2.465   1.00 49.29  ? 64  ARG A CB  1 
ATOM   476 C CG  . ARG A 1 68  ? -6.013  -13.009 2.657   1.00 67.48  ? 64  ARG A CG  1 
ATOM   477 C CD  . ARG A 1 68  ? -6.894  -12.677 3.851   1.00 76.74  ? 64  ARG A CD  1 
ATOM   478 N NE  . ARG A 1 68  ? -7.999  -13.622 3.984   1.00 101.33 ? 64  ARG A NE  1 
ATOM   479 C CZ  . ARG A 1 68  ? -9.151  -13.520 3.327   1.00 83.24  ? 64  ARG A CZ  1 
ATOM   480 N NH1 . ARG A 1 68  ? -9.351  -12.512 2.491   1.00 87.88  1 64  ARG A NH1 1 
ATOM   481 N NH2 . ARG A 1 68  ? -10.103 -14.426 3.505   1.00 109.57 ? 64  ARG A NH2 1 
ATOM   482 N N   . ARG A 1 69  ? -5.469  -11.011 -0.384  1.00 57.77  ? 65  ARG A N   1 
ATOM   483 C CA  . ARG A 1 69  ? -6.447  -10.886 -1.463  1.00 42.60  ? 65  ARG A CA  1 
ATOM   484 C C   . ARG A 1 69  ? -6.136  -9.730  -2.414  1.00 45.32  ? 65  ARG A C   1 
ATOM   485 O O   . ARG A 1 69  ? -5.694  -8.663  -1.987  1.00 49.96  ? 65  ARG A O   1 
ATOM   486 C CB  . ARG A 1 69  ? -7.851  -10.716 -0.877  1.00 42.88  ? 65  ARG A CB  1 
ATOM   487 C CG  . ARG A 1 69  ? -8.936  -10.463 -1.910  1.00 52.02  ? 65  ARG A CG  1 
ATOM   488 C CD  . ARG A 1 69  ? -10.306 -10.387 -1.261  1.00 70.72  ? 65  ARG A CD  1 
ATOM   489 N NE  . ARG A 1 69  ? -10.337 -9.412  -0.176  1.00 76.22  ? 65  ARG A NE  1 
ATOM   490 C CZ  . ARG A 1 69  ? -10.567 -8.114  -0.345  1.00 121.58 ? 65  ARG A CZ  1 
ATOM   491 N NH1 . ARG A 1 69  ? -10.784 -7.630  -1.561  1.00 137.14 1 65  ARG A NH1 1 
ATOM   492 N NH2 . ARG A 1 69  ? -10.578 -7.300  0.701   1.00 153.82 ? 65  ARG A NH2 1 
ATOM   493 N N   . VAL A 1 70  ? -6.373  -9.949  -3.705  1.00 46.57  ? 66  VAL A N   1 
ATOM   494 C CA  . VAL A 1 70  ? -6.157  -8.919  -4.715  1.00 32.99  ? 66  VAL A CA  1 
ATOM   495 C C   . VAL A 1 70  ? -7.395  -8.718  -5.592  1.00 33.48  ? 66  VAL A C   1 
ATOM   496 O O   . VAL A 1 70  ? -7.944  -9.674  -6.136  1.00 45.91  ? 66  VAL A O   1 
ATOM   497 C CB  . VAL A 1 70  ? -4.949  -9.261  -5.613  1.00 37.33  ? 66  VAL A CB  1 
ATOM   498 C CG1 . VAL A 1 70  ? -4.866  -8.295  -6.781  1.00 40.88  ? 66  VAL A CG1 1 
ATOM   499 C CG2 . VAL A 1 70  ? -3.663  -9.240  -4.801  1.00 42.55  ? 66  VAL A CG2 1 
ATOM   500 N N   . LYS A 1 71  ? -7.832  -7.468  -5.721  1.00 32.96  ? 67  LYS A N   1 
ATOM   501 C CA  . LYS A 1 71  ? -8.997  -7.147  -6.539  1.00 31.87  ? 67  LYS A CA  1 
ATOM   502 C C   . LYS A 1 71  ? -8.694  -6.023  -7.526  1.00 31.17  ? 67  LYS A C   1 
ATOM   503 O O   . LYS A 1 71  ? -8.119  -4.999  -7.160  1.00 44.90  ? 67  LYS A O   1 
ATOM   504 C CB  . LYS A 1 71  ? -10.187 -6.763  -5.655  1.00 30.15  ? 67  LYS A CB  1 
ATOM   505 C CG  . LYS A 1 71  ? -11.507 -6.642  -6.409  1.00 44.55  ? 67  LYS A CG  1 
ATOM   506 C CD  . LYS A 1 71  ? -12.690 -6.604  -5.451  1.00 65.20  ? 67  LYS A CD  1 
ATOM   507 C CE  . LYS A 1 71  ? -13.137 -5.180  -5.157  1.00 81.96  ? 67  LYS A CE  1 
ATOM   508 N NZ  . LYS A 1 71  ? -13.917 -4.591  -6.285  1.00 93.77  1 67  LYS A NZ  1 
ATOM   509 N N   . VAL A 1 72  ? -9.089  -6.226  -8.780  1.00 30.42  ? 68  VAL A N   1 
ATOM   510 C CA  . VAL A 1 72  ? -8.844  -5.246  -9.830  1.00 31.62  ? 68  VAL A CA  1 
ATOM   511 C C   . VAL A 1 72  ? -10.135 -4.847  -10.531 1.00 30.18  ? 68  VAL A C   1 
ATOM   512 O O   . VAL A 1 72  ? -10.820 -5.680  -11.124 1.00 32.14  ? 68  VAL A O   1 
ATOM   513 C CB  . VAL A 1 72  ? -7.853  -5.776  -10.884 1.00 35.25  ? 68  VAL A CB  1 
ATOM   514 C CG1 . VAL A 1 72  ? -7.726  -4.790  -12.035 1.00 38.05  ? 68  VAL A CG1 1 
ATOM   515 C CG2 . VAL A 1 72  ? -6.500  -6.047  -10.255 1.00 36.95  ? 68  VAL A CG2 1 
ATOM   516 N N   . ASP A 1 73  ? -10.458 -3.562  -10.461 1.00 35.22  ? 69  ASP A N   1 
ATOM   517 C CA  . ASP A 1 73  ? -11.644 -3.037  -11.120 1.00 41.73  ? 69  ASP A CA  1 
ATOM   518 C C   . ASP A 1 73  ? -11.308 -1.723  -11.811 1.00 55.04  ? 69  ASP A C   1 
ATOM   519 O O   . ASP A 1 73  ? -10.952 -0.745  -11.151 1.00 58.97  ? 69  ASP A O   1 
ATOM   520 C CB  . ASP A 1 73  ? -12.780 -2.849  -10.112 1.00 44.61  ? 69  ASP A CB  1 
ATOM   521 C CG  . ASP A 1 73  ? -14.076 -2.423  -10.770 1.00 67.28  ? 69  ASP A CG  1 
ATOM   522 O OD1 . ASP A 1 73  ? -14.238 -2.664  -11.986 1.00 64.46  ? 69  ASP A OD1 1 
ATOM   523 O OD2 . ASP A 1 73  ? -14.936 -1.853  -10.068 1.00 105.32 1 69  ASP A OD2 1 
ATOM   524 N N   . GLU A 1 74  ? -11.423 -1.715  -13.138 1.00 54.83  ? 70  GLU A N   1 
ATOM   525 C CA  . GLU A 1 74  ? -11.029 -0.573  -13.960 1.00 55.23  ? 70  GLU A CA  1 
ATOM   526 C C   . GLU A 1 74  ? -9.576  -0.190  -13.692 1.00 57.53  ? 70  GLU A C   1 
ATOM   527 O O   . GLU A 1 74  ? -8.670  -1.001  -13.892 1.00 67.53  ? 70  GLU A O   1 
ATOM   528 C CB  . GLU A 1 74  ? -11.957 0.618   -13.714 1.00 48.38  ? 70  GLU A CB  1 
ATOM   529 C CG  . GLU A 1 74  ? -13.355 0.429   -14.278 1.00 72.85  ? 70  GLU A CG  1 
ATOM   530 C CD  . GLU A 1 74  ? -14.320 1.499   -13.816 1.00 70.81  ? 70  GLU A CD  1 
ATOM   531 O OE1 . GLU A 1 74  ? -14.188 1.955   -12.662 1.00 50.15  ? 70  GLU A OE1 1 
ATOM   532 O OE2 . GLU A 1 74  ? -15.208 1.885   -14.606 1.00 84.54  1 70  GLU A OE2 1 
ATOM   533 N N   . ASN A 1 75  ? -9.353  1.039   -13.238 1.00 40.97  ? 71  ASN A N   1 
ATOM   534 C CA  . ASN A 1 75  ? -8.002  1.486   -12.920 1.00 42.36  ? 71  ASN A CA  1 
ATOM   535 C C   . ASN A 1 75  ? -7.723  1.387   -11.427 1.00 47.13  ? 71  ASN A C   1 
ATOM   536 O O   . ASN A 1 75  ? -6.697  1.862   -10.942 1.00 50.56  ? 71  ASN A O   1 
ATOM   537 C CB  . ASN A 1 75  ? -7.777  2.922   -13.400 1.00 45.01  ? 71  ASN A CB  1 
ATOM   538 C CG  . ASN A 1 75  ? -8.404  3.952   -12.479 1.00 54.48  ? 71  ASN A CG  1 
ATOM   539 O OD1 . ASN A 1 75  ? -9.552  3.814   -12.060 1.00 44.95  ? 71  ASN A OD1 1 
ATOM   540 N ND2 . ASN A 1 75  ? -7.642  4.990   -12.152 1.00 64.81  ? 71  ASN A ND2 1 
ATOM   541 N N   . ARG A 1 76  ? -8.646  0.762   -10.705 1.00 46.40  ? 72  ARG A N   1 
ATOM   542 C CA  . ARG A 1 76  ? -8.519  0.619   -9.261  1.00 38.27  ? 72  ARG A CA  1 
ATOM   543 C C   . ARG A 1 76  ? -8.061  -0.782  -8.876  1.00 32.81  ? 72  ARG A C   1 
ATOM   544 O O   . ARG A 1 76  ? -8.598  -1.778  -9.363  1.00 34.97  ? 72  ARG A O   1 
ATOM   545 C CB  . ARG A 1 76  ? -9.846  0.943   -8.574  1.00 38.05  ? 72  ARG A CB  1 
ATOM   546 C CG  . ARG A 1 76  ? -10.369 2.334   -8.880  1.00 55.68  ? 72  ARG A CG  1 
ATOM   547 C CD  . ARG A 1 76  ? -11.683 2.593   -8.169  1.00 42.51  ? 72  ARG A CD  1 
ATOM   548 N NE  . ARG A 1 76  ? -12.679 1.579   -8.498  1.00 42.21  ? 72  ARG A NE  1 
ATOM   549 C CZ  . ARG A 1 76  ? -13.382 1.562   -9.626  1.00 70.50  ? 72  ARG A CZ  1 
ATOM   550 N NH1 . ARG A 1 76  ? -13.195 2.504   -10.539 1.00 85.49  1 72  ARG A NH1 1 
ATOM   551 N NH2 . ARG A 1 76  ? -14.270 0.601   -9.842  1.00 77.52  ? 72  ARG A NH2 1 
ATOM   552 N N   . VAL A 1 77  ? -7.066  -0.848  -7.999  1.00 32.25  ? 73  VAL A N   1 
ATOM   553 C CA  . VAL A 1 77  ? -6.510  -2.120  -7.561  1.00 31.66  ? 73  VAL A CA  1 
ATOM   554 C C   . VAL A 1 77  ? -6.522  -2.234  -6.040  1.00 30.49  ? 73  VAL A C   1 
ATOM   555 O O   . VAL A 1 77  ? -5.871  -1.453  -5.347  1.00 39.20  ? 73  VAL A O   1 
ATOM   556 C CB  . VAL A 1 77  ? -5.070  -2.304  -8.065  1.00 32.63  ? 73  VAL A CB  1 
ATOM   557 C CG1 . VAL A 1 77  ? -4.447  -3.544  -7.449  1.00 38.87  ? 73  VAL A CG1 1 
ATOM   558 C CG2 . VAL A 1 77  ? -5.049  -2.383  -9.583  1.00 36.48  ? 73  VAL A CG2 1 
ATOM   559 N N   . GLU A 1 78  ? -7.268  -3.205  -5.527  1.00 29.60  ? 74  GLU A N   1 
ATOM   560 C CA  . GLU A 1 78  ? -7.320  -3.442  -4.091  1.00 28.83  ? 74  GLU A CA  1 
ATOM   561 C C   . GLU A 1 78  ? -6.409  -4.597  -3.688  1.00 29.33  ? 74  GLU A C   1 
ATOM   562 O O   . GLU A 1 78  ? -6.516  -5.700  -4.223  1.00 40.80  ? 74  GLU A O   1 
ATOM   563 C CB  . GLU A 1 78  ? -8.752  -3.732  -3.644  1.00 39.47  ? 74  GLU A CB  1 
ATOM   564 C CG  . GLU A 1 78  ? -9.751  -2.652  -3.997  1.00 34.56  ? 74  GLU A CG  1 
ATOM   565 C CD  . GLU A 1 78  ? -11.117 -2.915  -3.399  1.00 73.63  ? 74  GLU A CD  1 
ATOM   566 O OE1 . GLU A 1 78  ? -11.226 -3.819  -2.544  1.00 67.89  ? 74  GLU A OE1 1 
ATOM   567 O OE2 . GLU A 1 78  ? -12.081 -2.220  -3.788  1.00 87.04  1 74  GLU A OE2 1 
ATOM   568 N N   . ILE A 1 79  ? -5.512  -4.335  -2.745  1.00 33.23  ? 75  ILE A N   1 
ATOM   569 C CA  . ILE A 1 79  ? -4.615  -5.362  -2.235  1.00 33.80  ? 75  ILE A CA  1 
ATOM   570 C C   . ILE A 1 79  ? -4.772  -5.513  -0.725  1.00 41.42  ? 75  ILE A C   1 
ATOM   571 O O   . ILE A 1 79  ? -4.425  -4.609  0.037   1.00 46.32  ? 75  ILE A O   1 
ATOM   572 C CB  . ILE A 1 79  ? -3.141  -5.047  -2.566  1.00 34.16  ? 75  ILE A CB  1 
ATOM   573 C CG1 . ILE A 1 79  ? -2.921  -5.036  -4.082  1.00 34.92  ? 75  ILE A CG1 1 
ATOM   574 C CG2 . ILE A 1 79  ? -2.222  -6.057  -1.904  1.00 42.77  ? 75  ILE A CG2 1 
ATOM   575 C CD1 . ILE A 1 79  ? -1.480  -4.827  -4.483  1.00 36.93  ? 75  ILE A CD1 1 
ATOM   576 N N   . GLU A 1 80  ? -5.309  -6.654  -0.301  1.00 42.14  ? 76  GLU A N   1 
ATOM   577 C CA  . GLU A 1 80  ? -5.435  -6.963  1.119   1.00 44.56  ? 76  GLU A CA  1 
ATOM   578 C C   . GLU A 1 80  ? -4.124  -7.545  1.633   1.00 46.41  ? 76  GLU A C   1 
ATOM   579 O O   . GLU A 1 80  ? -3.638  -8.559  1.129   1.00 58.00  ? 76  GLU A O   1 
ATOM   580 C CB  . GLU A 1 80  ? -6.596  -7.930  1.373   1.00 44.46  ? 76  GLU A CB  1 
ATOM   581 C CG  . GLU A 1 80  ? -6.841  -8.245  2.845   1.00 62.17  ? 76  GLU A CG  1 
ATOM   582 C CD  . GLU A 1 80  ? -8.109  -9.051  3.072   1.00 74.57  ? 76  GLU A CD  1 
ATOM   583 O OE1 . GLU A 1 80  ? -8.976  -9.069  2.172   1.00 81.20  ? 76  GLU A OE1 1 
ATOM   584 O OE2 . GLU A 1 80  ? -8.241  -9.668  4.150   1.00 81.78  1 76  GLU A OE2 1 
ATOM   585 N N   . VAL A 1 81  ? -3.559  -6.887  2.640   1.00 53.66  ? 77  VAL A N   1 
ATOM   586 C CA  . VAL A 1 81  ? -2.234  -7.215  3.147   1.00 55.09  ? 77  VAL A CA  1 
ATOM   587 C C   . VAL A 1 81  ? -2.304  -7.676  4.600   1.00 58.25  ? 77  VAL A C   1 
ATOM   588 O O   . VAL A 1 81  ? -2.953  -7.037  5.424   1.00 71.80  ? 77  VAL A O   1 
ATOM   589 C CB  . VAL A 1 81  ? -1.288  -5.996  3.029   1.00 56.02  ? 77  VAL A CB  1 
ATOM   590 C CG1 . VAL A 1 81  ? -0.054  -6.171  3.896   1.00 72.95  ? 77  VAL A CG1 1 
ATOM   591 C CG2 . VAL A 1 81  ? -0.909  -5.756  1.572   1.00 65.21  ? 77  VAL A CG2 1 
ATOM   592 N N   . GLU A 1 82  ? -1.646  -8.790  4.909   1.00 72.75  ? 78  GLU A N   1 
ATOM   593 C CA  . GLU A 1 82  ? -1.599  -9.300  6.276   1.00 72.40  ? 78  GLU A CA  1 
ATOM   594 C C   . GLU A 1 82  ? -0.169  -9.223  6.812   1.00 73.30  ? 78  GLU A C   1 
ATOM   595 O O   . GLU A 1 82  ? 0.793   -9.200  6.040   1.00 81.24  ? 78  GLU A O   1 
ATOM   596 C CB  . GLU A 1 82  ? -2.123  -10.740 6.335   1.00 88.37  ? 78  GLU A CB  1 
ATOM   597 C CG  . GLU A 1 82  ? -2.642  -11.174 7.700   1.00 97.27  ? 78  GLU A CG  1 
ATOM   598 C CD  . GLU A 1 82  ? -3.078  -12.629 7.723   1.00 91.90  ? 78  GLU A CD  1 
ATOM   599 O OE1 . GLU A 1 82  ? -4.284  -12.893 7.538   1.00 103.11 ? 78  GLU A OE1 1 
ATOM   600 O OE2 . GLU A 1 82  ? -2.213  -13.507 7.928   1.00 94.94  1 78  GLU A OE2 1 
ATOM   601 N N   . PHE A 1 83  ? -0.033  -9.178  8.133   1.00 80.62  ? 79  PHE A N   1 
ATOM   602 C CA  . PHE A 1 83  ? 1.273   -9.024  8.765   1.00 89.61  ? 79  PHE A CA  1 
ATOM   603 C C   . PHE A 1 83  ? 1.271   -9.579  10.184  1.00 94.19  ? 79  PHE A C   1 
ATOM   604 O O   . PHE A 1 83  ? 0.224   -9.949  10.712  1.00 88.71  ? 79  PHE A O   1 
ATOM   605 C CB  . PHE A 1 83  ? 1.672   -7.552  8.788   1.00 97.94  ? 79  PHE A CB  1 
ATOM   606 C CG  . PHE A 1 83  ? 0.604   -6.648  9.341   1.00 94.70  ? 79  PHE A CG  1 
ATOM   607 C CD1 . PHE A 1 83  ? 0.516   -6.408  10.701  1.00 94.77  ? 79  PHE A CD1 1 
ATOM   608 C CD2 . PHE A 1 83  ? -0.319  -6.051  8.498   1.00 102.50 ? 79  PHE A CD2 1 
ATOM   609 C CE1 . PHE A 1 83  ? -0.467  -5.587  11.209  1.00 97.59  ? 79  PHE A CE1 1 
ATOM   610 C CE2 . PHE A 1 83  ? -1.306  -5.226  8.999   1.00 104.44 ? 79  PHE A CE2 1 
ATOM   611 C CZ  . PHE A 1 83  ? -1.380  -4.992  10.357  1.00 104.28 ? 79  PHE A CZ  1 
ATOM   612 N N   . GLU A 1 84  ? 2.445   -9.608  10.807  1.00 87.59  ? 80  GLU A N   1 
ATOM   613 C CA  . GLU A 1 84  ? 2.580   -10.106 12.173  1.00 109.56 ? 80  GLU A CA  1 
ATOM   614 C C   . GLU A 1 84  ? 3.155   -9.038  13.107  1.00 111.78 ? 80  GLU A C   1 
ATOM   615 O O   . GLU A 1 84  ? 4.245   -8.512  12.872  1.00 99.23  ? 80  GLU A O   1 
ATOM   616 C CB  . GLU A 1 84  ? 3.453   -11.366 12.186  1.00 130.82 ? 80  GLU A CB  1 
ATOM   617 C CG  . GLU A 1 84  ? 4.280   -11.577 13.448  1.00 137.68 ? 80  GLU A CG  1 
ATOM   618 C CD  . GLU A 1 84  ? 3.445   -11.881 14.680  1.00 128.48 ? 80  GLU A CD  1 
ATOM   619 O OE1 . GLU A 1 84  ? 2.242   -12.192 14.535  1.00 122.53 ? 80  GLU A OE1 1 
ATOM   620 O OE2 . GLU A 1 84  ? 3.999   -11.804 15.797  1.00 119.66 1 80  GLU A OE2 1 
ATOM   621 N N   . VAL A 1 85  ? 2.401   -8.712  14.154  1.00 115.38 ? 81  VAL A N   1 
ATOM   622 C CA  . VAL A 1 85  ? 2.822   -7.738  15.159  1.00 115.94 ? 81  VAL A CA  1 
ATOM   623 C C   . VAL A 1 85  ? 2.420   -8.193  16.561  1.00 130.98 ? 81  VAL A C   1 
ATOM   624 O O   . VAL A 1 85  ? 1.247   -8.466  16.815  1.00 129.29 ? 81  VAL A O   1 
ATOM   625 C CB  . VAL A 1 85  ? 2.212   -6.338  14.895  1.00 116.44 ? 81  VAL A CB  1 
ATOM   626 C CG1 . VAL A 1 85  ? 2.457   -5.417  16.084  1.00 126.14 ? 81  VAL A CG1 1 
ATOM   627 C CG2 . VAL A 1 85  ? 2.774   -5.731  13.618  1.00 122.44 ? 81  VAL A CG2 1 
ATOM   628 N N   . ASN A 1 86  ? 3.404   -8.274  17.457  1.00 117.95 ? 82  ASN A N   1 
ATOM   629 C CA  . ASN A 1 86  ? 3.178   -8.646  18.853  1.00 119.75 ? 82  ASN A CA  1 
ATOM   630 C C   . ASN A 1 86  ? 2.531   -10.016 19.008  1.00 121.52 ? 82  ASN A C   1 
ATOM   631 O O   . ASN A 1 86  ? 1.630   -10.198 19.827  1.00 122.65 ? 82  ASN A O   1 
ATOM   632 C CB  . ASN A 1 86  ? 2.311   -7.601  19.553  1.00 119.25 ? 82  ASN A CB  1 
ATOM   633 N N   . GLY A 1 87  ? 2.996   -10.980 18.220  1.00 132.20 ? 83  GLY A N   1 
ATOM   634 C CA  . GLY A 1 87  ? 2.404   -12.306 18.204  1.00 115.83 ? 83  GLY A CA  1 
ATOM   635 C C   . GLY A 1 87  ? 0.955   -12.309 17.739  1.00 117.83 ? 83  GLY A C   1 
ATOM   636 O O   . GLY A 1 87  ? 0.155   -13.111 18.218  1.00 135.97 ? 83  GLY A O   1 
ATOM   637 N N   . GLN A 1 88  ? 0.615   -11.419 16.803  1.00 114.43 ? 84  GLN A N   1 
ATOM   638 C CA  . GLN A 1 88  ? -0.761  -11.291 16.303  1.00 127.70 ? 84  GLN A CA  1 
ATOM   639 C C   . GLN A 1 88  ? -0.851  -10.978 14.806  1.00 137.59 ? 84  GLN A C   1 
ATOM   640 O O   . GLN A 1 88  ? -0.133  -10.113 14.309  1.00 136.52 ? 84  GLN A O   1 
ATOM   641 C CB  . GLN A 1 88  ? -1.511  -10.187 17.060  1.00 119.44 ? 84  GLN A CB  1 
ATOM   642 C CG  . GLN A 1 88  ? -2.175  -10.611 18.349  1.00 133.19 ? 84  GLN A CG  1 
ATOM   643 C CD  . GLN A 1 88  ? -3.190  -11.721 18.154  1.00 138.52 ? 84  GLN A CD  1 
ATOM   644 O OE1 . GLN A 1 88  ? -3.903  -11.766 17.150  1.00 141.91 ? 84  GLN A OE1 1 
ATOM   645 N NE2 . GLN A 1 88  ? -3.251  -12.632 19.115  1.00 131.53 ? 84  GLN A NE2 1 
ATOM   646 N N   . ARG A 1 89  ? -1.759  -11.651 14.101  1.00 143.56 ? 85  ARG A N   1 
ATOM   647 C CA  . ARG A 1 89  ? -2.030  -11.343 12.694  1.00 128.60 ? 85  ARG A CA  1 
ATOM   648 C C   . ARG A 1 89  ? -3.090  -10.256 12.523  1.00 123.93 ? 85  ARG A C   1 
ATOM   649 O O   . ARG A 1 89  ? -4.181  -10.352 13.080  1.00 198.88 ? 85  ARG A O   1 
ATOM   650 C CB  . ARG A 1 89  ? -2.472  -12.605 11.938  1.00 65.67  ? 85  ARG A CB  1 
ATOM   651 C CG  . ARG A 1 89  ? -1.480  -13.116 10.903  1.00 65.67  ? 85  ARG A CG  1 
ATOM   652 C CD  . ARG A 1 89  ? -0.400  -13.981 11.539  1.00 65.67  ? 85  ARG A CD  1 
ATOM   653 N N   . TYR A 1 90  ? -2.766  -9.231  11.738  1.00 104.03 ? 86  TYR A N   1 
ATOM   654 C CA  . TYR A 1 90  ? -3.730  -8.182  11.406  1.00 86.60  ? 86  TYR A CA  1 
ATOM   655 C C   . TYR A 1 90  ? -3.644  -7.812  9.930   1.00 72.44  ? 86  TYR A C   1 
ATOM   656 O O   . TYR A 1 90  ? -2.665  -8.141  9.261   1.00 73.43  ? 86  TYR A O   1 
ATOM   657 C CB  . TYR A 1 90  ? -3.508  -6.937  12.265  1.00 84.57  ? 86  TYR A CB  1 
ATOM   658 C CG  . TYR A 1 90  ? -3.752  -7.147  13.737  1.00 102.74 ? 86  TYR A CG  1 
ATOM   659 C CD1 . TYR A 1 90  ? -5.021  -7.441  14.215  1.00 95.98  ? 86  TYR A CD1 1 
ATOM   660 C CD2 . TYR A 1 90  ? -2.717  -7.029  14.651  1.00 119.24 ? 86  TYR A CD2 1 
ATOM   661 C CE1 . TYR A 1 90  ? -5.252  -7.625  15.569  1.00 100.57 ? 86  TYR A CE1 1 
ATOM   662 C CE2 . TYR A 1 90  ? -2.935  -7.207  16.002  1.00 129.26 ? 86  TYR A CE2 1 
ATOM   663 C CZ  . TYR A 1 90  ? -4.203  -7.506  16.456  1.00 124.98 ? 86  TYR A CZ  1 
ATOM   664 O OH  . TYR A 1 90  ? -4.424  -7.685  17.801  1.00 133.36 ? 86  TYR A OH  1 
ATOM   665 N N   . SER A 1 91  ? -4.661  -7.117  9.429   1.00 54.23  ? 87  SER A N   1 
ATOM   666 C CA  . SER A 1 91  ? -4.714  -6.789  8.010   1.00 57.93  ? 87  SER A CA  1 
ATOM   667 C C   . SER A 1 91  ? -5.092  -5.338  7.744   1.00 65.61  ? 87  SER A C   1 
ATOM   668 O O   . SER A 1 91  ? -5.764  -4.694  8.550   1.00 69.07  ? 87  SER A O   1 
ATOM   669 C CB  . SER A 1 91  ? -5.704  -7.708  7.291   1.00 74.08  ? 87  SER A CB  1 
ATOM   670 O OG  . SER A 1 91  ? -7.031  -7.435  7.696   1.00 84.66  ? 87  SER A OG  1 
ATOM   671 N N   . MET A 1 92  ? -4.647  -4.832  6.600   1.00 68.13  ? 88  MET A N   1 
ATOM   672 C CA  . MET A 1 92  ? -5.049  -3.516  6.132   1.00 55.56  ? 88  MET A CA  1 
ATOM   673 C C   . MET A 1 92  ? -5.177  -3.540  4.616   1.00 49.56  ? 88  MET A C   1 
ATOM   674 O O   . MET A 1 92  ? -4.407  -4.210  3.929   1.00 57.85  ? 88  MET A O   1 
ATOM   675 C CB  . MET A 1 92  ? -4.052  -2.445  6.577   1.00 65.07  ? 88  MET A CB  1 
ATOM   676 C CG  . MET A 1 92  ? -2.623  -2.680  6.123   1.00 69.85  ? 88  MET A CG  1 
ATOM   677 S SD  . MET A 1 92  ? -1.564  -1.276  6.511   1.00 62.32  ? 88  MET A SD  1 
ATOM   678 C CE  . MET A 1 92  ? -1.701  -1.235  8.295   1.00 72.16  ? 88  MET A CE  1 
ATOM   679 N N   . GLU A 1 93  ? -6.162  -2.817  4.097   1.00 44.27  ? 89  GLU A N   1 
ATOM   680 C CA  . GLU A 1 93  ? -6.415  -2.810  2.665   1.00 47.13  ? 89  GLU A CA  1 
ATOM   681 C C   . GLU A 1 93  ? -5.779  -1.604  1.982   1.00 42.93  ? 89  GLU A C   1 
ATOM   682 O O   . GLU A 1 93  ? -5.878  -0.478  2.467   1.00 47.59  ? 89  GLU A O   1 
ATOM   683 C CB  . GLU A 1 93  ? -7.920  -2.835  2.395   1.00 62.44  ? 89  GLU A CB  1 
ATOM   684 C CG  . GLU A 1 93  ? -8.592  -4.149  2.762   1.00 88.67  ? 89  GLU A CG  1 
ATOM   685 C CD  . GLU A 1 93  ? -10.086 -4.126  2.506   1.00 103.44 ? 89  GLU A CD  1 
ATOM   686 O OE1 . GLU A 1 93  ? -10.651 -3.017  2.414   1.00 66.41  ? 89  GLU A OE1 1 
ATOM   687 O OE2 . GLU A 1 93  ? -10.692 -5.214  2.390   1.00 136.49 1 89  GLU A OE2 1 
ATOM   688 N N   . PHE A 1 94  ? -5.121  -1.859  0.856   1.00 47.74  ? 90  PHE A N   1 
ATOM   689 C CA  . PHE A 1 94  ? -4.509  -0.802  0.060   1.00 39.15  ? 90  PHE A CA  1 
ATOM   690 C C   . PHE A 1 94  ? -5.292  -0.575  -1.227  1.00 40.35  ? 90  PHE A C   1 
ATOM   691 O O   . PHE A 1 94  ? -5.248  -1.394  -2.142  1.00 48.47  ? 90  PHE A O   1 
ATOM   692 C CB  . PHE A 1 94  ? -3.054  -1.143  -0.272  1.00 38.78  ? 90  PHE A CB  1 
ATOM   693 C CG  . PHE A 1 94  ? -2.147  -1.172  0.921   1.00 38.87  ? 90  PHE A CG  1 
ATOM   694 C CD1 . PHE A 1 94  ? -2.001  -2.327  1.667   1.00 64.87  ? 90  PHE A CD1 1 
ATOM   695 C CD2 . PHE A 1 94  ? -1.432  -0.045  1.290   1.00 55.01  ? 90  PHE A CD2 1 
ATOM   696 C CE1 . PHE A 1 94  ? -1.163  -2.357  2.762   1.00 69.56  ? 90  PHE A CE1 1 
ATOM   697 C CE2 . PHE A 1 94  ? -0.592  -0.071  2.384   1.00 58.06  ? 90  PHE A CE2 1 
ATOM   698 C CZ  . PHE A 1 94  ? -0.458  -1.228  3.121   1.00 43.05  ? 90  PHE A CZ  1 
ATOM   699 N N   . HIS A 1 95  ? -6.003  0.544   -1.294  1.00 38.19  ? 91  HIS A N   1 
ATOM   700 C CA  . HIS A 1 95  ? -6.791  0.882   -2.472  1.00 34.85  ? 91  HIS A CA  1 
ATOM   701 C C   . HIS A 1 95  ? -6.024  1.827   -3.390  1.00 33.39  ? 91  HIS A C   1 
ATOM   702 O O   . HIS A 1 95  ? -5.834  2.999   -3.072  1.00 42.67  ? 91  HIS A O   1 
ATOM   703 C CB  . HIS A 1 95  ? -8.121  1.510   -2.059  1.00 34.79  ? 91  HIS A CB  1 
ATOM   704 C CG  . HIS A 1 95  ? -9.012  0.584   -1.290  1.00 36.85  ? 91  HIS A CG  1 
ATOM   705 N ND1 . HIS A 1 95  ? -10.298 0.287   -1.694  1.00 36.86  ? 91  HIS A ND1 1 
ATOM   706 C CD2 . HIS A 1 95  ? -8.805  -0.111  -0.150  1.00 47.81  ? 91  HIS A CD2 1 
ATOM   707 C CE1 . HIS A 1 95  ? -10.843 -0.549  -0.830  1.00 41.77  ? 91  HIS A CE1 1 
ATOM   708 N NE2 . HIS A 1 95  ? -9.962  -0.809  0.116   1.00 51.49  ? 91  HIS A NE2 1 
ATOM   709 N N   . PHE A 1 96  ? -5.585  1.309   -4.532  1.00 32.50  ? 92  PHE A N   1 
ATOM   710 C CA  . PHE A 1 96  ? -4.789  2.090   -5.471  1.00 34.06  ? 92  PHE A CA  1 
ATOM   711 C C   . PHE A 1 96  ? -5.616  2.639   -6.631  1.00 35.94  ? 92  PHE A C   1 
ATOM   712 O O   . PHE A 1 96  ? -6.446  1.934   -7.200  1.00 38.02  ? 92  PHE A O   1 
ATOM   713 C CB  . PHE A 1 96  ? -3.643  1.243   -6.030  1.00 33.98  ? 92  PHE A CB  1 
ATOM   714 C CG  . PHE A 1 96  ? -2.702  0.722   -4.984  1.00 34.06  ? 92  PHE A CG  1 
ATOM   715 C CD1 . PHE A 1 96  ? -1.673  1.513   -4.498  1.00 42.06  ? 92  PHE A CD1 1 
ATOM   716 C CD2 . PHE A 1 96  ? -2.835  -0.566  -4.499  1.00 36.70  ? 92  PHE A CD2 1 
ATOM   717 C CE1 . PHE A 1 96  ? -0.802  1.030   -3.541  1.00 41.93  ? 92  PHE A CE1 1 
ATOM   718 C CE2 . PHE A 1 96  ? -1.967  -1.054  -3.544  1.00 41.30  ? 92  PHE A CE2 1 
ATOM   719 C CZ  . PHE A 1 96  ? -0.949  -0.255  -3.063  1.00 45.79  ? 92  PHE A CZ  1 
ATOM   720 N N   . GLU A 1 97  ? -5.390  3.904   -6.972  1.00 46.70  ? 93  GLU A N   1 
ATOM   721 C CA  . GLU A 1 97  ? -5.868  4.454   -8.237  1.00 42.22  ? 93  GLU A CA  1 
ATOM   722 C C   . GLU A 1 97  ? -4.670  4.622   -9.164  1.00 39.21  ? 93  GLU A C   1 
ATOM   723 O O   . GLU A 1 97  ? -3.768  5.412   -8.887  1.00 46.37  ? 93  GLU A O   1 
ATOM   724 C CB  . GLU A 1 97  ? -6.596  5.786   -8.037  1.00 57.00  ? 93  GLU A CB  1 
ATOM   725 C CG  . GLU A 1 97  ? -8.022  5.650   -7.519  1.00 70.82  ? 93  GLU A CG  1 
ATOM   726 C CD  . GLU A 1 97  ? -8.938  6.750   -8.028  1.00 98.29  ? 93  GLU A CD  1 
ATOM   727 O OE1 . GLU A 1 97  ? -8.543  7.468   -8.972  1.00 81.29  ? 93  GLU A OE1 1 
ATOM   728 O OE2 . GLU A 1 97  ? -10.054 6.892   -7.486  1.00 128.28 1 93  GLU A OE2 1 
ATOM   729 N N   . VAL A 1 98  ? -4.662  3.869   -10.260 1.00 40.01  ? 94  VAL A N   1 
ATOM   730 C CA  . VAL A 1 98  ? -3.490  3.783   -11.125 1.00 40.43  ? 94  VAL A CA  1 
ATOM   731 C C   . VAL A 1 98  ? -3.672  4.520   -12.448 1.00 49.99  ? 94  VAL A C   1 
ATOM   732 O O   . VAL A 1 98  ? -4.619  4.261   -13.193 1.00 57.30  ? 94  VAL A O   1 
ATOM   733 C CB  . VAL A 1 98  ? -3.134  2.315   -11.426 1.00 44.75  ? 94  VAL A CB  1 
ATOM   734 C CG1 . VAL A 1 98  ? -1.875  2.238   -12.273 1.00 83.68  ? 94  VAL A CG1 1 
ATOM   735 C CG2 . VAL A 1 98  ? -2.961  1.537   -10.132 1.00 62.04  ? 94  VAL A CG2 1 
ATOM   736 N N   . GLU A 1 99  ? -2.754  5.443   -12.730 1.00 42.83  ? 95  GLU A N   1 
ATOM   737 C CA  . GLU A 1 99  ? -2.755  6.186   -13.985 1.00 38.62  ? 95  GLU A CA  1 
ATOM   738 C C   . GLU A 1 99  ? -1.338  6.311   -14.535 1.00 48.67  ? 95  GLU A C   1 
ATOM   739 O O   . GLU A 1 99  ? -0.393  6.556   -13.781 1.00 51.57  ? 95  GLU A O   1 
ATOM   740 C CB  . GLU A 1 99  ? -3.360  7.581   -13.798 1.00 60.95  ? 95  GLU A CB  1 
ATOM   741 C CG  . GLU A 1 99  ? -4.754  7.604   -13.192 1.00 86.54  ? 95  GLU A CG  1 
ATOM   742 C CD  . GLU A 1 99  ? -5.198  9.004   -12.807 1.00 95.85  ? 95  GLU A CD  1 
ATOM   743 O OE1 . GLU A 1 99  ? -5.361  9.849   -13.711 1.00 102.08 ? 95  GLU A OE1 1 
ATOM   744 O OE2 . GLU A 1 99  ? -5.376  9.258   -11.596 1.00 101.55 1 95  GLU A OE2 1 
ATOM   745 N N   . ASN A 1 100 ? -1.200  6.136   -15.847 1.00 46.96  ? 96  ASN A N   1 
ATOM   746 C CA  . ASN A 1 100 ? 0.078   6.314   -16.534 1.00 61.62  ? 96  ASN A CA  1 
ATOM   747 C C   . ASN A 1 100 ? 1.205   5.449   -15.973 1.00 57.40  ? 96  ASN A C   1 
ATOM   748 O O   . ASN A 1 100 ? 2.336   5.913   -15.815 1.00 78.29  ? 96  ASN A O   1 
ATOM   749 C CB  . ASN A 1 100 ? 0.490   7.787   -16.498 1.00 50.75  ? 96  ASN A CB  1 
ATOM   750 C CG  . ASN A 1 100 ? -0.398  8.661   -17.367 1.00 67.43  ? 96  ASN A CG  1 
ATOM   751 O OD1 . ASN A 1 100 ? -0.678  8.326   -18.518 1.00 96.04  ? 96  ASN A OD1 1 
ATOM   752 N ND2 . ASN A 1 100 ? -0.846  9.784   -16.817 1.00 74.15  ? 96  ASN A ND2 1 
ATOM   753 N N   . GLY A 1 101 ? 0.889   4.193   -15.672 1.00 60.12  ? 97  GLY A N   1 
ATOM   754 C CA  . GLY A 1 101 ? 1.884   3.236   -15.225 1.00 48.15  ? 97  GLY A CA  1 
ATOM   755 C C   . GLY A 1 101 ? 2.384   3.464   -13.812 1.00 54.66  ? 97  GLY A C   1 
ATOM   756 O O   . GLY A 1 101 ? 3.237   2.727   -13.320 1.00 44.71  ? 97  GLY A O   1 
ATOM   757 N N   . LYS A 1 102 ? 1.854   4.492   -13.158 1.00 47.96  ? 98  LYS A N   1 
ATOM   758 C CA  . LYS A 1 102 ? 2.230   4.801   -11.785 1.00 45.82  ? 98  LYS A CA  1 
ATOM   759 C C   . LYS A 1 102 ? 0.991   4.867   -10.905 1.00 49.65  ? 98  LYS A C   1 
ATOM   760 O O   . LYS A 1 102 ? -0.134  4.814   -11.404 1.00 60.89  ? 98  LYS A O   1 
ATOM   761 C CB  . LYS A 1 102 ? 3.004   6.121   -11.717 1.00 65.92  ? 98  LYS A CB  1 
ATOM   762 N N   . VAL A 1 103 ? 1.195   4.980   -9.598  1.00 44.56  ? 99  VAL A N   1 
ATOM   763 C CA  . VAL A 1 103 ? 0.079   5.066   -8.667  1.00 41.91  ? 99  VAL A CA  1 
ATOM   764 C C   . VAL A 1 103 ? -0.192  6.517   -8.284  1.00 45.21  ? 99  VAL A C   1 
ATOM   765 O O   . VAL A 1 103 ? 0.620   7.154   -7.615  1.00 46.25  ? 99  VAL A O   1 
ATOM   766 C CB  . VAL A 1 103 ? 0.335   4.238   -7.399  1.00 41.01  ? 99  VAL A CB  1 
ATOM   767 C CG1 . VAL A 1 103 ? -0.896  4.246   -6.520  1.00 41.58  ? 99  VAL A CG1 1 
ATOM   768 C CG2 . VAL A 1 103 ? 0.718   2.812   -7.767  1.00 39.61  ? 99  VAL A CG2 1 
ATOM   769 N N   . ARG A 1 104 ? -1.338  7.032   -8.719  1.00 41.70  ? 100 ARG A N   1 
ATOM   770 C CA  . ARG A 1 104 ? -1.696  8.428   -8.493  1.00 41.45  ? 100 ARG A CA  1 
ATOM   771 C C   . ARG A 1 104 ? -2.249  8.675   -7.095  1.00 41.72  ? 100 ARG A C   1 
ATOM   772 O O   . ARG A 1 104 ? -1.998  9.720   -6.498  1.00 43.36  ? 100 ARG A O   1 
ATOM   773 C CB  . ARG A 1 104 ? -2.716  8.882   -9.538  1.00 46.52  ? 100 ARG A CB  1 
ATOM   774 C CG  . ARG A 1 104 ? -2.116  9.148   -10.906 1.00 70.72  ? 100 ARG A CG  1 
ATOM   775 C CD  . ARG A 1 104 ? -1.076  10.253  -10.833 1.00 74.08  ? 100 ARG A CD  1 
ATOM   776 N NE  . ARG A 1 104 ? -1.635  11.480  -10.276 1.00 93.38  ? 100 ARG A NE  1 
ATOM   777 C CZ  . ARG A 1 104 ? -0.910  12.453  -9.737  1.00 96.45  ? 100 ARG A CZ  1 
ATOM   778 N NH1 . ARG A 1 104 ? 0.410   12.339  -9.675  1.00 95.23  1 100 ARG A NH1 1 
ATOM   779 N NH2 . ARG A 1 104 ? -1.503  13.537  -9.254  1.00 84.64  ? 100 ARG A NH2 1 
ATOM   780 N N   . ARG A 1 105 ? -3.005  7.712   -6.580  1.00 48.43  ? 101 ARG A N   1 
ATOM   781 C CA  . ARG A 1 105 ? -3.647  7.854   -5.279  1.00 45.00  ? 101 ARG A CA  1 
ATOM   782 C C   . ARG A 1 105 ? -3.722  6.515   -4.545  1.00 42.52  ? 101 ARG A C   1 
ATOM   783 O O   . ARG A 1 105 ? -4.055  5.489   -5.139  1.00 41.09  ? 101 ARG A O   1 
ATOM   784 C CB  . ARG A 1 105 ? -5.051  8.442   -5.444  1.00 47.48  ? 101 ARG A CB  1 
ATOM   785 C CG  . ARG A 1 105 ? -5.826  8.581   -4.146  1.00 71.72  ? 101 ARG A CG  1 
ATOM   786 C CD  . ARG A 1 105 ? -7.299  8.843   -4.406  1.00 89.65  ? 101 ARG A CD  1 
ATOM   787 N NE  . ARG A 1 105 ? -8.097  8.712   -3.189  1.00 114.52 ? 101 ARG A NE  1 
ATOM   788 C CZ  . ARG A 1 105 ? -9.412  8.526   -3.176  1.00 109.59 ? 101 ARG A CZ  1 
ATOM   789 N NH1 . ARG A 1 105 ? -10.085 8.442   -4.316  1.00 79.17  1 101 ARG A NH1 1 
ATOM   790 N NH2 . ARG A 1 105 ? -10.057 8.416   -2.021  1.00 120.45 ? 101 ARG A NH2 1 
ATOM   791 N N   . VAL A 1 106 ? -3.398  6.537   -3.253  1.00 45.77  ? 102 VAL A N   1 
ATOM   792 C CA  . VAL A 1 106 ? -3.485  5.354   -2.399  1.00 44.47  ? 102 VAL A CA  1 
ATOM   793 C C   . VAL A 1 106 ? -4.349  5.629   -1.173  1.00 46.56  ? 102 VAL A C   1 
ATOM   794 O O   . VAL A 1 106 ? -4.138  6.618   -0.473  1.00 52.27  ? 102 VAL A O   1 
ATOM   795 C CB  . VAL A 1 106 ? -2.095  4.893   -1.905  1.00 44.95  ? 102 VAL A CB  1 
ATOM   796 C CG1 . VAL A 1 106 ? -2.189  3.509   -1.278  1.00 49.97  ? 102 VAL A CG1 1 
ATOM   797 C CG2 . VAL A 1 106 ? -1.082  4.902   -3.037  1.00 45.91  ? 102 VAL A CG2 1 
ATOM   798 N N   . GLU A 1 107 ? -5.320  4.760   -0.908  1.00 43.80  ? 103 GLU A N   1 
ATOM   799 C CA  . GLU A 1 107 ? -6.064  4.831   0.347   1.00 43.70  ? 103 GLU A CA  1 
ATOM   800 C C   . GLU A 1 107 ? -5.788  3.590   1.183   1.00 42.59  ? 103 GLU A C   1 
ATOM   801 O O   . GLU A 1 107 ? -5.961  2.464   0.719   1.00 43.98  ? 103 GLU A O   1 
ATOM   802 C CB  . GLU A 1 107 ? -7.568  4.977   0.103   1.00 41.83  ? 103 GLU A CB  1 
ATOM   803 C CG  . GLU A 1 107 ? -8.385  5.068   1.392   1.00 46.35  ? 103 GLU A CG  1 
ATOM   804 C CD  . GLU A 1 107 ? -9.874  5.226   1.140   1.00 52.85  ? 103 GLU A CD  1 
ATOM   805 O OE1 . GLU A 1 107 ? -10.300 5.093   -0.028  1.00 47.82  ? 103 GLU A OE1 1 
ATOM   806 O OE2 . GLU A 1 107 ? -10.620 5.484   2.110   1.00 58.04  1 103 GLU A OE2 1 
ATOM   807 N N   . ILE A 1 108 ? -5.351  3.805   2.416   1.00 41.87  ? 104 ILE A N   1 
ATOM   808 C CA  . ILE A 1 108 ? -5.037  2.706   3.316   1.00 40.88  ? 104 ILE A CA  1 
ATOM   809 C C   . ILE A 1 108 ? -6.112  2.565   4.385   1.00 40.83  ? 104 ILE A C   1 
ATOM   810 O O   . ILE A 1 108 ? -6.174  3.357   5.322   1.00 43.77  ? 104 ILE A O   1 
ATOM   811 C CB  . ILE A 1 108 ? -3.667  2.908   3.988   1.00 41.65  ? 104 ILE A CB  1 
ATOM   812 C CG1 . ILE A 1 108 ? -2.572  3.030   2.927   1.00 41.75  ? 104 ILE A CG1 1 
ATOM   813 C CG2 . ILE A 1 108 ? -3.365  1.766   4.947   1.00 42.84  ? 104 ILE A CG2 1 
ATOM   814 C CD1 . ILE A 1 108 ? -1.188  3.227   3.498   1.00 45.96  ? 104 ILE A CD1 1 
ATOM   815 N N   . ARG A 1 109 ? -6.966  1.560   4.237   1.00 43.50  ? 105 ARG A N   1 
ATOM   816 C CA  . ARG A 1 109 ? -8.016  1.315   5.214   1.00 45.12  ? 105 ARG A CA  1 
ATOM   817 C C   . ARG A 1 109 ? -7.520  0.290   6.228   1.00 49.72  ? 105 ARG A C   1 
ATOM   818 O O   . ARG A 1 109 ? -7.066  -0.791  5.857   1.00 53.50  ? 105 ARG A O   1 
ATOM   819 C CB  . ARG A 1 109 ? -9.297  0.853   4.518   1.00 40.20  ? 105 ARG A CB  1 
ATOM   820 C CG  . ARG A 1 109 ? -9.911  1.919   3.619   1.00 41.47  ? 105 ARG A CG  1 
ATOM   821 C CD  . ARG A 1 109 ? -11.227 1.460   3.030   1.00 46.65  ? 105 ARG A CD  1 
ATOM   822 N NE  . ARG A 1 109 ? -11.775 2.442   2.101   1.00 55.29  ? 105 ARG A NE  1 
ATOM   823 C CZ  . ARG A 1 109 ? -12.903 2.273   1.421   1.00 66.73  ? 105 ARG A CZ  1 
ATOM   824 N NH1 . ARG A 1 109 ? -13.606 1.157   1.566   1.00 75.14  1 105 ARG A NH1 1 
ATOM   825 N NH2 . ARG A 1 109 ? -13.329 3.218   0.595   1.00 143.15 ? 105 ARG A NH2 1 
ATOM   826 N N   . ILE A 1 110 ? -7.585  0.649   7.506   1.00 46.38  ? 106 ILE A N   1 
ATOM   827 C CA  . ILE A 1 110 ? -6.993  -0.161  8.565   1.00 59.29  ? 106 ILE A CA  1 
ATOM   828 C C   . ILE A 1 110 ? -8.060  -0.639  9.544   1.00 66.24  ? 106 ILE A C   1 
ATOM   829 O O   . ILE A 1 110 ? -8.988  0.096   9.874   1.00 71.36  ? 106 ILE A O   1 
ATOM   830 C CB  . ILE A 1 110 ? -5.902  0.629   9.318   1.00 81.13  ? 106 ILE A CB  1 
ATOM   831 C CG1 . ILE A 1 110 ? -4.882  1.194   8.329   1.00 120.66 ? 106 ILE A CG1 1 
ATOM   832 C CG2 . ILE A 1 110 ? -5.212  -0.246  10.352  1.00 100.69 ? 106 ILE A CG2 1 
ATOM   833 C CD1 . ILE A 1 110 ? -3.750  1.956   8.991   1.00 164.86 ? 106 ILE A CD1 1 
ATOM   834 N N   . SER A 1 111 ? -7.915  -1.882  9.993   1.00 73.31  ? 107 SER A N   1 
ATOM   835 C CA  . SER A 1 111 ? -8.871  -2.520  10.885  1.00 73.00  ? 107 SER A CA  1 
ATOM   836 C C   . SER A 1 111 ? -8.911  -1.844  12.253  1.00 73.25  ? 107 SER A C   1 
ATOM   837 O O   . SER A 1 111 ? -7.898  -1.324  12.718  1.00 83.85  ? 107 SER A O   1 
ATOM   838 C CB  . SER A 1 111 ? -8.521  -3.998  11.037  1.00 73.30  ? 107 SER A CB  1 
ATOM   839 O OG  . SER A 1 111 ? -7.454  -4.179  11.949  1.00 73.97  ? 107 SER A OG  1 
ATOM   840 N N   . PRO A 1 112 ? -10.090 -1.849  12.896  1.00 75.03  ? 108 PRO A N   1 
ATOM   841 C CA  . PRO A 1 112 ? -10.303 -1.230  14.210  1.00 75.26  ? 108 PRO A CA  1 
ATOM   842 C C   . PRO A 1 112 ? -9.301  -1.674  15.275  1.00 90.96  ? 108 PRO A C   1 
ATOM   843 O O   . PRO A 1 112 ? -8.858  -0.843  16.065  1.00 94.51  ? 108 PRO A O   1 
ATOM   844 C CB  . PRO A 1 112 ? -11.712 -1.688  14.581  1.00 75.21  ? 108 PRO A CB  1 
ATOM   845 C CG  . PRO A 1 112 ? -12.392 -1.893  13.269  1.00 75.96  ? 108 PRO A CG  1 
ATOM   846 C CD  . PRO A 1 112 ? -11.334 -2.422  12.350  1.00 74.64  ? 108 PRO A CD  1 
ATOM   847 N N   . THR A 1 113 ? -8.959  -2.959  15.304  1.00 81.51  ? 109 THR A N   1 
ATOM   848 C CA  . THR A 1 113 ? -8.017  -3.470  16.295  1.00 83.31  ? 109 THR A CA  1 
ATOM   849 C C   . THR A 1 113 ? -6.605  -3.006  15.972  1.00 95.90  ? 109 THR A C   1 
ATOM   850 O O   . THR A 1 113 ? -5.731  -2.980  16.831  1.00 111.27 ? 109 THR A O   1 
ATOM   851 C CB  . THR A 1 113 ? -8.042  -5.007  16.365  1.00 78.37  ? 109 THR A CB  1 
ATOM   852 O OG1 . THR A 1 113 ? -7.728  -5.556  15.079  1.00 96.35  ? 109 THR A OG1 1 
ATOM   853 C CG2 . THR A 1 113 ? -9.414  -5.498  16.793  1.00 77.86  ? 109 THR A CG2 1 
ATOM   854 N N   . MET A 1 114 ? -6.396  -2.636  14.714  1.00 84.41  ? 110 MET A N   1 
ATOM   855 C CA  . MET A 1 114 ? -5.091  -2.187  14.230  1.00 91.45  ? 110 MET A CA  1 
ATOM   856 C C   . MET A 1 114 ? -5.091  -0.660  14.100  1.00 105.22 ? 110 MET A C   1 
ATOM   857 O O   . MET A 1 114 ? -4.268  -0.075  13.399  1.00 142.88 ? 110 MET A O   1 
ATOM   858 C CB  . MET A 1 114 ? -4.768  -2.873  12.887  1.00 111.88 ? 110 MET A CB  1 
ATOM   859 C CG  . MET A 1 114 ? -3.365  -2.678  12.338  1.00 136.37 ? 110 MET A CG  1 
ATOM   860 S SD  . MET A 1 114 ? -2.066  -2.934  13.571  1.00 149.38 ? 110 MET A SD  1 
ATOM   861 C CE  . MET A 1 114 ? -0.626  -2.421  12.613  1.00 117.81 ? 110 MET A CE  1 
ATOM   862 N N   . LYS A 1 115 ? -6.027  -0.019  14.793  1.00 101.13 ? 111 LYS A N   1 
ATOM   863 C CA  . LYS A 1 115 ? -6.244  1.416   14.625  1.00 119.27 ? 111 LYS A CA  1 
ATOM   864 C C   . LYS A 1 115 ? -5.713  2.265   15.783  1.00 135.41 ? 111 LYS A C   1 
ATOM   865 O O   . LYS A 1 115 ? -5.824  3.493   15.755  1.00 127.44 ? 111 LYS A O   1 
ATOM   866 C CB  . LYS A 1 115 ? -7.738  1.707   14.433  1.00 109.15 ? 111 LYS A CB  1 
ATOM   867 N N   . LYS A 1 116 ? -5.136  1.622   16.794  1.00 131.00 ? 112 LYS A N   1 
ATOM   868 C CA  . LYS A 1 116 ? -4.652  2.350   17.966  1.00 126.07 ? 112 LYS A CA  1 
ATOM   869 C C   . LYS A 1 116 ? -3.131  2.502   17.955  1.00 119.91 ? 112 LYS A C   1 
ATOM   870 O O   . LYS A 1 116 ? -2.610  3.608   18.096  1.00 118.34 ? 112 LYS A O   1 
ATOM   871 C CB  . LYS A 1 116 ? -5.099  1.657   19.255  1.00 141.67 ? 112 LYS A CB  1 
ATOM   872 N N   . LEU A 1 117 ? -2.423  1.391   17.778  1.00 122.07 ? 113 LEU A N   1 
ATOM   873 C CA  . LEU A 1 117 ? -0.963  1.406   17.774  1.00 126.01 ? 113 LEU A CA  1 
ATOM   874 C C   . LEU A 1 117 ? -0.397  2.081   16.526  1.00 116.29 ? 113 LEU A C   1 
ATOM   875 O O   . LEU A 1 117 ? 0.815   2.240   16.396  1.00 127.49 ? 113 LEU A O   1 
ATOM   876 C CB  . LEU A 1 117 ? -0.414  -0.019  17.877  1.00 155.03 ? 113 LEU A CB  1 
ATOM   877 C CG  . LEU A 1 117 ? -0.898  -0.889  19.036  1.00 144.23 ? 113 LEU A CG  1 
ATOM   878 C CD1 . LEU A 1 117 ? -0.453  -2.329  18.838  1.00 125.81 ? 113 LEU A CD1 1 
ATOM   879 C CD2 . LEU A 1 117 ? -0.393  -0.353  20.367  1.00 145.20 ? 113 LEU A CD2 1 
ATOM   880 N N   . MET A 1 118 ? -1.273  2.485   15.611  1.00 99.68  ? 114 MET A N   1 
ATOM   881 C CA  . MET A 1 118 ? -0.831  2.972   14.309  1.00 116.00 ? 114 MET A CA  1 
ATOM   882 C C   . MET A 1 118 ? -0.712  4.488   14.207  1.00 122.72 ? 114 MET A C   1 
ATOM   883 O O   . MET A 1 118 ? -0.380  5.019   13.149  1.00 123.88 ? 114 MET A O   1 
ATOM   884 C CB  . MET A 1 118 ? -1.766  2.455   13.220  1.00 122.69 ? 114 MET A CB  1 
ATOM   885 C CG  . MET A 1 118 ? -1.405  1.054   12.784  1.00 148.46 ? 114 MET A CG  1 
ATOM   886 S SD  . MET A 1 118 ? 0.342   0.954   12.388  1.00 173.70 ? 114 MET A SD  1 
ATOM   887 C CE  . MET A 1 118 ? 0.291   1.173   10.609  1.00 143.94 ? 114 MET A CE  1 
ATOM   888 N N   . LYS A 1 119 ? -0.969  5.186   15.307  1.00 129.57 ? 115 LYS A N   1 
ATOM   889 C CA  . LYS A 1 119 ? -0.690  6.614   15.367  1.00 122.59 ? 115 LYS A CA  1 
ATOM   890 C C   . LYS A 1 119 ? 0.821   6.826   15.343  1.00 121.97 ? 115 LYS A C   1 
ATOM   891 O O   . LYS A 1 119 ? 1.306   7.921   15.057  1.00 98.62  ? 115 LYS A O   1 
ATOM   892 C CB  . LYS A 1 119 ? -1.304  7.241   16.619  1.00 125.41 ? 115 LYS A CB  1 
ATOM   893 N N   . GLN A 1 120 ? 1.556   5.756   15.634  1.00 125.19 ? 116 GLN A N   1 
ATOM   894 C CA  . GLN A 1 120 ? 3.014   5.779   15.680  1.00 125.69 ? 116 GLN A CA  1 
ATOM   895 C C   . GLN A 1 120 ? 3.629   5.555   14.301  1.00 121.79 ? 116 GLN A C   1 
ATOM   896 O O   . GLN A 1 120 ? 4.686   4.938   14.177  1.00 118.17 ? 116 GLN A O   1 
ATOM   897 C CB  . GLN A 1 120 ? 3.532   4.717   16.655  1.00 129.91 ? 116 GLN A CB  1 
ATOM   898 C CG  . GLN A 1 120 ? 3.332   5.044   18.131  1.00 134.78 ? 116 GLN A CG  1 
ATOM   899 C CD  . GLN A 1 120 ? 1.873   5.084   18.543  1.00 110.97 ? 116 GLN A CD  1 
ATOM   900 O OE1 . GLN A 1 120 ? 1.235   4.044   18.713  1.00 108.76 ? 116 GLN A OE1 1 
ATOM   901 N NE2 . GLN A 1 120 ? 1.336   6.288   18.710  1.00 87.58  ? 116 GLN A NE2 1 
ATOM   902 N N   . ILE A 1 121 ? 2.958   6.056   13.269  1.00 109.15 ? 117 ILE A N   1 
ATOM   903 C CA  . ILE A 1 121 ? 3.439   5.927   11.899  1.00 112.42 ? 117 ILE A CA  1 
ATOM   904 C C   . ILE A 1 121 ? 3.416   7.278   11.195  1.00 99.51  ? 117 ILE A C   1 
ATOM   905 O O   . ILE A 1 121 ? 4.362   7.656   10.503  1.00 93.77  ? 117 ILE A O   1 
ATOM   906 C CB  . ILE A 1 121 ? 2.594   4.914   11.100  1.00 108.66 ? 117 ILE A CB  1 
ATOM   907 C CG1 . ILE A 1 121 ? 2.710   3.522   11.719  1.00 114.94 ? 117 ILE A CG1 1 
ATOM   908 C CG2 . ILE A 1 121 ? 3.021   4.880   9.639   1.00 93.56  ? 117 ILE A CG2 1 
ATOM   909 C CD1 . ILE A 1 121 ? 4.091   2.917   11.621  1.00 108.13 ? 117 ILE A CD1 1 
HETATM 910 C C1  . PEG B 2 .   ? 1.418   8.700   7.615   1.00 84.06  ? 201 PEG A C1  1 
HETATM 911 O O1  . PEG B 2 .   ? 1.577   10.038  7.990   1.00 84.06  ? 201 PEG A O1  1 
HETATM 912 C C2  . PEG B 2 .   ? 0.299   8.061   8.431   1.00 84.06  ? 201 PEG A C2  1 
HETATM 913 O O2  . PEG B 2 .   ? -0.556  9.054   8.916   1.00 84.06  ? 201 PEG A O2  1 
HETATM 914 C C3  . PEG B 2 .   ? -0.781  8.996   10.296  1.00 84.06  ? 201 PEG A C3  1 
HETATM 915 C C4  . PEG B 2 .   ? -1.929  8.033   10.596  1.00 84.06  ? 201 PEG A C4  1 
HETATM 916 O O4  . PEG B 2 .   ? -1.429  6.736   10.763  1.00 84.06  ? 201 PEG A O4  1 
HETATM 917 O O   . HOH C 3 .   ? 2.924   9.366   15.584  1.00 111.19 ? 301 HOH A O   1 
HETATM 918 O O   . HOH C 3 .   ? 9.856   -7.858  6.677   1.00 93.97  ? 302 HOH A O   1 
# 
loop_
_atom_site_anisotrop.id 
_atom_site_anisotrop.type_symbol 
_atom_site_anisotrop.pdbx_label_atom_id 
_atom_site_anisotrop.pdbx_label_alt_id 
_atom_site_anisotrop.pdbx_label_comp_id 
_atom_site_anisotrop.pdbx_label_asym_id 
_atom_site_anisotrop.pdbx_label_seq_id 
_atom_site_anisotrop.pdbx_PDB_ins_code 
_atom_site_anisotrop.U[1][1] 
_atom_site_anisotrop.U[2][2] 
_atom_site_anisotrop.U[3][3] 
_atom_site_anisotrop.U[1][2] 
_atom_site_anisotrop.U[1][3] 
_atom_site_anisotrop.U[2][3] 
_atom_site_anisotrop.pdbx_auth_seq_id 
_atom_site_anisotrop.pdbx_auth_comp_id 
_atom_site_anisotrop.pdbx_auth_asym_id 
_atom_site_anisotrop.pdbx_auth_atom_id 
1   N N   . MET A 4   ? 1.4372 1.2317 1.0838 -0.1127 0.1687  -0.0789 0   MET A N   
2   C CA  . MET A 4   ? 1.3680 1.1788 1.0455 -0.1106 0.2038  -0.0823 0   MET A CA  
3   C C   . MET A 4   ? 1.3810 1.1747 1.0559 -0.1032 0.2299  -0.0974 0   MET A C   
4   O O   . MET A 4   ? 1.1915 0.9622 0.8439 -0.0980 0.2204  -0.1043 0   MET A O   
5   C CB  . MET A 4   ? 1.1752 1.0174 0.9063 -0.0929 0.2060  -0.0684 0   MET A CB  
6   C CG  . MET A 4   ? 1.2350 1.0943 0.9725 -0.0957 0.1767  -0.0524 0   MET A CG  
7   S SD  . MET A 4   ? 1.0960 0.9923 0.8977 -0.0744 0.1806  -0.0367 0   MET A SD  
8   C CE  . MET A 4   ? 0.7963 0.6824 0.6166 -0.0482 0.1873  -0.0405 0   MET A CE  
9   N N   . THR A 5   ? 1.3205 1.1260 1.0195 -0.1027 0.2630  -0.1027 1   THR A N   
10  C CA  . THR A 5   ? 1.1489 0.9420 0.8528 -0.0938 0.2903  -0.1161 1   THR A CA  
11  C C   . THR A 5   ? 1.0693 0.8721 0.8132 -0.0672 0.2917  -0.1101 1   THR A C   
12  O O   . THR A 5   ? 1.0161 0.8442 0.7980 -0.0563 0.2868  -0.0968 1   THR A O   
13  C CB  . THR A 5   ? 1.1756 0.9786 0.8927 -0.1027 0.3259  -0.1243 1   THR A CB  
14  O OG1 . THR A 5   ? 1.5487 1.3402 1.2254 -0.1282 0.3254  -0.1308 1   THR A OG1 
15  C CG2 . THR A 5   ? 1.4093 1.2032 1.1414 -0.0909 0.3454  -0.1345 1   THR A CG2 
16  N N   . GLN A 6   ? 1.1967 0.9790 0.9316 -0.0569 0.2983  -0.1200 2   GLN A N   
17  C CA  . GLN A 6   ? 0.9864 0.7742 0.7551 -0.0321 0.2996  -0.1153 2   GLN A CA  
18  C C   . GLN A 6   ? 1.0448 0.8576 0.8639 -0.0201 0.3269  -0.1119 2   GLN A C   
19  O O   . GLN A 6   ? 0.9971 0.8241 0.8529 -0.0002 0.3238  -0.1023 2   GLN A O   
20  C CB  . GLN A 6   ? 0.9390 0.7034 0.6932 -0.0257 0.2978  -0.1249 2   GLN A CB  
21  C CG  . GLN A 6   ? 1.0796 0.8226 0.7936 -0.0324 0.2667  -0.1260 2   GLN A CG  
22  C CD  . GLN A 6   ? 1.0239 0.7693 0.7391 -0.0216 0.2440  -0.1160 2   GLN A CD  
23  O OE1 . GLN A 6   ? 1.0941 0.8299 0.7792 -0.0310 0.2156  -0.1131 2   GLN A OE1 
24  N NE2 . GLN A 6   ? 0.7203 0.4842 0.4791 -0.0014 0.2485  -0.1063 2   GLN A NE2 
25  N N   . GLU A 7   ? 0.8200 0.6376 0.6404 -0.0322 0.3536  -0.1203 3   GLU A N   
26  C CA  . GLU A 7   ? 1.0082 0.8516 0.8774 -0.0233 0.3767  -0.1168 3   GLU A CA  
27  C C   . GLU A 7   ? 0.8284 0.7004 0.7263 -0.0210 0.3658  -0.1011 3   GLU A C   
28  O O   . GLU A 7   ? 0.8333 0.7270 0.7774 -0.0045 0.3744  -0.0933 3   GLU A O   
29  C CB  . GLU A 7   ? 1.2100 1.0543 1.0762 -0.0387 0.3910  -0.1250 3   GLU A CB  
30  N N   . GLU A 8   ? 0.9450 0.8173 0.8161 -0.0379 0.3436  -0.0956 4   GLU A N   
31  C CA  . GLU A 8   ? 0.9527 0.8514 0.8475 -0.0378 0.3271  -0.0796 4   GLU A CA  
32  C C   . GLU A 8   ? 0.8335 0.7369 0.7451 -0.0187 0.3008  -0.0665 4   GLU A C   
33  O O   . GLU A 8   ? 0.7670 0.6957 0.7185 -0.0069 0.2969  -0.0539 4   GLU A O   
34  C CB  . GLU A 8   ? 1.1007 0.9957 0.9587 -0.0620 0.3100  -0.0780 4   GLU A CB  
35  C CG  . GLU A 8   ? 1.1288 1.0190 0.9674 -0.0827 0.3345  -0.0903 4   GLU A CG  
36  C CD  . GLU A 8   ? 1.3157 1.1997 1.1149 -0.1068 0.3160  -0.0885 4   GLU A CD  
37  O OE1 . GLU A 8   ? 1.3540 1.2356 1.1393 -0.1071 0.2837  -0.0785 4   GLU A OE1 
38  O OE2 . GLU A 8   ? 1.6146 1.4956 1.3965 -0.1256 0.3337  -0.0971 4   GLU A OE2 
39  N N   . VAL A 9   ? 1.0237 0.9027 0.9045 -0.0159 0.2829  -0.0699 5   VAL A N   
40  C CA  . VAL A 9   ? 0.7897 0.6698 0.6822 0.0016  0.2582  -0.0592 5   VAL A CA  
41  C C   . VAL A 9   ? 0.8925 0.7829 0.8292 0.0255  0.2754  -0.0569 5   VAL A C   
42  O O   . VAL A 9   ? 0.9069 0.8127 0.8729 0.0412  0.2613  -0.0437 5   VAL A O   
43  C CB  . VAL A 9   ? 0.6238 0.4736 0.4732 -0.0008 0.2385  -0.0658 5   VAL A CB  
44  C CG1 . VAL A 9   ? 0.5633 0.4147 0.4262 0.0177  0.2146  -0.0552 5   VAL A CG1 
45  C CG2 . VAL A 9   ? 0.8127 0.6515 0.6181 -0.0240 0.2193  -0.0675 5   VAL A CG2 
46  N N   . ARG A 10  ? 0.7404 0.6217 0.6812 0.0280  0.3054  -0.0700 6   ARG A N   
47  C CA  . ARG A 10  ? 0.7291 0.6185 0.7109 0.0497  0.3245  -0.0693 6   ARG A CA  
48  C C   . ARG A 10  ? 0.7071 0.6289 0.7363 0.0552  0.3372  -0.0601 6   ARG A C   
49  O O   . ARG A 10  ? 0.7362 0.6720 0.8056 0.0752  0.3405  -0.0523 6   ARG A O   
50  C CB  . ARG A 10  ? 1.1600 1.0301 1.1315 0.0496  0.3537  -0.0866 6   ARG A CB  
51  N N   . LYS A 11  ? 0.7617 0.6949 0.7859 0.0371  0.3444  -0.0614 7   LYS A N   
52  C CA  . LYS A 11  ? 0.8075 0.7721 0.8750 0.0398  0.3563  -0.0536 7   LYS A CA  
53  C C   . LYS A 11  ? 0.7286 0.7132 0.8190 0.0497  0.3288  -0.0353 7   LYS A C   
54  O O   . LYS A 11  ? 0.7173 0.7232 0.8534 0.0663  0.3345  -0.0268 7   LYS A O   
55  C CB  . LYS A 11  ? 0.8379 0.8087 0.8899 0.0161  0.3680  -0.0594 7   LYS A CB  
56  N N   . ILE A 12  ? 0.6877 0.6649 0.7462 0.0394  0.2986  -0.0293 8   ILE A N   
57  C CA  . ILE A 12  ? 0.6428 0.6374 0.7187 0.0474  0.2704  -0.0122 8   ILE A CA  
58  C C   . ILE A 12  ? 0.6302 0.6225 0.7278 0.0718  0.2619  -0.0057 8   ILE A C   
59  O O   . ILE A 12  ? 0.5999 0.6140 0.7341 0.0857  0.2529  0.0076  8   ILE A O   
60  C CB  . ILE A 12  ? 0.5375 0.5212 0.5712 0.0313  0.2392  -0.0085 8   ILE A CB  
61  C CG1 . ILE A 12  ? 1.0514 1.0322 1.0571 0.0060  0.2479  -0.0162 8   ILE A CG1 
62  C CG2 . ILE A 12  ? 0.5862 0.5908 0.6402 0.0381  0.2116  0.0094  8   ILE A CG2 
63  C CD1 . ILE A 12  ? 1.3688 1.3791 1.4068 0.0005  0.2611  -0.0107 8   ILE A CD1 
64  N N   . MET A 13  ? 0.8502 0.8163 0.9250 0.0767  0.2650  -0.0155 9   MET A N   
65  C CA  . MET A 13  ? 0.7333 0.6933 0.8234 0.0986  0.2577  -0.0109 9   MET A CA  
66  C C   . MET A 13  ? 0.6654 0.6440 0.8071 0.1176  0.2795  -0.0072 9   MET A C   
67  O O   . MET A 13  ? 0.6723 0.6590 0.8404 0.1362  0.2686  0.0036  9   MET A O   
68  C CB  . MET A 13  ? 0.5832 0.5107 0.6378 0.0982  0.2612  -0.0244 9   MET A CB  
69  C CG  . MET A 13  ? 0.6442 0.5624 0.7105 0.1196  0.2546  -0.0212 9   MET A CG  
70  S SD  . MET A 13  ? 1.0486 0.9702 1.1556 0.1387  0.2900  -0.0268 9   MET A SD  
71  C CE  . MET A 13  ? 0.8521 0.7519 0.9271 0.1222  0.3182  -0.0482 9   MET A CE  
72  N N   . GLU A 14  ? 0.5673 0.5522 0.7233 0.1126  0.3103  -0.0164 10  GLU A N   
73  C CA  . GLU A 14  ? 0.5898 0.5930 0.7957 0.1294  0.3326  -0.0140 10  GLU A CA  
74  C C   . GLU A 14  ? 0.6649 0.7002 0.9083 0.1338  0.3225  0.0013  10  GLU A C   
75  O O   . GLU A 14  ? 0.7113 0.7613 0.9951 0.1533  0.3229  0.0105  10  GLU A O   
76  C CB  . GLU A 14  ? 0.6893 0.6910 0.8992 0.1213  0.3683  -0.0290 10  GLU A CB  
77  C CG  . GLU A 14  ? 0.8698 0.8410 1.0470 0.1181  0.3767  -0.0437 10  GLU A CG  
78  C CD  . GLU A 14  ? 0.8119 0.7742 0.9995 0.1343  0.3641  -0.0401 10  GLU A CD  
79  O OE1 . GLU A 14  ? 0.8687 0.8487 1.0929 0.1493  0.3577  -0.0285 10  GLU A OE1 
80  O OE2 . GLU A 14  ? 0.6862 0.6244 0.8445 0.1307  0.3594  -0.0487 10  GLU A OE2 
81  N N   . LYS A 15  ? 0.8408 0.8867 1.0706 0.1154  0.3131  0.0041  11  LYS A N   
82  C CA  . LYS A 15  ? 0.7621 0.8382 1.0240 0.1173  0.3018  0.0183  11  LYS A CA  
83  C C   . LYS A 15  ? 0.7015 0.7814 0.9713 0.1317  0.2708  0.0336  11  LYS A C   
84  O O   . LYS A 15  ? 0.6692 0.7730 0.9794 0.1446  0.2657  0.0458  11  LYS A O   
85  C CB  . LYS A 15  ? 0.7143 0.7969 0.9528 0.0932  0.2953  0.0178  11  LYS A CB  
86  C CG  . LYS A 15  ? 0.8880 0.9697 1.1202 0.0775  0.3257  0.0037  11  LYS A CG  
87  C CD  . LYS A 15  ? 1.2841 1.3730 1.4939 0.0538  0.3174  0.0048  11  LYS A CD  
88  C CE  . LYS A 15  ? 1.5465 1.6348 1.7496 0.0375  0.3480  -0.0094 11  LYS A CE  
89  N NZ  . LYS A 15  ? 1.4769 1.5721 1.6582 0.0139  0.3405  -0.0081 11  LYS A NZ  
90  N N   . LEU A 16  ? 0.7858 0.8424 1.0168 0.1291  0.2498  0.0324  12  LEU A N   
91  C CA  . LEU A 16  ? 0.7193 0.7766 0.9537 0.1422  0.2204  0.0454  12  LEU A CA  
92  C C   . LEU A 16  ? 0.7165 0.7744 0.9840 0.1668  0.2290  0.0487  12  LEU A C   
93  O O   . LEU A 16  ? 0.7706 0.8468 1.0708 0.1814  0.2170  0.0624  12  LEU A O   
94  C CB  . LEU A 16  ? 0.5033 0.5337 0.6873 0.1329  0.1981  0.0414  12  LEU A CB  
95  C CG  . LEU A 16  ? 0.4487 0.4770 0.5974 0.1093  0.1832  0.0402  12  LEU A CG  
96  C CD1 . LEU A 16  ? 0.4777 0.4772 0.5776 0.1017  0.1634  0.0343  12  LEU A CD1 
97  C CD2 . LEU A 16  ? 0.4958 0.5503 0.6642 0.1083  0.1621  0.0560  12  LEU A CD2 
98  N N   . LYS A 17  ? 0.6183 0.6559 0.8769 0.1711  0.2498  0.0359  13  LYS A N   
99  C CA  . LYS A 17  ? 0.6062 0.6419 0.8943 0.1938  0.2608  0.0375  13  LYS A CA  
100 C C   . LYS A 17  ? 0.7818 0.8460 1.1232 0.2048  0.2769  0.0442  13  LYS A C   
101 O O   . LYS A 17  ? 0.8410 0.9101 1.2019 0.2168  0.2650  0.0519  13  LYS A O   
102 C CB  . LYS A 17  ? 0.7335 0.7435 1.0032 0.1938  0.2841  0.0210  13  LYS A CB  
103 C CG  . LYS A 17  ? 0.8704 0.8739 1.1488 0.2030  0.2776  0.0215  13  LYS A CG  
104 C CD  . LYS A 17  ? 0.9146 0.8991 1.1733 0.1943  0.2939  0.0060  13  LYS A CD  
105 C CE  . LYS A 17  ? 1.0537 1.0121 1.2681 0.1843  0.2933  -0.0052 13  LYS A CE  
106 N NZ  . LYS A 17  ? 1.4646 1.4068 1.6609 0.1746  0.3070  -0.0193 13  LYS A NZ  
107 N N   . LYS A 18  ? 0.6991 0.7779 1.0486 0.1914  0.2933  0.0397  14  LYS A N   
108 C CA  . LYS A 18  ? 0.8779 0.9854 1.2772 0.1993  0.3085  0.0451  14  LYS A CA  
109 C C   . LYS A 18  ? 0.9072 1.0390 1.3286 0.2040  0.2832  0.0626  14  LYS A C   
110 O O   . LYS A 18  ? 1.1397 1.2899 1.5982 0.2153  0.2820  0.0705  14  LYS A O   
111 C CB  . LYS A 18  ? 0.8824 0.9980 1.2816 0.1821  0.3337  0.0339  14  LYS A CB  
112 N N   . ALA A 19  ? 0.8843 1.0122 1.2732 0.1909  0.2569  0.0675  15  ALA A N   
113 C CA  . ALA A 19  ? 0.8839 1.0332 1.2887 0.1935  0.2305  0.0838  15  ALA A CA  
114 C C   . ALA A 19  ? 0.9186 1.0669 1.3403 0.2154  0.2127  0.0954  15  ALA A C   
115 O O   . ALA A 19  ? 1.0839 1.2553 1.5435 0.2278  0.2049  0.1083  15  ALA A O   
116 C CB  . ALA A 19  ? 0.8222 0.9649 1.1853 0.1736  0.2071  0.0850  15  ALA A CB  
117 N N   . PHE A 20  ? 1.0726 1.1940 1.4657 0.2199  0.2063  0.0907  16  PHE A N   
118 C CA  . PHE A 20  ? 0.9032 1.0174 1.2993 0.2347  0.1865  0.0984  16  PHE A CA  
119 C C   . PHE A 20  ? 1.2547 1.3702 1.6682 0.2392  0.1940  0.0946  16  PHE A C   
120 O O   . PHE A 20  ? 1.5430 1.6662 1.9667 0.2442  0.1754  0.1023  16  PHE A O   
121 C CB  . PHE A 20  ? 0.7881 0.8709 1.1430 0.2338  0.1784  0.0909  16  PHE A CB  
122 C CG  . PHE A 20  ? 0.5278 0.6035 0.8495 0.2239  0.1535  0.0947  16  PHE A CG  
123 C CD1 . PHE A 20  ? 0.4675 0.5485 0.7902 0.2312  0.1231  0.1082  16  PHE A CD1 
124 C CD2 . PHE A 20  ? 0.5946 0.6561 0.8769 0.2029  0.1567  0.0829  16  PHE A CD2 
125 C CE1 . PHE A 20  ? 0.4629 0.5358 0.7491 0.2179  0.0966  0.1097  16  PHE A CE1 
126 C CE2 . PHE A 20  ? 0.4351 0.4879 0.6805 0.1896  0.1298  0.0847  16  PHE A CE2 
127 C CZ  . PHE A 20  ? 0.4322 0.4909 0.6801 0.1972  0.0999  0.0980  16  PHE A CZ  
128 N N   . LYS A 21  ? 1.0369 1.1443 1.4515 0.2363  0.2209  0.0820  17  LYS A N   
129 C CA  . LYS A 21  ? 1.2308 1.3378 1.6603 0.2406  0.2286  0.0781  17  LYS A CA  
130 C C   . LYS A 21  ? 1.1410 1.2754 1.6087 0.2446  0.2288  0.0865  17  LYS A C   
131 O O   . LYS A 21  ? 1.0984 1.2360 1.5769 0.2516  0.2170  0.0912  17  LYS A O   
132 C CB  . LYS A 21  ? 1.3034 1.3974 1.7250 0.2347  0.2562  0.0630  17  LYS A CB  
133 N N   . GLN A 22  ? 1.2099 1.3640 1.6969 0.2393  0.2426  0.0874  18  GLN A N   
134 C CA  . GLN A 22  ? 1.2557 1.4372 1.7796 0.2416  0.2442  0.0942  18  GLN A CA  
135 C C   . GLN A 22  ? 1.0994 1.2933 1.6306 0.2471  0.2146  0.1089  18  GLN A C   
136 O O   . GLN A 22  ? 1.2231 1.4327 1.7792 0.2518  0.2094  0.1144  18  GLN A O   
137 C CB  . GLN A 22  ? 1.3827 1.5834 1.9221 0.2319  0.2646  0.0913  18  GLN A CB  
138 C CG  . GLN A 22  ? 1.3947 1.5843 1.9254 0.2234  0.2946  0.0748  18  GLN A CG  
139 C CD  . GLN A 22  ? 1.4473 1.6543 1.9859 0.2098  0.3141  0.0705  18  GLN A CD  
140 O OE1 . GLN A 22  ? 1.3323 1.5602 1.8827 0.2067  0.3056  0.0806  18  GLN A OE1 
141 N NE2 . GLN A 22  ? 1.3936 1.5921 1.9237 0.2000  0.3396  0.0554  18  GLN A NE2 
142 N N   . GLY A 23  ? 1.1037 1.2894 1.6110 0.2457  0.1944  0.1145  19  GLY A N   
143 C CA  . GLY A 23  ? 1.1009 1.2957 1.6080 0.2479  0.1641  0.1269  19  GLY A CA  
144 C C   . GLY A 23  ? 1.1478 1.3722 1.6807 0.2441  0.1615  0.1366  19  GLY A C   
145 O O   . GLY A 23  ? 1.1299 1.3665 1.6707 0.2454  0.1404  0.1457  19  GLY A O   
146 N N   . ASN A 24  ? 1.0989 1.3349 1.6431 0.2377  0.1837  0.1332  20  ASN A N   
147 C CA  . ASN A 24  ? 1.0901 1.3572 1.6599 0.2317  0.1840  0.1415  20  ASN A CA  
148 C C   . ASN A 24  ? 1.0000 1.2630 1.5369 0.2171  0.1686  0.1438  20  ASN A C   
149 O O   . ASN A 24  ? 1.0034 1.2477 1.5048 0.2014  0.1796  0.1309  20  ASN A O   
150 C CB  . ASN A 24  ? 1.1386 1.4204 1.7341 0.2263  0.2171  0.1323  20  ASN A CB  
151 N N   . PRO A 25  ? 1.0978 1.3721 1.6335 0.2170  0.1385  0.1573  21  PRO A N   
152 C CA  . PRO A 25  ? 1.0390 1.3044 1.5320 0.1984  0.1154  0.1583  21  PRO A CA  
153 C C   . PRO A 25  ? 0.9263 1.1988 1.4063 0.1755  0.1271  0.1508  21  PRO A C   
154 O O   . PRO A 25  ? 0.8464 1.1053 1.2845 0.1576  0.1145  0.1473  21  PRO A O   
155 C CB  . PRO A 25  ? 0.8841 1.1684 1.3950 0.2066  0.0854  0.1756  21  PRO A CB  
156 C CG  . PRO A 25  ? 0.9252 1.2062 1.4556 0.2235  0.0858  0.1766  21  PRO A CG  
157 C CD  . PRO A 25  ? 1.0086 1.2941 1.5660 0.2282  0.1200  0.1676  21  PRO A CD  
158 N N   . GLU A 26  ? 0.8261 1.1195 1.3420 0.1759  0.1507  0.1484  22  GLU A N   
159 C CA  . GLU A 26  ? 0.9144 1.2168 1.4221 0.1545  0.1638  0.1415  22  GLU A CA  
160 C C   . GLU A 26  ? 0.9012 1.1767 1.3659 0.1384  0.1799  0.1252  22  GLU A C   
161 O O   . GLU A 26  ? 0.8322 1.1033 1.2659 0.1168  0.1768  0.1207  22  GLU A O   
162 C CB  . GLU A 26  ? 0.9716 1.3014 1.5293 0.1602  0.1882  0.1411  22  GLU A CB  
163 N N   . GLN A 27  ? 0.8796 1.1366 1.3423 0.1489  0.1969  0.1163  23  GLN A N   
164 C CA  . GLN A 27  ? 0.9187 1.1500 1.3434 0.1354  0.2141  0.1001  23  GLN A CA  
165 C C   . GLN A 27  ? 0.8113 1.0162 1.1830 0.1252  0.1901  0.0989  23  GLN A C   
166 O O   . GLN A 27  ? 0.7831 0.9690 1.1161 0.1078  0.1973  0.0872  23  GLN A O   
167 C CB  . GLN A 27  ? 1.0613 1.2811 1.5016 0.1509  0.2390  0.0912  23  GLN A CB  
168 N N   . ILE A 28  ? 0.9828 1.1871 1.3535 0.1360  0.1615  0.1108  24  ILE A N   
169 C CA  . ILE A 28  ? 0.8345 1.0150 1.1586 0.1284  0.1366  0.1102  24  ILE A CA  
170 C C   . ILE A 28  ? 0.6439 0.8282 0.9406 0.1066  0.1187  0.1130  24  ILE A C   
171 O O   . ILE A 28  ? 0.7097 0.8726 0.9622 0.0900  0.1155  0.1040  24  ILE A O   
172 C CB  . ILE A 28  ? 0.8190 0.9984 1.1518 0.1470  0.1113  0.1222  24  ILE A CB  
173 C CG1 . ILE A 28  ? 0.8950 1.0677 1.2515 0.1683  0.1277  0.1196  24  ILE A CG1 
174 C CG2 . ILE A 28  ? 0.9054 1.0614 1.1906 0.1382  0.0851  0.1213  24  ILE A CG2 
175 C CD1 . ILE A 28  ? 0.9054 1.0751 1.2688 0.1864  0.1045  0.1307  24  ILE A CD1 
176 N N   . VAL A 29  ? 0.5758 0.7874 0.8993 0.1070  0.1068  0.1254  25  VAL A N   
177 C CA  . VAL A 29  ? 0.7227 0.9402 1.0241 0.0876  0.0879  0.1298  25  VAL A CA  
178 C C   . VAL A 29  ? 0.5528 0.7642 0.8307 0.0650  0.1075  0.1175  25  VAL A C   
179 O O   . VAL A 29  ? 0.7015 0.9029 0.9419 0.0460  0.0934  0.1159  25  VAL A O   
180 C CB  . VAL A 29  ? 1.3176 1.5683 1.6583 0.0927  0.0765  0.1446  25  VAL A CB  
181 C CG1 . VAL A 29  ? 1.3210 1.5772 1.6378 0.0725  0.0562  0.1492  25  VAL A CG1 
182 C CG2 . VAL A 29  ? 1.2909 1.5481 1.6551 0.1151  0.0570  0.1571  25  VAL A CG2 
183 N N   . SER A 30  ? 0.5667 0.7839 0.8667 0.0671  0.1401  0.1088  26  SER A N   
184 C CA  . SER A 30  ? 0.6100 0.8222 0.8906 0.0463  0.1620  0.0964  26  SER A CA  
185 C C   . SER A 30  ? 0.5930 0.7707 0.8220 0.0350  0.1634  0.0836  26  SER A C   
186 O O   . SER A 30  ? 0.6895 0.8583 0.8906 0.0146  0.1742  0.0741  26  SER A O   
187 C CB  . SER A 30  ? 1.0168 1.2440 1.3365 0.0531  0.1970  0.0898  26  SER A CB  
188 O OG  . SER A 30  ? 1.0788 1.2936 1.4097 0.0711  0.2104  0.0845  26  SER A OG  
189 N N   . LEU A 31  ? 0.7313 0.8898 0.9481 0.0482  0.1525  0.0832  27  LEU A N   
190 C CA  . LEU A 31  ? 0.7274 0.8530 0.8976 0.0398  0.1529  0.0709  27  LEU A CA  
191 C C   . LEU A 31  ? 0.5840 0.6948 0.7146 0.0309  0.1187  0.0757  27  LEU A C   
192 O O   . LEU A 31  ? 0.5893 0.6731 0.6765 0.0202  0.1148  0.0659  27  LEU A O   
193 C CB  . LEU A 31  ? 0.7423 0.8535 0.9218 0.0592  0.1648  0.0654  27  LEU A CB  
194 C CG  . LEU A 31  ? 0.8916 1.0101 1.1031 0.0673  0.2011  0.0572  27  LEU A CG  
195 C CD1 . LEU A 31  ? 0.9288 1.0324 1.1485 0.0873  0.2083  0.0535  27  LEU A CD1 
196 C CD2 . LEU A 31  ? 1.0284 1.1364 1.2148 0.0471  0.2243  0.0425  27  LEU A CD2 
197 N N   . LEU A 32  ? 0.5067 0.5572 0.6953 0.0513  0.0179  0.1999  28  LEU A N   
198 C CA  . LEU A 32  ? 0.5213 0.5653 0.7100 0.0517  0.0130  0.1980  28  LEU A CA  
199 C C   . LEU A 32  ? 0.5164 0.5875 0.7441 0.0479  0.0104  0.2000  28  LEU A C   
200 O O   . LEU A 32  ? 0.6525 0.7317 0.9008 0.0439  0.0026  0.2022  28  LEU A O   
201 C CB  . LEU A 32  ? 0.5934 0.5995 0.7591 0.0528  -0.0069 0.1944  28  LEU A CB  
202 C CG  . LEU A 32  ? 0.5634 0.5327 0.6814 0.0535  -0.0057 0.1925  28  LEU A CG  
203 C CD1 . LEU A 32  ? 0.6883 0.6215 0.7874 0.0536  -0.0264 0.1895  28  LEU A CD1 
204 C CD2 . LEU A 32  ? 0.7381 0.7070 0.8323 0.0527  0.0151  0.1921  28  LEU A CD2 
205 N N   . SER A 33  ? 0.4091 0.4909 0.6432 0.0484  0.0176  0.1995  29  SER A N   
206 C CA  . SER A 33  ? 0.3310 0.4301 0.5937 0.0434  0.0139  0.2006  29  SER A CA  
207 C C   . SER A 33  ? 0.5238 0.6040 0.7898 0.0428  -0.0084 0.1966  29  SER A C   
208 O O   . SER A 33  ? 0.5382 0.5927 0.7837 0.0473  -0.0192 0.1924  29  SER A O   
209 C CB  . SER A 33  ? 0.3545 0.4650 0.6189 0.0452  0.0255  0.1996  29  SER A CB  
210 O OG  . SER A 33  ? 0.4926 0.6117 0.7774 0.0395  0.0199  0.1996  29  SER A OG  
211 N N   . PRO A 34  ? 0.4842 0.5755 0.7737 0.0366  -0.0144 0.1985  30  PRO A N   
212 C CA  . PRO A 34  ? 0.4029 0.4798 0.6977 0.0359  -0.0336 0.1951  30  PRO A CA  
213 C C   . PRO A 34  ? 0.5194 0.5814 0.8047 0.0407  -0.0424 0.1884  30  PRO A C   
214 O O   . PRO A 34  ? 0.6336 0.6757 0.9114 0.0429  -0.0580 0.1844  30  PRO A O   
215 C CB  . PRO A 34  ? 0.3909 0.4850 0.7107 0.0277  -0.0322 0.1997  30  PRO A CB  
216 C CG  . PRO A 34  ? 0.5707 0.6835 0.8968 0.0235  -0.0154 0.2068  30  PRO A CG  
217 C CD  . PRO A 34  ? 0.5986 0.7134 0.9077 0.0291  -0.0022 0.2053  30  PRO A CD  
218 N N   . ASP A 35  ? 0.5025 0.5744 0.7884 0.0424  -0.0322 0.1870  31  ASP A N   
219 C CA  . ASP A 35  ? 0.4220 0.4825 0.7022 0.0478  -0.0394 0.1801  31  ASP A CA  
220 C C   . ASP A 35  ? 0.4174 0.4717 0.6776 0.0544  -0.0279 0.1794  31  ASP A C   
221 O O   . ASP A 35  ? 0.4114 0.4733 0.6749 0.0586  -0.0213 0.1757  31  ASP A O   
222 C CB  . ASP A 35  ? 0.5277 0.6031 0.8265 0.0453  -0.0387 0.1774  31  ASP A CB  
223 C CG  . ASP A 35  ? 0.7428 0.8193 1.0576 0.0386  -0.0497 0.1792  31  ASP A CG  
224 O OD1 . ASP A 35  ? 0.6200 0.6820 0.9325 0.0385  -0.0634 0.1783  31  ASP A OD1 
225 O OD2 . ASP A 35  ? 0.8319 0.9220 1.1599 0.0333  -0.0444 0.1820  31  ASP A OD2 
226 N N   . VAL A 36  ? 0.4928 0.5320 0.7307 0.0555  -0.0249 0.1829  32  VAL A N   
227 C CA  . VAL A 36  ? 0.5000 0.5261 0.7097 0.0602  -0.0112 0.1845  32  VAL A CA  
228 C C   . VAL A 36  ? 0.3760 0.3777 0.5588 0.0581  -0.0181 0.1668  32  VAL A C   
229 O O   . VAL A 36  ? 0.4476 0.4261 0.6279 0.0581  -0.0383 0.1666  32  VAL A O   
230 C CB  . VAL A 36  ? 0.4186 0.4280 0.6010 0.0581  -0.0075 0.1882  32  VAL A CB  
231 C CG1 . VAL A 36  ? 0.4297 0.4145 0.6057 0.0564  -0.0298 0.1857  32  VAL A CG1 
232 C CG2 . VAL A 36  ? 0.4495 0.4412 0.5828 0.0544  0.0099  0.1762  32  VAL A CG2 
233 N N   . ARG A 37  ? 0.4015 0.4096 0.5614 0.0544  -0.0005 0.1481  33  ARG A N   
234 C CA  . ARG A 37  ? 0.4199 0.4085 0.5501 0.0497  -0.0034 0.1251  33  ARG A CA  
235 C C   . ARG A 37  ? 0.4714 0.4334 0.5457 0.0419  0.0076  0.1124  33  ARG A C   
236 O O   . ARG A 37  ? 0.5159 0.4853 0.5687 0.0390  0.0289  0.1097  33  ARG A O   
237 C CB  . ARG A 37  ? 0.5502 0.5617 0.6894 0.0498  0.0080  0.1095  33  ARG A CB  
238 C CG  . ARG A 37  ? 0.7784 0.8142 0.9704 0.0567  -0.0037 0.1211  33  ARG A CG  
239 C CD  . ARG A 37  ? 0.9618 1.0194 1.1614 0.0574  0.0077  0.1054  33  ARG A CD  
240 N NE  . ARG A 37  ? 1.4121 1.4549 1.5875 0.0538  0.0049  0.0795  33  ARG A NE  
241 C CZ  . ARG A 37  ? 1.7780 1.8359 1.9555 0.0539  0.0130  0.0604  33  ARG A CZ  
242 N NH1 . ARG A 37  ? 1.8825 1.9690 2.0840 0.0576  0.0239  0.0650  33  ARG A NH1 
243 N NH2 . ARG A 37  ? 2.0970 2.1412 2.2525 0.0502  0.0101  0.0361  33  ARG A NH2 
244 N N   . VAL A 38  ? 0.4712 0.4013 0.5211 0.0381  -0.0074 0.1050  34  VAL A N   
245 C CA  . VAL A 38  ? 0.4143 0.3144 0.4084 0.0296  0.0001  0.0936  34  VAL A CA  
246 C C   . VAL A 38  ? 0.5347 0.4198 0.4952 0.0216  0.0028  0.0668  34  VAL A C   
247 O O   . VAL A 38  ? 0.6548 0.5325 0.6276 0.0224  -0.0143 0.0607  34  VAL A O   
248 C CB  . VAL A 38  ? 0.5796 0.4495 0.5651 0.0301  -0.0191 0.1070  34  VAL A CB  
249 C CG1 . VAL A 38  ? 0.6158 0.4521 0.5407 0.0205  -0.0121 0.0954  34  VAL A CG1 
250 C CG2 . VAL A 38  ? 0.5835 0.4693 0.6037 0.0379  -0.0220 0.1321  34  VAL A CG2 
251 N N   . LYS A 39  ? 0.6312 0.5123 0.5489 0.0132  0.0244  0.0503  35  LYS A N   
252 C CA  . LYS A 39  ? 0.5487 0.4163 0.4297 0.0037  0.0299  0.0228  35  LYS A CA  
253 C C   . LYS A 39  ? 0.5783 0.4105 0.3985 -0.0078 0.0354  0.0144  35  LYS A C   
254 O O   . LYS A 39  ? 0.6247 0.4564 0.4188 -0.0117 0.0531  0.0159  35  LYS A O   
255 C CB  . LYS A 39  ? 0.4855 0.3831 0.3699 0.0026  0.0520  0.0059  35  LYS A CB  
256 C CG  . LYS A 39  ? 0.6040 0.4908 0.4499 -0.0082 0.0604  -0.0249 35  LYS A CG  
257 C CD  . LYS A 39  ? 0.6325 0.5509 0.4845 -0.0085 0.0821  -0.0419 35  LYS A CD  
258 C CE  . LYS A 39  ? 0.7972 0.7068 0.6123 -0.0197 0.0907  -0.0745 35  LYS A CE  
259 N NZ  . LYS A 39  ? 1.0762 0.9545 0.8296 -0.0334 0.1006  -0.0832 35  LYS A NZ  
260 N N   . VAL A 40  ? 0.6406 0.4418 0.4376 -0.0137 0.0196  0.0057  36  VAL A N   
261 C CA  . VAL A 40  ? 0.6023 0.3660 0.3382 -0.0263 0.0227  -0.0040 36  VAL A CA  
262 C C   . VAL A 40  ? 0.7441 0.4967 0.4463 -0.0380 0.0276  -0.0333 36  VAL A C   
263 O O   . VAL A 40  ? 0.9764 0.7102 0.6762 -0.0402 0.0096  -0.0393 36  VAL A O   
264 C CB  . VAL A 40  ? 0.6158 0.3456 0.3459 -0.0249 -0.0017 0.0122  36  VAL A CB  
265 C CG1 . VAL A 40  ? 0.8847 0.5732 0.5484 -0.0388 0.0010  0.0018  36  VAL A CG1 
266 C CG2 . VAL A 40  ? 0.9151 0.6565 0.6804 -0.0134 -0.0074 0.0399  36  VAL A CG2 
267 N N   . GLY A 41  ? 0.9068 0.6724 0.5834 -0.0457 0.0524  -0.0522 37  GLY A N   
268 C CA  . GLY A 41  ? 0.8792 0.6402 0.5268 -0.0570 0.0598  -0.0822 37  GLY A CA  
269 C C   . GLY A 41  ? 0.7417 0.5317 0.4367 -0.0488 0.0536  -0.0915 37  GLY A C   
270 O O   . GLY A 41  ? 0.7931 0.6179 0.5278 -0.0392 0.0614  -0.0862 37  GLY A O   
271 N N   . ASN A 42  ? 0.7617 0.5368 0.4524 -0.0528 0.0388  -0.1052 38  ASN A N   
272 C CA  . ASN A 42  ? 0.6847 0.4837 0.4187 -0.0452 0.0303  -0.1154 38  ASN A CA  
273 C C   . ASN A 42  ? 0.6701 0.4698 0.4533 -0.0320 0.0037  -0.0920 38  ASN A C   
274 O O   . ASN A 42  ? 0.8796 0.6897 0.6950 -0.0264 -0.0097 -0.0986 38  ASN A O   
275 C CB  . ASN A 42  ? 0.9545 0.7397 0.6585 -0.0570 0.0297  -0.1459 38  ASN A CB  
276 C CG  . ASN A 42  ? 1.5237 1.2658 1.1895 -0.0662 0.0145  -0.1441 38  ASN A CG  
277 O OD1 . ASN A 42  ? 1.8104 1.5286 1.4492 -0.0696 0.0135  -0.1278 38  ASN A OD1 
278 N ND2 . ASN A 42  ? 1.7089 1.4404 1.3722 -0.0705 0.0018  -0.1611 38  ASN A ND2 
279 N N   . GLN A 43  ? 0.6335 0.4224 0.4224 -0.0270 -0.0039 -0.0650 39  GLN A N   
280 C CA  . GLN A 43  ? 0.5469 0.3353 0.3802 -0.0154 -0.0286 -0.0415 39  GLN A CA  
281 C C   . GLN A 43  ? 0.5511 0.3661 0.4250 -0.0042 -0.0249 -0.0171 39  GLN A C   
282 O O   . GLN A 43  ? 0.6956 0.5107 0.5520 -0.0059 -0.0108 -0.0080 39  GLN A O   
283 C CB  . GLN A 43  ? 0.6398 0.3884 0.4463 -0.0198 -0.0460 -0.0316 39  GLN A CB  
284 C CG  . GLN A 43  ? 1.0822 0.8294 0.9328 -0.0083 -0.0711 -0.0066 39  GLN A CG  
285 C CD  . GLN A 43  ? 1.2479 0.9547 1.0719 -0.0126 -0.0900 0.0004  39  GLN A CD  
286 O OE1 . GLN A 43  ? 1.0326 0.7111 0.8079 -0.0247 -0.0881 -0.0164 39  GLN A OE1 
287 N NE2 . GLN A 43  ? 1.6727 1.3766 1.5285 -0.0035 -0.1083 0.0248  39  GLN A NE2 
288 N N   . GLU A 44  ? 0.6177 0.4548 0.5452 0.0067  -0.0378 -0.0066 40  GLU A N   
289 C CA  . GLU A 44  ? 0.4871 0.3511 0.4563 0.0168  -0.0355 0.0163  40  GLU A CA  
290 C C   . GLU A 44  ? 0.4360 0.2977 0.4470 0.0256  -0.0608 0.0392  40  GLU A C   
291 O O   . GLU A 44  ? 0.5740 0.4295 0.6018 0.0277  -0.0793 0.0347  40  GLU A O   
292 C CB  . GLU A 44  ? 0.4893 0.3891 0.4860 0.0210  -0.0226 0.0071  40  GLU A CB  
293 C CG  . GLU A 44  ? 0.7011 0.6090 0.6623 0.0132  0.0044  -0.0145 40  GLU A CG  
294 C CD  . GLU A 44  ? 1.1056 1.0496 1.0973 0.0186  0.0158  -0.0219 40  GLU A CD  
295 O OE1 . GLU A 44  ? 1.1574 1.1204 1.1973 0.0284  0.0042  -0.0067 40  GLU A OE1 
296 O OE2 . GLU A 44  ? 1.3449 1.2981 1.3120 0.0127  0.0363  -0.0433 40  GLU A OE2 
297 N N   . PHE A 45  ? 0.3981 0.2651 0.4258 0.0305  -0.0616 0.0631  41  PHE A N   
298 C CA  . PHE A 45  ? 0.3898 0.2600 0.4611 0.0389  -0.0834 0.0857  41  PHE A CA  
299 C C   . PHE A 45  ? 0.4117 0.3096 0.5151 0.0451  -0.0747 0.1066  41  PHE A C   
300 O O   . PHE A 45  ? 0.4244 0.3344 0.5119 0.0428  -0.0527 0.1042  41  PHE A O   
301 C CB  . PHE A 45  ? 0.5764 0.4121 0.6289 0.0368  -0.1014 0.0934  41  PHE A CB  
302 C CG  . PHE A 45  ? 0.7183 0.5386 0.7375 0.0331  -0.0911 0.1001  41  PHE A CG  
303 C CD1 . PHE A 45  ? 0.9435 0.7407 0.9068 0.0232  -0.0788 0.0826  41  PHE A CD1 
304 C CD2 . PHE A 45  ? 0.8675 0.6962 0.9110 0.0394  -0.0945 0.1231  41  PHE A CD2 
305 C CE1 . PHE A 45  ? 1.1033 0.8842 1.0347 0.0197  -0.0708 0.0888  41  PHE A CE1 
306 C CE2 . PHE A 45  ? 0.9103 0.7244 0.9240 0.0366  -0.0864 0.1286  41  PHE A CE2 
307 C CZ  . PHE A 45  ? 0.9897 0.7791 0.9470 0.0270  -0.0751 0.1118  41  PHE A CZ  
308 N N   . SER A 46  ? 0.5104 0.4188 0.6587 0.0521  -0.0914 0.1265  42  SER A N   
309 C CA  . SER A 46  ? 0.4607 0.3974 0.6429 0.0574  -0.0840 0.1461  42  SER A CA  
310 C C   . SER A 46  ? 0.4634 0.3989 0.6635 0.0586  -0.0971 0.1615  42  SER A C   
311 O O   . SER A 46  ? 0.5580 0.4742 0.7513 0.0569  -0.1132 0.1582  42  SER A O   
312 C CB  . SER A 46  ? 0.4157 0.3828 0.6351 0.0612  -0.0818 0.1457  42  SER A CB  
313 O OG  . SER A 46  ? 0.5818 0.5439 0.8264 0.0641  -0.1044 0.1457  42  SER A OG  
314 N N   . GLY A 47  ? 0.4830 0.4439 0.6954 0.0573  -0.0840 0.1679  43  GLY A N   
315 C CA  . GLY A 47  ? 0.6358 0.6023 0.8561 0.0539  -0.0885 0.1711  43  GLY A CA  
316 C C   . GLY A 47  ? 0.5791 0.5356 0.7783 0.0540  -0.0822 0.1754  43  GLY A C   
317 O O   . GLY A 47  ? 0.5909 0.5182 0.7588 0.0550  -0.0851 0.1743  43  GLY A O   
318 N N   . SER A 48  ? 0.3403 0.6879 1.0115 -0.0080 -0.0936 0.1305  44  SER A N   
319 C CA  . SER A 48  ? 0.3481 0.7084 1.0354 0.0084  -0.0824 0.1401  44  SER A CA  
320 C C   . SER A 48  ? 0.3571 0.7300 1.0555 0.0081  -0.0869 0.1435  44  SER A C   
321 O O   . SER A 48  ? 0.4348 0.8133 1.1377 0.0192  -0.0837 0.1463  44  SER A O   
322 C CB  . SER A 48  ? 0.3545 0.7309 1.0692 0.0229  -0.0587 0.1602  44  SER A CB  
323 O OG  . SER A 48  ? 0.5892 0.9824 1.3277 0.0193  -0.0531 0.1739  44  SER A OG  
324 N N   . GLU A 49  ? 0.3579 0.7351 1.0608 -0.0036 -0.0941 0.1437  45  GLU A N   
325 C CA  . GLU A 49  ? 0.3668 0.7566 1.0805 -0.0055 -0.0990 0.1469  45  GLU A CA  
326 C C   . GLU A 49  ? 0.3645 0.7395 1.0477 -0.0132 -0.1147 0.1284  45  GLU A C   
327 O O   . GLU A 49  ? 0.4118 0.7944 1.0985 -0.0087 -0.1168 0.1294  45  GLU A O   
328 C CB  . GLU A 49  ? 0.3968 0.7965 1.1266 -0.0147 -0.1001 0.1542  45  GLU A CB  
329 N N   . GLU A 50  ? 0.3818 0.7359 1.0341 -0.0240 -0.1242 0.1120  46  GLU A N   
330 C CA  . GLU A 50  ? 0.3841 0.7228 1.0022 -0.0309 -0.1360 0.0940  46  GLU A CA  
331 C C   . GLU A 50  ? 0.4075 0.7387 1.0116 -0.0231 -0.1367 0.0885  46  GLU A C   
332 O O   . GLU A 50  ? 0.5505 0.8779 1.1378 -0.0245 -0.1434 0.0801  46  GLU A O   
333 C CB  . GLU A 50  ? 0.4304 0.7483 1.0170 -0.0420 -0.1422 0.0791  46  GLU A CB  
334 C CG  . GLU A 50  ? 0.7057 1.0082 1.2540 -0.0480 -0.1505 0.0614  46  GLU A CG  
335 C CD  . GLU A 50  ? 1.0354 1.3486 1.5939 -0.0517 -0.1554 0.0636  46  GLU A CD  
336 O OE1 . GLU A 50  ? 0.8191 1.1498 1.4065 -0.0521 -0.1530 0.0754  46  GLU A OE1 
337 O OE2 . GLU A 50  ? 1.1389 1.4410 1.6815 -0.0547 -0.1632 0.0559  46  GLU A OE2 
338 N N   . ALA A 51  ? 0.4319 0.7611 1.0432 -0.0145 -0.1293 0.0935  47  ALA A N   
339 C CA  . ALA A 51  ? 0.4280 0.7496 1.0284 -0.0055 -0.1294 0.0892  47  ALA A CA  
340 C C   . ALA A 51  ? 0.4011 0.7400 1.0247 0.0069  -0.1239 0.1009  47  ALA A C   
341 O O   . ALA A 51  ? 0.4092 0.7423 1.0177 0.0086  -0.1307 0.0937  47  ALA A O   
342 C CB  . ALA A 51  ? 0.5129 0.8295 1.1179 0.0021  -0.1207 0.0930  47  ALA A CB  
343 N N   . GLU A 52  ? 0.5084 0.8683 1.1675 0.0157  -0.1109 0.1195  48  GLU A N   
344 C CA  . GLU A 52  ? 0.4554 0.8329 1.1383 0.0293  -0.1026 0.1331  48  GLU A CA  
345 C C   . GLU A 52  ? 0.4187 0.7992 1.0939 0.0218  -0.1155 0.1269  48  GLU A C   
346 O O   . GLU A 52  ? 0.5262 0.9140 1.2095 0.0317  -0.1137 0.1322  48  GLU A O   
347 C CB  . GLU A 52  ? 0.4977 0.8972 1.2159 0.0363  -0.0870 0.1532  48  GLU A CB  
348 C CG  . GLU A 52  ? 0.7467 1.1649 1.4893 0.0503  -0.0774 0.1681  48  GLU A CG  
349 C CD  . GLU A 52  ? 0.9757 1.4152 1.7504 0.0559  -0.0619 0.1876  48  GLU A CD  
350 O OE1 . GLU A 52  ? 1.1899 1.6291 1.9684 0.0503  -0.0575 0.1902  48  GLU A OE1 
351 O OE2 . GLU A 52  ? 0.9792 1.4355 1.7748 0.0658  -0.0543 0.2006  48  GLU A OE2 
352 N N   . LYS A 53  ? 0.4294 0.8034 1.0876 0.0052  -0.1271 0.1159  49  LYS A N   
353 C CA  . LYS A 53  ? 0.4710 0.8473 1.1192 -0.0024 -0.1375 0.1093  49  LYS A CA  
354 C C   . LYS A 53  ? 0.4285 0.7906 1.0482 -0.0017 -0.1452 0.0966  49  LYS A C   
355 O O   . LYS A 53  ? 0.4899 0.8600 1.1125 0.0002  -0.1489 0.0981  49  LYS A O   
356 C CB  . LYS A 53  ? 0.6896 1.0593 1.3216 -0.0181 -0.1450 0.0992  49  LYS A CB  
357 N N   . MET A 54  ? 0.6005 0.9418 1.1928 -0.0035 -0.1477 0.0845  50  MET A N   
358 C CA  . MET A 54  ? 0.5206 0.8460 1.0824 -0.0040 -0.1551 0.0718  50  MET A CA  
359 C C   . MET A 54  ? 0.5482 0.8759 1.1241 0.0124  -0.1500 0.0801  50  MET A C   
360 O O   . MET A 54  ? 0.5980 0.9231 1.1647 0.0159  -0.1549 0.0773  50  MET A O   
361 C CB  . MET A 54  ? 0.5660 0.8666 1.0883 -0.0137 -0.1598 0.0547  50  MET A CB  
362 C CG  . MET A 54  ? 0.7935 1.0857 1.3193 -0.0084 -0.1550 0.0562  50  MET A CG  
363 S SD  . MET A 54  ? 1.1153 1.3761 1.5898 -0.0177 -0.1616 0.0355  50  MET A SD  
364 C CE  . MET A 54  ? 0.7139 0.9647 1.1654 -0.0142 -0.1681 0.0279  50  MET A CE  
365 N N   . TRP A 55  ? 0.4412 0.7732 1.0383 0.0238  -0.1387 0.0905  51  TRP A N   
366 C CA  . TRP A 55  ? 0.3963 0.7292 1.0067 0.0437  -0.1289 0.0998  51  TRP A CA  
367 C C   . TRP A 55  ? 0.4069 0.7592 1.0436 0.0554  -0.1222 0.1147  51  TRP A C   
368 O O   . TRP A 55  ? 0.6013 0.9514 1.2427 0.0726  -0.1152 0.1208  51  TRP A O   
369 C CB  . TRP A 55  ? 0.5030 0.8370 1.1295 0.0552  -0.1128 0.1094  51  TRP A CB  
370 C CG  . TRP A 55  ? 0.6321 0.9455 1.2333 0.0475  -0.1192 0.0955  51  TRP A CG  
371 C CD1 . TRP A 55  ? 0.6987 1.0052 1.2843 0.0293  -0.1275 0.0854  51  TRP A CD1 
372 C CD2 . TRP A 55  ? 0.7454 1.0402 1.3318 0.0587  -0.1172 0.0901  51  TRP A CD2 
373 N NE1 . TRP A 55  ? 0.5630 0.8498 1.1256 0.0269  -0.1318 0.0740  51  TRP A NE1 
374 C CE2 . TRP A 55  ? 0.5783 0.8580 1.1417 0.0443  -0.1267 0.0762  51  TRP A CE2 
375 C CE3 . TRP A 55  ? 0.8130 1.0872 1.3757 0.0778  -0.1031 0.0914  51  TRP A CE3 
376 C CZ2 . TRP A 55  ? 0.6703 0.9111 1.1769 0.0464  -0.1209 0.0622  51  TRP A CZ2 
377 C CZ3 . TRP A 55  ? 0.8832 1.1142 1.3831 0.0789  -0.0960 0.0760  51  TRP A CZ3 
378 C CH2 . TRP A 55  ? 0.8502 1.0660 1.3229 0.0630  -0.1051 0.0619  51  TRP A CH2 
379 N N   . ARG A 56  ? 0.4546 0.8242 1.1073 0.0469  -0.1239 0.1204  52  ARG A N   
380 C CA  . ARG A 56  ? 0.5634 0.9520 1.2399 0.0551  -0.1201 0.1336  52  ARG A CA  
381 C C   . ARG A 56  ? 0.7071 1.0928 1.3653 0.0444  -0.1358 0.1232  52  ARG A C   
382 O O   . ARG A 56  ? 1.0461 1.4388 1.7127 0.0534  -0.1356 0.1296  52  ARG A O   
383 C CB  . ARG A 56  ? 0.4196 0.8297 1.1259 0.0528  -0.1127 0.1473  52  ARG A CB  
384 C CG  . ARG A 56  ? 0.7191 1.1373 1.4487 0.0674  -0.0924 0.1626  52  ARG A CG  
385 C CD  . ARG A 56  ? 0.8781 1.3203 1.6393 0.0669  -0.0850 0.1786  52  ARG A CD  
386 N NE  . ARG A 56  ? 0.9082 1.3585 1.6898 0.0815  -0.0632 0.1940  52  ARG A NE  
387 C CZ  . ARG A 56  ? 0.8667 1.3238 1.6627 0.1026  -0.0449 0.2077  52  ARG A CZ  
388 N NH1 . ARG A 56  ? 0.7712 1.2280 1.5656 0.1115  -0.0473 0.2083  52  ARG A NH1 
389 N NH2 . ARG A 56  ? 0.7778 1.2405 1.5874 0.1154  -0.0231 0.2205  52  ARG A NH2 
390 N N   . LYS A 57  ? 0.5544 0.9291 1.1856 0.0262  -0.1475 0.1074  53  LYS A N   
391 C CA  . LYS A 57  ? 0.5412 0.9119 1.1502 0.0158  -0.1595 0.0965  53  LYS A CA  
392 C C   . LYS A 57  ? 0.8375 1.1900 1.4192 0.0190  -0.1652 0.0865  53  LYS A C   
393 O O   . LYS A 57  ? 1.0348 1.3869 1.6043 0.0160  -0.1722 0.0822  53  LYS A O   
394 C CB  . LYS A 57  ? 0.6219 0.9846 1.2068 -0.0018 -0.1658 0.0829  53  LYS A CB  
395 C CG  . LYS A 57  ? 0.8945 1.2582 1.4609 -0.0112 -0.1740 0.0744  53  LYS A CG  
396 C CD  . LYS A 57  ? 1.0548 1.4424 1.6540 -0.0068 -0.1737 0.0886  53  LYS A CD  
397 C CE  . LYS A 57  ? 1.1700 1.5562 1.7616 -0.0169 -0.1844 0.0846  53  LYS A CE  
398 N NZ  . LYS A 57  ? 1.4064 1.8167 2.0298 -0.0128 -0.1847 0.0990  53  LYS A NZ  
399 N N   . LEU A 58  ? 0.5890 0.9266 1.1615 0.0250  -0.1619 0.0831  54  LEU A N   
400 C CA  . LEU A 58  ? 0.7329 1.0510 1.2791 0.0284  -0.1677 0.0736  54  LEU A CA  
401 C C   . LEU A 58  ? 0.9205 1.2449 1.4883 0.0486  -0.1620 0.0868  54  LEU A C   
402 O O   . LEU A 58  ? 1.9107 2.2296 2.4661 0.0501  -0.1690 0.0837  54  LEU A O   
403 C CB  . LEU A 58  ? 0.8285 1.1261 1.3542 0.0266  -0.1676 0.0637  54  LEU A CB  
404 C CG  . LEU A 58  ? 0.7167 0.9923 1.2177 0.0327  -0.1732 0.0549  54  LEU A CG  
405 C CD1 . LEU A 58  ? 0.8440 1.1071 1.3083 0.0197  -0.1840 0.0412  54  LEU A CD1 
406 C CD2 . LEU A 58  ? 0.9163 1.1734 1.4009 0.0316  -0.1730 0.0460  54  LEU A CD2 
407 N N   . MET A 59  ? 0.8980 1.2326 1.4961 0.0652  -0.1469 0.1021  55  MET A N   
408 C CA  . MET A 59  ? 0.8627 1.1993 1.4780 0.0889  -0.1351 0.1158  55  MET A CA  
409 C C   . MET A 59  ? 0.9538 1.3103 1.5894 0.0917  -0.1354 0.1268  55  MET A C   
410 O O   . MET A 59  ? 1.1305 1.4837 1.7675 0.1055  -0.1334 0.1324  55  MET A O   
411 C CB  . MET A 59  ? 0.8251 1.1650 1.4619 0.1071  -0.1130 0.1294  55  MET A CB  
412 C CG  . MET A 59  ? 0.9727 1.2927 1.5913 0.1068  -0.1110 0.1201  55  MET A CG  
413 S SD  . MET A 59  ? 1.2314 1.5533 1.8705 0.1295  -0.0799 0.1367  55  MET A SD  
414 C CE  . MET A 59  ? 1.1300 1.4379 1.7665 0.1608  -0.0600 0.1479  55  MET A CE  
415 N N   . LYS A 60  ? 0.8379 1.2135 1.4883 0.0788  -0.1381 0.1300  56  LYS A N   
416 C CA  . LYS A 60  ? 0.9764 1.3710 1.6450 0.0786  -0.1408 0.1392  56  LYS A CA  
417 C C   . LYS A 60  ? 1.0867 1.4726 1.7288 0.0665  -0.1575 0.1262  56  LYS A C   
418 O O   . LYS A 60  ? 1.2731 1.6696 1.9251 0.0696  -0.1607 0.1327  56  LYS A O   
419 C CB  . LYS A 60  ? 0.9478 1.3624 1.6370 0.0677  -0.1398 0.1451  56  LYS A CB  
420 N N   . PHE A 61  ? 1.0203 1.3866 1.6274 0.0528  -0.1670 0.1080  57  PHE A N   
421 C CA  . PHE A 61  ? 1.0997 1.4547 1.6752 0.0410  -0.1800 0.0942  57  PHE A CA  
422 C C   . PHE A 61  ? 1.2234 1.5650 1.7890 0.0532  -0.1824 0.0944  57  PHE A C   
423 O O   . PHE A 61  ? 1.2011 1.5471 1.7670 0.0550  -0.1876 0.0974  57  PHE A O   
424 C CB  . PHE A 61  ? 1.1105 1.4476 1.6486 0.0234  -0.1856 0.0752  57  PHE A CB  
425 C CG  . PHE A 61  ? 1.2146 1.5383 1.7151 0.0122  -0.1943 0.0608  57  PHE A CG  
426 C CD1 . PHE A 61  ? 1.1200 1.4523 1.6113 0.0001  -0.1972 0.0556  57  PHE A CD1 
427 C CD2 . PHE A 61  ? 1.3719 1.6745 1.8457 0.0142  -0.1983 0.0526  57  PHE A CD2 
428 C CE1 . PHE A 61  ? 1.2476 1.5651 1.7117 -0.0099 -0.2047 0.0458  57  PHE A CE1 
429 C CE2 . PHE A 61  ? 1.4845 1.7753 1.9228 0.0039  -0.2037 0.0404  57  PHE A CE2 
430 C CZ  . PHE A 61  ? 1.5072 1.8063 1.9412 -0.0077 -0.2058 0.0373  57  PHE A CZ  
431 N N   . VAL A 62  ? 1.2352 1.5591 1.7913 0.0622  -0.1786 0.0914  58  VAL A N   
432 C CA  . VAL A 62  ? 1.1642 1.4698 1.7069 0.0752  -0.1810 0.0904  58  VAL A CA  
433 C C   . VAL A 62  ? 1.2140 1.5303 1.7863 0.0983  -0.1704 0.1094  58  VAL A C   
434 O O   . VAL A 62  ? 1.1255 1.4556 1.7276 0.1120  -0.1545 0.1240  58  VAL A O   
435 C CB  . VAL A 62  ? 1.0306 1.3129 1.5578 0.0824  -0.1778 0.0835  58  VAL A CB  
436 C CG1 . VAL A 62  ? 1.0196 1.2871 1.5109 0.0595  -0.1886 0.0634  58  VAL A CG1 
437 C CG2 . VAL A 62  ? 0.9322 1.2246 1.4900 0.0981  -0.1592 0.0973  58  VAL A CG2 
438 N N   . ASP A 63  ? 1.0835 1.3924 1.6452 0.1025  -0.1778 0.1092  59  ASP A N   
439 C CA  . ASP A 63  ? 1.0821 1.3962 1.6661 0.1256  -0.1672 0.1265  59  ASP A CA  
440 C C   . ASP A 63  ? 0.9839 1.2761 1.5665 0.1515  -0.1494 0.1327  59  ASP A C   
441 O O   . ASP A 63  ? 0.9875 1.2865 1.5933 0.1720  -0.1293 0.1487  59  ASP A O   
442 C CB  . ASP A 63  ? 1.0160 1.3236 1.5847 0.1230  -0.1803 0.1238  59  ASP A CB  
443 N N   . ARG A 64  ? 1.0675 1.3304 1.6189 0.1504  -0.1555 0.1191  60  ARG A N   
444 C CA  . ARG A 64  ? 0.9819 1.2150 1.5229 0.1748  -0.1372 0.1222  60  ARG A CA  
445 C C   . ARG A 64  ? 0.8968 1.1040 1.3941 0.1599  -0.1388 0.1019  60  ARG A C   
446 O O   . ARG A 64  ? 0.9026 1.1169 1.3940 0.1372  -0.1629 0.0885  60  ARG A O   
447 C CB  . ARG A 64  ? 1.1092 1.3059 1.6121 0.1885  -0.1326 0.1193  60  ARG A CB  
448 N N   . VAL A 65  ? 0.8741 1.0516 1.3402 0.1725  -0.1126 0.0998  61  VAL A N   
449 C CA  . VAL A 65  ? 0.8281 0.9793 1.2501 0.1599  -0.1114 0.0818  61  VAL A CA  
450 C C   . VAL A 65  ? 0.9339 1.0368 1.3010 0.1760  -0.0849 0.0762  61  VAL A C   
451 O O   . VAL A 65  ? 1.0018 1.1024 1.3800 0.1970  -0.0590 0.0895  61  VAL A O   
452 C CB  . VAL A 65  ? 0.9089 1.0901 1.3665 0.1515  -0.1093 0.0872  61  VAL A CB  
453 C CG1 . VAL A 65  ? 1.2053 1.4050 1.7009 0.1721  -0.0833 0.1085  61  VAL A CG1 
454 C CG2 . VAL A 65  ? 0.9616 1.1139 1.3727 0.1403  -0.1062 0.0702  61  VAL A CG2 
455 N N   . GLU A 66  ? 0.9527 1.0172 1.2602 0.1655  -0.0913 0.0561  62  GLU A N   
456 C CA  . GLU A 66  ? 0.9611 0.9762 1.2104 0.1782  -0.0686 0.0487  62  GLU A CA  
457 C C   . GLU A 66  ? 0.9460 0.9348 1.1463 0.1627  -0.0702 0.0306  62  GLU A C   
458 O O   . GLU A 66  ? 0.8361 0.8285 1.0253 0.1418  -0.0944 0.0172  62  GLU A O   
459 C CB  . GLU A 66  ? 0.8035 0.7896 1.0207 0.1851  -0.0727 0.0441  62  GLU A CB  
460 C CG  . GLU A 66  ? 1.1520 1.0863 1.3119 0.2008  -0.0475 0.0384  62  GLU A CG  
461 C CD  . GLU A 66  ? 1.4410 1.3495 1.5772 0.2099  -0.0505 0.0372  62  GLU A CD  
462 O OE1 . GLU A 66  ? 1.3358 1.2665 1.4975 0.2023  -0.0738 0.0397  62  GLU A OE1 
463 O OE2 . GLU A 66  ? 1.5701 1.4357 1.6621 0.2242  -0.0297 0.0337  62  GLU A OE2 
464 N N   . VAL A 67  ? 1.0709 1.0341 1.2422 0.1733  -0.0441 0.0304  63  VAL A N   
465 C CA  . VAL A 67  ? 0.7245 0.6616 0.8479 0.1603  -0.0427 0.0149  63  VAL A CA  
466 C C   . VAL A 67  ? 0.5246 0.4133 0.5795 0.1576  -0.0447 -0.0017 63  VAL A C   
467 O O   . VAL A 67  ? 0.7224 0.5798 0.7487 0.1745  -0.0257 0.0000  63  VAL A O   
468 C CB  . VAL A 67  ? 0.8021 0.7322 0.9213 0.1715  -0.0138 0.0220  63  VAL A CB  
469 C CG1 . VAL A 67  ? 0.7308 0.6324 0.7974 0.1577  -0.0128 0.0063  63  VAL A CG1 
470 C CG2 . VAL A 67  ? 1.0001 0.9783 1.1861 0.1727  -0.0120 0.0386  63  VAL A CG2 
471 N N   . ARG A 68  ? 0.6726 0.5552 0.7014 0.1362  -0.0677 -0.0178 64  ARG A N   
472 C CA  . ARG A 68  ? 0.6211 0.4610 0.5863 0.1308  -0.0731 -0.0338 64  ARG A CA  
473 C C   . ARG A 68  ? 0.7431 0.5470 0.6509 0.1258  -0.0600 -0.0455 64  ARG A C   
474 O O   . ARG A 68  ? 1.0794 0.8441 0.9427 0.1375  -0.0400 -0.0478 64  ARG A O   
475 C CB  . ARG A 68  ? 0.6844 0.5376 0.6507 0.1102  -0.1061 -0.0450 64  ARG A CB  
476 C CG  . ARG A 68  ? 0.9494 0.7617 0.8525 0.1033  -0.1140 -0.0609 64  ARG A CG  
477 C CD  . ARG A 68  ? 1.0599 0.8891 0.9668 0.0821  -0.1464 -0.0719 64  ARG A CD  
478 N NE  . ARG A 68  ? 1.4036 1.1956 1.2509 0.0747  -0.1548 -0.0865 64  ARG A NE  
479 C CZ  . ARG A 68  ? 1.2006 0.9663 0.9958 0.0619  -0.1571 -0.1016 64  ARG A CZ  
480 N NH1 . ARG A 68  ? 1.2569 1.0292 1.0529 0.0557  -0.1515 -0.1038 64  ARG A NH1 
481 N NH2 . ARG A 68  ? 1.5621 1.2958 1.3053 0.0550  -0.1652 -0.1137 64  ARG A NH2 
482 N N   . ARG A 69  ? 0.8229 0.6402 0.7319 0.1084  -0.0714 -0.0524 65  ARG A N   
483 C CA  . ARG A 69  ? 0.6586 0.4454 0.5145 0.1007  -0.0626 -0.0635 65  ARG A CA  
484 C C   . ARG A 69  ? 0.6786 0.4845 0.5590 0.1003  -0.0506 -0.0559 65  ARG A C   
485 O O   . ARG A 69  ? 0.7050 0.5517 0.6415 0.0966  -0.0598 -0.0472 65  ARG A O   
486 C CB  . ARG A 69  ? 0.6758 0.4545 0.4990 0.0784  -0.0882 -0.0811 65  ARG A CB  
487 C CG  . ARG A 69  ? 0.8176 0.5697 0.5894 0.0680  -0.0825 -0.0921 65  ARG A CG  
488 C CD  . ARG A 69  ? 1.0654 0.8129 0.8087 0.0464  -0.1086 -0.1087 65  ARG A CD  
489 N NE  . ARG A 69  ? 1.1048 0.8942 0.8973 0.0335  -0.1318 -0.1088 65  ARG A NE  
490 C CZ  . ARG A 69  ? 1.6689 1.4757 1.4750 0.0219  -0.1377 -0.1107 65  ARG A CZ  
491 N NH1 . ARG A 69  ? 1.8829 1.6703 1.6575 0.0213  -0.1224 -0.1119 65  ARG A NH1 
492 N NH2 . ARG A 69  ? 2.0502 1.8934 1.9010 0.0107  -0.1587 -0.1111 65  ARG A NH2 
493 N N   . VAL A 70  ? 0.7185 0.4948 0.5560 0.1034  -0.0303 -0.0588 66  VAL A N   
494 C CA  . VAL A 70  ? 0.5362 0.3270 0.3904 0.1024  -0.0178 -0.0518 66  VAL A CA  
495 C C   . VAL A 70  ? 0.5704 0.3330 0.3688 0.0893  -0.0160 -0.0641 66  VAL A C   
496 O O   . VAL A 70  ? 0.7606 0.4824 0.5013 0.0923  -0.0043 -0.0721 66  VAL A O   
497 C CB  . VAL A 70  ? 0.5862 0.3761 0.4562 0.1244  0.0131  -0.0366 66  VAL A CB  
498 C CG1 . VAL A 70  ? 0.6224 0.4257 0.5053 0.1220  0.0260  -0.0296 66  VAL A CG1 
499 C CG2 . VAL A 70  ? 0.6215 0.4437 0.5515 0.1374  0.0116  -0.0223 66  VAL A CG2 
500 N N   . LYS A 71  ? 0.5506 0.3351 0.3668 0.0744  -0.0280 -0.0653 67  LYS A N   
501 C CA  . LYS A 71  ? 0.5596 0.3226 0.3287 0.0611  -0.0279 -0.0754 67  LYS A CA  
502 C C   . LYS A 71  ? 0.5368 0.3181 0.3295 0.0598  -0.0168 -0.0656 67  LYS A C   
503 O O   . LYS A 71  ? 0.6792 0.4983 0.5285 0.0574  -0.0254 -0.0568 67  LYS A O   
504 C CB  . LYS A 71  ? 0.5403 0.3074 0.2979 0.0408  -0.0577 -0.0897 67  LYS A CB  
505 C CG  . LYS A 71  ? 0.7439 0.4926 0.4564 0.0261  -0.0600 -0.0995 67  LYS A CG  
506 C CD  . LYS A 71  ? 1.0028 0.7618 0.7128 0.0067  -0.0897 -0.1124 67  LYS A CD  
507 C CE  . LYS A 71  ? 1.2102 0.9855 0.9186 -0.0073 -0.0819 -0.1081 67  LYS A CE  
508 N NZ  . LYS A 71  ? 1.3257 1.1532 1.0839 -0.0216 -0.0888 -0.1036 67  LYS A NZ  
509 N N   . VAL A 72  ? 0.5512 0.3052 0.2995 0.0607  0.0021  -0.0669 68  VAL A N   
510 C CA  . VAL A 72  ? 0.5562 0.3244 0.3208 0.0591  0.0139  -0.0575 68  VAL A CA  
511 C C   . VAL A 72  ? 0.5593 0.3091 0.2782 0.0427  0.0089  -0.0671 68  VAL A C   
512 O O   . VAL A 72  ? 0.6167 0.3292 0.2753 0.0419  0.0187  -0.0754 68  VAL A O   
513 C CB  . VAL A 72  ? 0.6067 0.3646 0.3682 0.0778  0.0464  -0.0458 68  VAL A CB  
514 C CG1 . VAL A 72  ? 0.6340 0.4048 0.4071 0.0742  0.0583  -0.0365 68  VAL A CG1 
515 C CG2 . VAL A 72  ? 0.6036 0.3842 0.4162 0.0948  0.0523  -0.0338 68  VAL A CG2 
516 N N   . ASP A 73  ? 0.6045 0.3807 0.3528 0.0294  -0.0063 -0.0656 69  ASP A N   
517 C CA  . ASP A 73  ? 0.7032 0.4670 0.4154 0.0138  -0.0123 -0.0727 69  ASP A CA  
518 C C   . ASP A 73  ? 0.8522 0.6403 0.5986 0.0104  -0.0070 -0.0607 69  ASP A C   
519 O O   . ASP A 73  ? 0.8736 0.6949 0.6720 0.0049  -0.0225 -0.0563 69  ASP A O   
520 C CB  . ASP A 73  ? 0.7407 0.5081 0.4459 -0.0026 -0.0418 -0.0867 69  ASP A CB  
521 C CG  . ASP A 73  ? 1.0451 0.7996 0.7115 -0.0185 -0.0485 -0.0941 69  ASP A CG  
522 O OD1 . ASP A 73  ? 1.0307 0.7617 0.6565 -0.0171 -0.0300 -0.0921 69  ASP A OD1 
523 O OD2 . ASP A 73  ? 1.5131 1.2889 1.1997 -0.0314 -0.0701 -0.0992 69  ASP A OD2 
524 N N   . GLU A 74  ? 0.8654 0.6362 0.5816 0.0133  0.0148  -0.0555 70  GLU A N   
525 C CA  . GLU A 74  ? 0.8540 0.6454 0.5989 0.0112  0.0229  -0.0426 70  GLU A CA  
526 C C   . GLU A 74  ? 0.8506 0.6748 0.6602 0.0234  0.0301  -0.0277 70  GLU A C   
527 O O   . GLU A 74  ? 0.9785 0.7971 0.7900 0.0398  0.0503  -0.0211 70  GLU A O   
528 C CB  . GLU A 74  ? 0.7587 0.5651 0.5144 -0.0072 0.0000  -0.0466 70  GLU A CB  
529 C CG  . GLU A 74  ? 1.0990 0.8764 0.7926 -0.0200 -0.0046 -0.0582 70  GLU A CG  
530 C CD  . GLU A 74  ? 1.0632 0.8567 0.7703 -0.0371 -0.0280 -0.0621 70  GLU A CD  
531 O OE1 . GLU A 74  ? 0.7835 0.5970 0.5247 -0.0418 -0.0499 -0.0673 70  GLU A OE1 
532 O OE2 . GLU A 74  ? 1.2474 1.0337 0.9309 -0.0458 -0.0245 -0.0599 70  GLU A OE2 
533 N N   . ASN A 75  ? 0.6120 0.4702 0.4744 0.0156  0.0135  -0.0221 71  ASN A N   
534 C CA  . ASN A 75  ? 0.5972 0.4892 0.5232 0.0250  0.0181  -0.0075 71  ASN A CA  
535 C C   . ASN A 75  ? 0.6387 0.5500 0.6018 0.0256  -0.0019 -0.0113 71  ASN A C   
536 O O   . ASN A 75  ? 0.6531 0.5955 0.6724 0.0311  -0.0029 0.0000  71  ASN A O   
537 C CB  . ASN A 75  ? 0.6093 0.5277 0.5733 0.0164  0.0149  0.0035  71  ASN A CB  
538 C CG  . ASN A 75  ? 0.7137 0.6511 0.7051 0.0006  -0.0148 -0.0032 71  ASN A CG  
539 O OD1 . ASN A 75  ? 0.6088 0.5306 0.5683 -0.0096 -0.0313 -0.0181 71  ASN A OD1 
540 N ND2 . ASN A 75  ? 0.8134 0.7849 0.8641 -0.0018 -0.0215 0.0077  71  ASN A ND2 
541 N N   . ARG A 76  ? 0.5739 0.6362 0.5531 0.0746  0.1610  -0.1450 72  ARG A N   
542 C CA  . ARG A 76  ? 0.4716 0.5241 0.4584 0.0724  0.1479  -0.1376 72  ARG A CA  
543 C C   . ARG A 76  ? 0.3964 0.4360 0.4143 0.0520  0.1368  -0.1413 72  ARG A C   
544 O O   . ARG A 76  ? 0.4161 0.4724 0.4402 0.0380  0.1362  -0.1449 72  ARG A O   
545 C CB  . ARG A 76  ? 0.4671 0.5540 0.4247 0.0786  0.1424  -0.1242 72  ARG A CB  
546 C CG  . ARG A 76  ? 0.6980 0.7942 0.6234 0.0986  0.1512  -0.1180 72  ARG A CG  
547 C CD  . ARG A 76  ? 0.5292 0.6568 0.4294 0.1009  0.1434  -0.1028 72  ARG A CD  
548 N NE  . ARG A 76  ? 0.5142 0.6780 0.4117 0.0890  0.1422  -0.1024 72  ARG A NE  
549 C CZ  . ARG A 76  ? 0.8732 1.0430 0.7627 0.0838  0.1456  -0.0993 72  ARG A CZ  
550 N NH1 . ARG A 76  ? 1.0731 1.2178 0.9575 0.0880  0.1511  -0.0973 72  ARG A NH1 
551 N NH2 . ARG A 76  ? 0.9516 1.1538 0.8400 0.0729  0.1430  -0.0990 72  ARG A NH2 
552 N N   . VAL A 77  ? 0.3928 0.4026 0.4301 0.0507  0.1279  -0.1401 73  VAL A N   
553 C CA  . VAL A 77  ? 0.3807 0.3741 0.4483 0.0330  0.1170  -0.1431 73  VAL A CA  
554 C C   . VAL A 77  ? 0.3671 0.3542 0.4371 0.0322  0.1021  -0.1324 73  VAL A C   
555 O O   . VAL A 77  ? 0.4843 0.4489 0.5561 0.0427  0.0997  -0.1303 73  VAL A O   
556 C CB  . VAL A 77  ? 0.3953 0.3522 0.4923 0.0301  0.1216  -0.1557 73  VAL A CB  
557 C CG1 . VAL A 77  ? 0.4702 0.4087 0.5979 0.0132  0.1096  -0.1583 73  VAL A CG1 
558 C CG2 . VAL A 77  ? 0.4425 0.4057 0.5379 0.0301  0.1362  -0.1665 73  VAL A CG2 
559 N N   . GLU A 78  ? 0.3495 0.3562 0.4190 0.0195  0.0920  -0.1256 74  GLU A N   
560 C CA  . GLU A 78  ? 0.3402 0.3430 0.4121 0.0175  0.0776  -0.1149 74  GLU A CA  
561 C C   . GLU A 78  ? 0.3445 0.3199 0.4500 0.0019  0.0677  -0.1194 74  GLU A C   
562 O O   . GLU A 78  ? 0.4838 0.4635 0.6029 -0.0140 0.0667  -0.1243 74  GLU A O   
563 C CB  . GLU A 78  ? 0.4692 0.5114 0.5191 0.0137  0.0722  -0.1029 74  GLU A CB  
564 C CG  . GLU A 78  ? 0.4080 0.4813 0.4238 0.0289  0.0817  -0.0980 74  GLU A CG  
565 C CD  . GLU A 78  ? 0.8962 1.0099 0.8915 0.0253  0.0759  -0.0856 74  GLU A CD  
566 O OE1 . GLU A 78  ? 0.8195 0.9345 0.8254 0.0132  0.0637  -0.0788 74  GLU A OE1 
567 O OE2 . GLU A 78  ? 1.0645 1.2095 1.0333 0.0346  0.0839  -0.0823 74  GLU A OE2 
568 N N   . ILE A 79  ? 0.3990 0.3461 0.5175 0.0068  0.0603  -0.1178 75  ILE A N   
569 C CA  . ILE A 79  ? 0.4045 0.3252 0.5544 -0.0062 0.0501  -0.1211 75  ILE A CA  
570 C C   . ILE A 79  ? 0.5021 0.4213 0.6502 -0.0067 0.0352  -0.1088 75  ILE A C   
571 O O   . ILE A 79  ? 0.5701 0.4770 0.7128 0.0060  0.0318  -0.1046 75  ILE A O   
572 C CB  . ILE A 79  ? 0.4134 0.2972 0.5872 -0.0016 0.0543  -0.1322 75  ILE A CB  
573 C CG1 . ILE A 79  ? 0.4216 0.3054 0.5995 -0.0024 0.0691  -0.1447 75  ILE A CG1 
574 C CG2 . ILE A 79  ? 0.5210 0.3780 0.7261 -0.0133 0.0426  -0.1344 75  ILE A CG2 
575 C CD1 . ILE A 79  ? 0.4500 0.2997 0.6534 0.0006  0.0740  -0.1559 75  ILE A CD1 
576 N N   . GLU A 80  ? 0.5056 0.4375 0.6581 -0.0217 0.0262  -0.1030 76  GLU A N   
577 C CA  . GLU A 80  ? 0.5366 0.4681 0.6882 -0.0237 0.0119  -0.0909 76  GLU A CA  
578 C C   . GLU A 80  ? 0.5623 0.4562 0.7447 -0.0291 0.0027  -0.0952 76  GLU A C   
579 O O   . GLU A 80  ? 0.7060 0.5863 0.9115 -0.0432 0.0010  -0.1023 76  GLU A O   
580 C CB  . GLU A 80  ? 0.5284 0.4889 0.6718 -0.0381 0.0061  -0.0821 76  GLU A CB  
581 C CG  . GLU A 80  ? 0.7528 0.7158 0.8936 -0.0403 -0.0083 -0.0685 76  GLU A CG  
582 C CD  . GLU A 80  ? 0.9026 0.8983 1.0326 -0.0537 -0.0127 -0.0585 76  GLU A CD  
583 O OE1 . GLU A 80  ? 0.9815 1.0036 1.0999 -0.0578 -0.0043 -0.0610 76  GLU A OE1 
584 O OE2 . GLU A 80  ? 0.9928 0.9882 1.1261 -0.0603 -0.0247 -0.0482 76  GLU A OE2 
585 N N   . VAL A 81  ? 0.6599 0.5370 0.8419 -0.0173 -0.0033 -0.0912 77  VAL A N   
586 C CA  . VAL A 81  ? 0.6802 0.5220 0.8907 -0.0199 -0.0118 -0.0954 77  VAL A CA  
587 C C   . VAL A 81  ? 0.7208 0.5607 0.9316 -0.0227 -0.0276 -0.0834 77  VAL A C   
588 O O   . VAL A 81  ? 0.8939 0.7541 1.0801 -0.0153 -0.0312 -0.0718 77  VAL A O   
589 C CB  . VAL A 81  ? 0.6983 0.5172 0.9131 -0.0046 -0.0069 -0.1021 77  VAL A CB  
590 C CG1 . VAL A 81  ? 0.9143 0.7016 1.1559 -0.0069 -0.0165 -0.1046 77  VAL A CG1 
591 C CG2 . VAL A 81  ? 0.8143 0.6325 1.0309 -0.0021 0.0090  -0.1141 77  VAL A CG2 
592 N N   . GLU A 82  ? 0.9035 0.7191 1.1417 -0.0329 -0.0366 -0.0860 78  GLU A N   
593 C CA  . GLU A 82  ? 0.8998 0.7096 1.1411 -0.0357 -0.0518 -0.0752 78  GLU A CA  
594 C C   . GLU A 82  ? 0.9149 0.6922 1.1777 -0.0309 -0.0583 -0.0793 78  GLU A C   
595 O O   . GLU A 82  ? 1.0149 0.7935 1.2781 -0.0302 -0.0492 -0.0834 78  GLU A O   
596 C CB  . GLU A 82  ? 1.0968 0.9150 1.3458 -0.0544 -0.0580 -0.0707 78  GLU A CB  
597 C CG  . GLU A 82  ? 1.2105 1.0216 1.4637 -0.0586 -0.0736 -0.0592 78  GLU A CG  
598 C CD  . GLU A 82  ? 1.1376 0.9577 1.3964 -0.0776 -0.0790 -0.0541 78  GLU A CD  
599 O OE1 . GLU A 82  ? 1.2751 1.1177 1.5247 -0.0860 -0.0713 -0.0556 78  GLU A OE1 
600 O OE2 . GLU A 82  ? 1.1769 0.9813 1.4491 -0.0844 -0.0911 -0.0485 78  GLU A OE2 
601 N N   . PHE A 83  ? 1.0113 0.7815 1.2705 -0.0242 -0.0702 -0.0706 79  PHE A N   
602 C CA  . PHE A 83  ? 1.1273 0.8937 1.3838 -0.0166 -0.0712 -0.0674 79  PHE A CA  
603 C C   . PHE A 83  ? 1.1856 0.9476 1.4457 -0.0194 -0.0860 -0.0576 79  PHE A C   
604 O O   . PHE A 83  ? 1.1161 0.8763 1.3780 -0.0256 -0.0972 -0.0508 79  PHE A O   
605 C CB  . PHE A 83  ? 1.2381 1.0020 1.4810 -0.0009 -0.0666 -0.0690 79  PHE A CB  
606 C CG  . PHE A 83  ? 1.2022 0.9612 1.4347 0.0097  -0.0746 -0.0650 79  PHE A CG  
607 C CD1 . PHE A 83  ? 1.2069 0.9601 1.4340 0.0155  -0.0888 -0.0555 79  PHE A CD1 
608 C CD2 . PHE A 83  ? 1.3014 1.0819 1.5113 0.0153  -0.0635 -0.0653 79  PHE A CD2 
609 C CE1 . PHE A 83  ? 1.2460 1.0215 1.4405 0.0264  -0.0898 -0.0448 79  PHE A CE1 
610 C CE2 . PHE A 83  ? 1.3291 1.1322 1.5067 0.0264  -0.0645 -0.0545 79  PHE A CE2 
611 C CZ  . PHE A 83  ? 1.3306 1.1311 1.5003 0.0320  -0.0776 -0.0443 79  PHE A CZ  
612 N N   . GLU A 84  ? 1.1019 0.8626 1.3635 -0.0157 -0.0868 -0.0562 80  GLU A N   
613 C CA  . GLU A 84  ? 1.3802 1.1371 1.6455 -0.0167 -0.0998 -0.0479 80  GLU A CA  
614 C C   . GLU A 84  ? 1.4121 1.1658 1.6689 -0.0041 -0.1052 -0.0447 80  GLU A C   
615 O O   . GLU A 84  ? 1.2536 1.0092 1.5075 0.0014  -0.0982 -0.0491 80  GLU A O   
616 C CB  . GLU A 84  ? 1.6458 1.4041 1.9208 -0.0229 -0.0977 -0.0491 80  GLU A CB  
617 C CG  . GLU A 84  ? 1.7323 1.4870 2.0117 -0.0219 -0.1097 -0.0420 80  GLU A CG  
618 C CD  . GLU A 84  ? 1.6166 1.3679 1.8971 -0.0285 -0.1228 -0.0325 80  GLU A CD  
619 O OE1 . GLU A 84  ? 1.5407 1.2937 1.8213 -0.0376 -0.1220 -0.0318 80  GLU A OE1 
620 O OE2 . GLU A 84  ? 1.5059 1.2535 1.7871 -0.0257 -0.1344 -0.0253 80  GLU A OE2 
621 N N   . VAL A 85  ? 1.4615 1.2101 1.7123 -0.0003 -0.1184 -0.0364 81  VAL A N   
622 C CA  . VAL A 85  ? 1.4737 1.2188 1.7127 0.0124  -0.1244 -0.0330 81  VAL A CA  
623 C C   . VAL A 85  ? 1.6667 1.4062 1.9036 0.0131  -0.1420 -0.0214 81  VAL A C   
624 O O   . VAL A 85  ? 1.6482 1.3834 1.8810 0.0111  -0.1514 -0.0127 81  VAL A O   
625 C CB  . VAL A 85  ? 1.4863 1.2298 1.7080 0.0250  -0.1198 -0.0350 81  VAL A CB  
626 C CG1 . VAL A 85  ? 1.6157 1.3558 1.8213 0.0383  -0.1275 -0.0299 81  VAL A CG1 
627 C CG2 . VAL A 85  ? 1.5609 1.3092 1.7820 0.0252  -0.1024 -0.0454 81  VAL A CG2 
628 N N   . ASN A 86  ? 1.5010 1.2406 1.7401 0.0156  -0.1471 -0.0198 82  ASN A N   
629 C CA  . ASN A 86  ? 1.5267 1.2614 1.7620 0.0174  -0.1636 -0.0088 82  ASN A CA  
630 C C   . ASN A 86  ? 1.5462 1.2788 1.7925 0.0043  -0.1718 -0.0008 82  ASN A C   
631 O O   . ASN A 86  ? 1.5649 1.2922 1.8033 0.0046  -0.1856 0.0125  82  ASN A O   
632 C CB  . ASN A 86  ? 1.5292 1.2601 1.7418 0.0313  -0.1714 -0.0009 82  ASN A CB  
633 N N   . GLY A 87  ? 1.6749 1.4119 1.9364 -0.0065 -0.1631 -0.0071 83  GLY A N   
634 C CA  . GLY A 87  ? 1.4647 1.2007 1.7356 -0.0202 -0.1686 -0.0008 83  GLY A CA  
635 C C   . GLY A 87  ? 1.4914 1.2270 1.7585 -0.0299 -0.1713 0.0053  83  GLY A C   
636 O O   . GLY A 87  ? 1.7197 1.4555 1.9909 -0.0435 -0.1783 0.0141  83  GLY A O   
637 N N   . GLN A 88  ? 1.4512 1.1870 1.7097 -0.0239 -0.1655 0.0012  84  GLN A N   
638 C CA  . GLN A 88  ? 1.6153 1.3830 1.8534 -0.0300 -0.1571 0.0066  84  GLN A CA  
639 C C   . GLN A 88  ? 1.7391 1.5111 1.9776 -0.0287 -0.1418 -0.0062 84  GLN A C   
640 O O   . GLN A 88  ? 1.7291 1.4877 1.9702 -0.0168 -0.1373 -0.0155 84  GLN A O   
641 C CB  . GLN A 88  ? 1.5130 1.3074 1.7178 -0.0184 -0.1596 0.0202  84  GLN A CB  
642 C CG  . GLN A 88  ? 1.6820 1.5142 1.8643 -0.0241 -0.1512 0.0273  84  GLN A CG  
643 C CD  . GLN A 88  ? 1.7436 1.5842 1.9351 -0.0442 -0.1545 0.0338  84  GLN A CD  
644 O OE1 . GLN A 88  ? 1.7873 1.6109 1.9936 -0.0515 -0.1655 0.0387  84  GLN A OE1 
645 N NE2 . GLN A 88  ? 1.6493 1.5160 1.8320 -0.0536 -0.1450 0.0339  84  GLN A NE2 
646 N N   . ARG A 89  ? 1.8092 1.6004 2.0451 -0.0414 -0.1340 -0.0066 85  ARG A N   
647 C CA  . ARG A 89  ? 1.6177 1.4143 1.8541 -0.0413 -0.1193 -0.0187 85  ARG A CA  
648 C C   . ARG A 89  ? 1.5581 1.3884 1.7620 -0.0321 -0.1106 -0.0135 85  ARG A C   
649 O O   . ARG A 89  ? 2.5042 2.3632 2.6891 -0.0363 -0.1122 -0.0016 85  ARG A O   
653 N N   . TYR A 90  ? 1.3093 1.1360 1.5071 -0.0193 -0.1011 -0.0223 86  TYR A N   
654 C CA  . TYR A 90  ? 1.0889 0.9452 1.2562 -0.0089 -0.0914 -0.0190 86  TYR A CA  
655 C C   . TYR A 90  ? 0.9082 0.7649 1.0792 -0.0091 -0.0766 -0.0322 86  TYR A C   
656 O O   . TYR A 90  ? 0.9212 0.7515 1.1173 -0.0125 -0.0739 -0.0444 86  TYR A O   
657 C CB  . TYR A 90  ? 1.0708 0.9237 1.2189 0.0109  -0.0948 -0.0146 86  TYR A CB  
658 C CG  . TYR A 90  ? 1.3028 1.1544 1.4463 0.0129  -0.1097 -0.0020 86  TYR A CG  
659 C CD1 . TYR A 90  ? 1.2142 1.0968 1.3358 0.0107  -0.1133 0.0125  86  TYR A CD1 
660 C CD2 . TYR A 90  ? 1.5166 1.3367 1.6774 0.0170  -0.1199 -0.0045 86  TYR A CD2 
661 C CE1 . TYR A 90  ? 1.2743 1.1560 1.3908 0.0130  -0.1264 0.0245  86  TYR A CE1 
662 C CE2 . TYR A 90  ? 1.6456 1.4644 1.8012 0.0195  -0.1335 0.0070  86  TYR A CE2 
663 C CZ  . TYR A 90  ? 1.5887 1.4381 1.7218 0.0176  -0.1365 0.0216  86  TYR A CZ  
664 O OH  . TYR A 90  ? 1.6971 1.5455 1.8244 0.0203  -0.1497 0.0334  86  TYR A OH  
665 N N   . SER A 91  ? 0.6756 0.5632 0.8217 -0.0050 -0.0670 -0.0294 87  SER A N   
666 C CA  . SER A 91  ? 0.7208 0.6123 0.8676 -0.0051 -0.0525 -0.0410 87  SER A CA  
667 C C   . SER A 91  ? 0.8228 0.7274 0.9425 0.0133  -0.0429 -0.0410 87  SER A C   
668 O O   . SER A 91  ? 0.8695 0.7898 0.9648 0.0247  -0.0467 -0.0304 87  SER A O   
669 C CB  . SER A 91  ? 0.9174 0.8346 1.0627 -0.0210 -0.0482 -0.0399 87  SER A CB  
670 O OG  . SER A 91  ? 1.0485 1.0025 1.1658 -0.0188 -0.0491 -0.0268 87  SER A OG  
671 N N   . MET A 92  ? 0.8558 0.7533 0.9796 0.0166  -0.0305 -0.0528 88  MET A N   
672 C CA  . MET A 92  ? 0.7011 0.6109 0.7993 0.0331  -0.0196 -0.0538 88  MET A CA  
673 C C   . MET A 92  ? 0.6218 0.5385 0.7228 0.0292  -0.0052 -0.0645 88  MET A C   
674 O O   . MET A 92  ? 0.7242 0.6221 0.8517 0.0186  -0.0028 -0.0748 88  MET A O   
675 C CB  . MET A 92  ? 0.8306 0.7119 0.9301 0.0484  -0.0212 -0.0574 88  MET A CB  
676 C CG  . MET A 92  ? 0.8921 0.7376 1.0244 0.0437  -0.0198 -0.0704 88  MET A CG  
677 S SD  . MET A 92  ? 0.8070 0.6219 0.9390 0.0614  -0.0204 -0.0747 88  MET A SD  
678 C CE  . MET A 92  ? 0.9353 0.7501 1.0565 0.0667  -0.0381 -0.0614 88  MET A CE  
679 N N   . GLU A 93  ? 0.5550 0.4992 0.6278 0.0384  0.0045  -0.0617 89  GLU A N   
680 C CA  . GLU A 93  ? 0.5881 0.5434 0.6595 0.0356  0.0184  -0.0707 89  GLU A CA  
681 C C   . GLU A 93  ? 0.5421 0.4810 0.6081 0.0508  0.0297  -0.0791 89  GLU A C   
682 O O   . GLU A 93  ? 0.6081 0.5475 0.6526 0.0673  0.0305  -0.0741 89  GLU A O   
683 C CB  . GLU A 93  ? 0.7765 0.7750 0.8211 0.0351  0.0224  -0.0627 89  GLU A CB  
684 C CG  . GLU A 93  ? 1.1006 1.1183 1.1502 0.0184  0.0125  -0.0544 89  GLU A CG  
685 C CD  . GLU A 93  ? 1.2815 1.3444 1.3045 0.0185  0.0164  -0.0458 89  GLU A CD  
686 O OE1 . GLU A 93  ? 0.8156 0.8949 0.8130 0.0342  0.0252  -0.0445 89  GLU A OE1 
687 O OE2 . GLU A 93  ? 1.6923 1.7742 1.7197 0.0026  0.0107  -0.0404 89  GLU A OE2 
688 N N   . PHE A 94  ? 0.6015 0.5257 0.6865 0.0451  0.0386  -0.0916 90  PHE A N   
689 C CA  . PHE A 94  ? 0.4989 0.4079 0.5805 0.0577  0.0508  -0.1000 90  PHE A CA  
690 C C   . PHE A 94  ? 0.5115 0.4454 0.5761 0.0596  0.0651  -0.1037 90  PHE A C   
691 O O   . PHE A 94  ? 0.6091 0.5431 0.6893 0.0484  0.0710  -0.1125 90  PHE A O   
692 C CB  . PHE A 94  ? 0.4949 0.3676 0.6108 0.0517  0.0513  -0.1117 90  PHE A CB  
693 C CG  . PHE A 94  ? 0.4991 0.3454 0.6324 0.0517  0.0380  -0.1091 90  PHE A CG  
694 C CD1 . PHE A 94  ? 0.8233 0.6641 0.9772 0.0376  0.0258  -0.1069 90  PHE A CD1 
695 C CD2 . PHE A 94  ? 0.7117 0.5382 0.8402 0.0658  0.0374  -0.1089 90  PHE A CD2 
696 C CE1 . PHE A 94  ? 0.8855 0.7026 1.0549 0.0381  0.0134  -0.1045 90  PHE A CE1 
697 C CE2 . PHE A 94  ? 0.7529 0.5558 0.8972 0.0659  0.0247  -0.1070 90  PHE A CE2 
698 C CZ  . PHE A 94  ? 0.5575 0.3560 0.7221 0.0523  0.0127  -0.1047 90  PHE A CZ  
699 N N   . HIS A 95  ? 0.4881 0.4429 0.5201 0.0744  0.0706  -0.0972 91  HIS A N   
700 C CA  . HIS A 95  ? 0.4439 0.4236 0.4567 0.0786  0.0843  -0.0999 91  HIS A CA  
701 C C   . HIS A 95  ? 0.4321 0.3903 0.4461 0.0892  0.0973  -0.1096 91  HIS A C   
702 O O   . HIS A 95  ? 0.5585 0.5046 0.5582 0.1050  0.0996  -0.1072 91  HIS A O   
703 C CB  . HIS A 95  ? 0.4439 0.4578 0.4201 0.0903  0.0844  -0.0881 91  HIS A CB  
704 C CG  . HIS A 95  ? 0.4623 0.5026 0.4354 0.0795  0.0733  -0.0780 91  HIS A CG  
705 N ND1 . HIS A 95  ? 0.4545 0.5342 0.4120 0.0744  0.0765  -0.0739 91  HIS A ND1 
706 C CD2 . HIS A 95  ? 0.5998 0.6333 0.5835 0.0727  0.0591  -0.0709 91  HIS A CD2 
707 C CE1 . HIS A 95  ? 0.5107 0.6067 0.4699 0.0644  0.0649  -0.0645 91  HIS A CE1 
708 N NE2 . HIS A 95  ? 0.6380 0.7062 0.6123 0.0634  0.0543  -0.0624 91  HIS A NE2 
709 N N   . PHE A 96  ? 0.4169 0.3703 0.4478 0.0804  0.1060  -0.1206 92  PHE A N   
710 C CA  . PHE A 96  ? 0.4420 0.3750 0.4771 0.0887  0.1191  -0.1301 92  PHE A CA  
711 C C   . PHE A 96  ? 0.4658 0.4234 0.4763 0.0966  0.1337  -0.1319 92  PHE A C   
712 O O   . PHE A 96  ? 0.4848 0.4707 0.4890 0.0885  0.1353  -0.1317 92  PHE A O   
713 C CB  . PHE A 96  ? 0.4371 0.3449 0.5090 0.0755  0.1200  -0.1419 92  PHE A CB  
714 C CG  . PHE A 96  ? 0.4385 0.3186 0.5369 0.0689  0.1068  -0.1415 92  PHE A CG  
715 C CD1 . PHE A 96  ? 0.5472 0.4048 0.6461 0.0749  0.0997  -0.1354 92  PHE A CD1 
716 C CD2 . PHE A 96  ? 0.4652 0.3491 0.5800 0.0534  0.0949  -0.1394 92  PHE A CD2 
717 C CE1 . PHE A 96  ? 0.5457 0.3838 0.6636 0.0677  0.0854  -0.1317 92  PHE A CE1 
718 C CE2 . PHE A 96  ? 0.5238 0.3826 0.6626 0.0479  0.0827  -0.1389 92  PHE A CE2 
719 C CZ  . PHE A 96  ? 0.5875 0.4232 0.7290 0.0559  0.0790  -0.1361 92  PHE A CZ  
720 N N   . GLU A 97  ? 0.6094 0.5604 0.6046 0.1100  0.1361  -0.1288 93  GLU A N   
721 C CA  . GLU A 97  ? 0.5501 0.5254 0.5284 0.1139  0.1392  -0.1276 93  GLU A CA  
722 C C   . GLU A 97  ? 0.5144 0.4688 0.5067 0.1104  0.1364  -0.1291 93  GLU A C   
723 O O   . GLU A 97  ? 0.6095 0.5486 0.6039 0.1149  0.1296  -0.1266 93  GLU A O   
724 C CB  . GLU A 97  ? 0.7370 0.7318 0.6968 0.1192  0.1384  -0.1217 93  GLU A CB  
725 C CG  . GLU A 97  ? 0.9133 0.9301 0.8474 0.1208  0.1414  -0.1114 93  GLU A CG  
726 C CD  . GLU A 97  ? 1.2646 1.2951 1.1748 0.1235  0.1398  -0.0997 93  GLU A CD  
727 O OE1 . GLU A 97  ? 1.0500 1.0735 0.9650 0.1213  0.1415  -0.1019 93  GLU A OE1 
728 O OE2 . GLU A 97  ? 1.6456 1.6952 1.5334 0.1283  0.1351  -0.0885 93  GLU A OE2 
729 N N   . VAL A 98  ? 0.5207 0.4761 0.5232 0.1006  0.1420  -0.1338 94  VAL A N   
730 C CA  . VAL A 98  ? 0.5272 0.4636 0.5452 0.0947  0.1406  -0.1353 94  VAL A CA  
731 C C   . VAL A 98  ? 0.6487 0.6011 0.6494 0.1027  0.1422  -0.1325 94  VAL A C   
732 O O   . VAL A 98  ? 0.7375 0.7169 0.7226 0.1061  0.1462  -0.1325 94  VAL A O   
733 C CB  . VAL A 98  ? 0.5754 0.5051 0.6198 0.0779  0.1441  -0.1439 94  VAL A CB  
734 C CG1 . VAL A 98  ? 1.0689 0.9813 1.1291 0.0721  0.1425  -0.1442 94  VAL A CG1 
735 C CG2 . VAL A 98  ? 0.7908 0.7088 0.8573 0.0689  0.1397  -0.1486 94  VAL A CG2 
736 N N   . GLU A 99  ? 0.5617 0.4993 0.5664 0.1050  0.1381  -0.1304 95  GLU A N   
737 C CA  . GLU A 99  ? 0.5076 0.4585 0.5015 0.1108  0.1389  -0.1296 95  GLU A CA  
738 C C   . GLU A 99  ? 0.6376 0.5657 0.6458 0.1055  0.1386  -0.1289 95  GLU A C   
739 O O   . GLU A 99  ? 0.6778 0.5856 0.6961 0.1035  0.1338  -0.1268 95  GLU A O   
740 C CB  . GLU A 99  ? 0.7881 0.7580 0.7699 0.1194  0.1343  -0.1286 95  GLU A CB  
741 C CG  . GLU A 99  ? 1.1053 1.1045 1.0782 0.1193  0.1357  -0.1306 95  GLU A CG  
742 C CD  . GLU A 99  ? 1.2223 1.2297 1.1900 0.1169  0.1376  -0.1285 95  GLU A CD  
743 O OE1 . GLU A 99  ? 1.3057 1.3006 1.2722 0.1197  0.1379  -0.1257 95  GLU A OE1 
744 O OE2 . GLU A 99  ? 1.2959 1.3106 1.2520 0.1137  0.1421  -0.1236 95  GLU A OE2 
745 N N   . ASN A 100 ? 0.6597 0.3907 0.7341 -0.0181 0.3314  -0.0725 96  ASN A N   
746 C CA  . ASN A 100 ? 0.8467 0.5702 0.9242 -0.0174 0.3374  -0.0680 96  ASN A CA  
747 C C   . ASN A 100 ? 0.7922 0.5227 0.8660 -0.0114 0.3330  -0.0699 96  ASN A C   
748 O O   . ASN A 100 ? 1.0513 0.7870 1.1363 -0.0126 0.3359  -0.0758 96  ASN A O   
749 C CB  . ASN A 100 ? 0.7006 0.4288 0.7988 -0.0248 0.3440  -0.0777 96  ASN A CB  
750 C CG  . ASN A 100 ? 0.9140 0.6325 1.0155 -0.0304 0.3501  -0.0735 96  ASN A CG  
751 O OD1 . ASN A 100 ? 1.2859 0.9888 1.3745 -0.0285 0.3533  -0.0597 96  ASN A OD1 
752 N ND2 . ASN A 100 ? 0.9902 0.7183 1.1088 -0.0372 0.3519  -0.0854 96  ASN A ND2 
753 N N   . GLY A 101 ? 0.8317 0.5626 0.8898 -0.0053 0.3260  -0.0650 97  GLY A N   
754 C CA  . GLY A 101 ? 0.6799 0.4169 0.7324 0.0011  0.3216  -0.0653 97  GLY A CA  
755 C C   . GLY A 101 ? 0.7509 0.5102 0.8158 0.0005  0.3168  -0.0816 97  GLY A C   
756 O O   . GLY A 101 ? 0.6236 0.3909 0.6843 0.0058  0.3124  -0.0835 97  GLY A O   
757 N N   . LYS A 102 ? 0.6574 0.4274 0.7372 -0.0060 0.3177  -0.0933 98  LYS A N   
758 C CA  . LYS A 102 ? 0.6190 0.4110 0.7108 -0.0076 0.3138  -0.1090 98  LYS A CA  
759 C C   . LYS A 102 ? 0.6637 0.4669 0.7560 -0.0099 0.3085  -0.1162 98  LYS A C   
760 O O   . LYS A 102 ? 0.8117 0.6053 0.8963 -0.0107 0.3083  -0.1095 98  LYS A O   
761 C CB  . LYS A 102 ? 0.8654 0.6621 0.9770 -0.0141 0.3202  -0.1182 98  LYS A CB  
762 N N   . VAL A 103 ? 0.5894 0.4133 0.6904 -0.0112 0.3045  -0.1295 99  VAL A N   
763 C CA  . VAL A 103 ? 0.5512 0.3877 0.6534 -0.0137 0.2994  -0.1372 99  VAL A CA  
764 C C   . VAL A 103 ? 0.5842 0.4283 0.7051 -0.0231 0.3034  -0.1483 99  VAL A C   
765 O O   . VAL A 103 ? 0.5885 0.4457 0.7232 -0.0265 0.3047  -0.1592 99  VAL A O   
766 C CB  . VAL A 103 ? 0.5347 0.3906 0.6330 -0.0094 0.2921  -0.1444 99  VAL A CB  
767 C CG1 . VAL A 103 ? 0.5378 0.4059 0.6363 -0.0121 0.2870  -0.1513 99  VAL A CG1 
768 C CG2 . VAL A 103 ? 0.5254 0.3740 0.6057 -0.0001 0.2882  -0.1335 99  VAL A CG2 
769 N N   . ARG A 104 ? 0.5425 0.3781 0.6638 -0.0273 0.3054  -0.1455 100 ARG A N   
770 C CA  . ARG A 104 ? 0.5317 0.3728 0.6704 -0.0363 0.3094  -0.1552 100 ARG A CA  
771 C C   . ARG A 104 ? 0.5259 0.3878 0.6714 -0.0398 0.3041  -0.1682 100 ARG A C   
772 O O   . ARG A 104 ? 0.5370 0.4121 0.6985 -0.0458 0.3056  -0.1803 100 ARG A O   
773 C CB  . ARG A 104 ? 0.6019 0.4270 0.7385 -0.0393 0.3136  -0.1471 100 ARG A CB  
774 C CG  . ARG A 104 ? 0.9148 0.7212 1.0510 -0.0392 0.3214  -0.1369 100 ARG A CG  
775 C CD  . ARG A 104 ? 0.9494 0.7607 1.1046 -0.0451 0.3273  -0.1456 100 ARG A CD  
776 N NE  . ARG A 104 ? 1.1854 1.0061 1.3563 -0.0536 0.3289  -0.1567 100 ARG A NE  
777 C CZ  . ARG A 104 ? 1.2162 1.0428 1.4054 -0.0603 0.3339  -0.1661 100 ARG A CZ  
778 N NH1 . ARG A 104 ? 1.2001 1.0240 1.3942 -0.0593 0.3377  -0.1657 100 ARG A NH1 
779 N NH2 . ARG A 104 ? 1.0594 0.8944 1.2620 -0.0680 0.3349  -0.1758 100 ARG A NH2 
780 N N   . ARG A 105 ? 0.6142 0.4788 0.7473 -0.0364 0.2978  -0.1656 101 ARG A N   
781 C CA  . ARG A 105 ? 0.5627 0.4465 0.7007 -0.0397 0.2926  -0.1769 101 ARG A CA  
782 C C   . ARG A 105 ? 0.5326 0.4261 0.6568 -0.0325 0.2849  -0.1757 101 ARG A C   
783 O O   . ARG A 105 ? 0.5237 0.4059 0.6317 -0.0251 0.2828  -0.1644 101 ARG A O   
784 C CB  . ARG A 105 ? 0.5949 0.4754 0.7340 -0.0445 0.2927  -0.1769 101 ARG A CB  
785 C CG  . ARG A 105 ? 0.8936 0.7937 1.0379 -0.0485 0.2874  -0.1881 101 ARG A CG  
786 C CD  . ARG A 105 ? 1.1236 1.0188 1.2640 -0.0509 0.2861  -0.1854 101 ARG A CD  
787 N NE  . ARG A 105 ? 1.4309 1.3449 1.5755 -0.0547 0.2809  -0.1959 101 ARG A NE  
788 C CZ  . ARG A 105 ? 1.3699 1.2838 1.5103 -0.0562 0.2781  -0.1950 101 ARG A CZ  
789 N NH1 . ARG A 105 ? 0.9934 0.8898 1.1252 -0.0542 0.2800  -0.1843 101 ARG A NH1 
790 N NH2 . ARG A 105 ? 1.5000 1.4319 1.6448 -0.0601 0.2734  -0.2049 101 ARG A NH2 
791 N N   . VAL A 106 ? 0.5646 0.4789 0.6953 -0.0350 0.2810  -0.1873 102 VAL A N   
792 C CA  . VAL A 106 ? 0.5481 0.4741 0.6671 -0.0288 0.2739  -0.1874 102 VAL A CA  
793 C C   . VAL A 106 ? 0.5663 0.5116 0.6909 -0.0339 0.2695  -0.1984 102 VAL A C   
794 O O   . VAL A 106 ? 0.6288 0.5877 0.7693 -0.0412 0.2711  -0.2102 102 VAL A O   
795 C CB  . VAL A 106 ? 0.5518 0.4852 0.6709 -0.0244 0.2736  -0.1894 102 VAL A CB  
796 C CG1 . VAL A 106 ? 0.6155 0.5612 0.7219 -0.0178 0.2663  -0.1889 102 VAL A CG1 
797 C CG2 . VAL A 106 ? 0.5719 0.4866 0.6858 -0.0197 0.2780  -0.1786 102 VAL A CG2 
798 N N   . GLU A 107 ? 0.5353 0.4816 0.6472 -0.0304 0.2640  -0.1944 103 GLU A N   
799 C CA  . GLU A 107 ? 0.5265 0.4917 0.6422 -0.0348 0.2593  -0.2040 103 GLU A CA  
800 C C   . GLU A 107 ? 0.5124 0.4896 0.6162 -0.0281 0.2531  -0.2033 103 GLU A C   
801 O O   . GLU A 107 ? 0.5388 0.5063 0.6259 -0.0197 0.2503  -0.1927 103 GLU A O   
802 C CB  . GLU A 107 ? 0.5058 0.4650 0.6183 -0.0375 0.2581  -0.2016 103 GLU A CB  
803 C CG  . GLU A 107 ? 0.5551 0.5337 0.6722 -0.0428 0.2535  -0.2115 103 GLU A CG  
804 C CD  . GLU A 107 ? 0.6404 0.6132 0.7543 -0.0453 0.2522  -0.2089 103 GLU A CD  
805 O OE1 . GLU A 107 ? 0.5860 0.5398 0.6910 -0.0416 0.2540  -0.1982 103 GLU A OE1 
806 O OE2 . GLU A 107 ? 0.6990 0.6866 0.8194 -0.0513 0.2493  -0.2177 103 GLU A OE2 
807 N N   . ILE A 108 ? 0.4934 0.4915 0.6058 -0.0322 0.2510  -0.2144 104 ILE A N   
808 C CA  . ILE A 108 ? 0.4799 0.4913 0.5822 -0.0267 0.2454  -0.2146 104 ILE A CA  
809 C C   . ILE A 108 ? 0.4743 0.5007 0.5764 -0.0308 0.2403  -0.2206 104 ILE A C   
810 O O   . ILE A 108 ? 0.5013 0.5442 0.6176 -0.0395 0.2402  -0.2325 104 ILE A O   
811 C CB  . ILE A 108 ? 0.4821 0.5073 0.5932 -0.0276 0.2465  -0.2220 104 ILE A CB  
812 C CG1 . ILE A 108 ? 0.4877 0.4985 0.6000 -0.0238 0.2517  -0.2163 104 ILE A CG1 
813 C CG2 . ILE A 108 ? 0.4962 0.5351 0.5963 -0.0217 0.2409  -0.2215 104 ILE A CG2 
814 C CD1 . ILE A 108 ? 0.5342 0.5574 0.6548 -0.0241 0.2531  -0.2231 104 ILE A CD1 
815 N N   . ARG A 109 ? 0.5152 0.5360 0.6015 -0.0251 0.2361  -0.2125 105 ARG A N   
816 C CA  . ARG A 109 ? 0.5319 0.5659 0.6164 -0.0285 0.2311  -0.2170 105 ARG A CA  
817 C C   . ARG A 109 ? 0.5878 0.6372 0.6641 -0.0241 0.2262  -0.2180 105 ARG A C   
818 O O   . ARG A 109 ? 0.6432 0.6855 0.7042 -0.0145 0.2243  -0.2086 105 ARG A O   
819 C CB  . ARG A 109 ? 0.4783 0.4981 0.5510 -0.0255 0.2293  -0.2081 105 ARG A CB  
820 C CG  . ARG A 109 ? 0.4965 0.5019 0.5773 -0.0303 0.2342  -0.2071 105 ARG A CG  
821 C CD  . ARG A 109 ? 0.5702 0.5627 0.6397 -0.0279 0.2321  -0.1987 105 ARG A CD  
822 N NE  . ARG A 109 ? 0.6817 0.6604 0.7588 -0.0326 0.2371  -0.1974 105 ARG A NE  
823 C CZ  . ARG A 109 ? 0.8332 0.7991 0.9031 -0.0316 0.2366  -0.1903 105 ARG A CZ  
824 N NH1 . ARG A 109 ? 0.9451 0.9100 0.9999 -0.0261 0.2314  -0.1843 105 ARG A NH1 
825 N NH2 . ARG A 109 ? 1.8024 1.7566 1.8799 -0.0362 0.2417  -0.1892 105 ARG A NH2 
826 N N   . ILE A 110 ? 0.5349 0.6056 0.6219 -0.0317 0.2241  -0.2296 106 ILE A N   
827 C CA  . ILE A 110 ? 0.6945 0.7820 0.7764 -0.0291 0.2199  -0.2319 106 ILE A CA  
828 C C   . ILE A 110 ? 0.7804 0.8795 0.8570 -0.0315 0.2143  -0.2338 106 ILE A C   
829 O O   . ILE A 110 ? 0.8418 0.9439 0.9258 -0.0389 0.2137  -0.2389 106 ILE A O   
830 C CB  . ILE A 110 ? 0.9596 1.0648 1.0581 -0.0362 0.2215  -0.2442 106 ILE A CB  
831 C CG1 . ILE A 110 ? 1.4619 1.5557 1.5668 -0.0343 0.2274  -0.2427 106 ILE A CG1 
832 C CG2 . ILE A 110 ? 1.2034 1.3260 1.2964 -0.0336 0.2172  -0.2462 106 ILE A CG2 
833 C CD1 . ILE A 110 ? 2.0109 2.1208 2.1322 -0.0411 0.2292  -0.2545 106 ILE A CD1 
834 N N   . SER A 111 ? 1.0502 0.9018 0.8335 -0.1576 -0.5271 0.1263  107 SER A N   
835 C CA  . SER A 111 ? 1.0558 0.8844 0.8334 -0.1361 -0.5280 0.1450  107 SER A CA  
836 C C   . SER A 111 ? 1.0614 0.8877 0.8338 -0.1214 -0.5295 0.1473  107 SER A C   
837 O O   . SER A 111 ? 1.1880 1.0357 0.9621 -0.1191 -0.5314 0.1291  107 SER A O   
838 C CB  . SER A 111 ? 1.0576 0.8906 0.8369 -0.1162 -0.5308 0.1389  107 SER A CB  
839 O OG  . SER A 111 ? 1.0563 0.9154 0.8387 -0.1043 -0.5341 0.1159  107 SER A OG  
840 N N   . PRO A 112 ? 1.0950 0.8949 0.8609 -0.1114 -0.5286 0.1697  108 PRO A N   
841 C CA  . PRO A 112 ? 1.1023 0.8952 0.8619 -0.0969 -0.5296 0.1757  108 PRO A CA  
842 C C   . PRO A 112 ? 1.2954 1.1060 1.0548 -0.0733 -0.5339 0.1585  108 PRO A C   
843 O O   . PRO A 112 ? 1.3390 1.1564 1.0956 -0.0677 -0.5353 0.1527  108 PRO A O   
844 C CB  . PRO A 112 ? 1.1140 0.8754 0.8681 -0.0862 -0.5280 0.2022  108 PRO A CB  
845 C CG  . PRO A 112 ? 1.1261 0.8765 0.8834 -0.1057 -0.5251 0.2126  108 PRO A CG  
846 C CD  . PRO A 112 ? 1.0992 0.8735 0.8635 -0.1139 -0.5264 0.1914  108 PRO A CD  
847 N N   . THR A 113 ? 1.1724 0.9902 0.9346 -0.0599 -0.5361 0.1505  109 THR A N   
848 C CA  . THR A 113 ? 1.1896 1.0240 0.9518 -0.0370 -0.5404 0.1343  109 THR A CA  
849 C C   . THR A 113 ? 1.3367 1.2022 1.1049 -0.0465 -0.5422 0.1080  109 THR A C   
850 O O   . THR A 113 ? 1.5272 1.4061 1.2943 -0.0334 -0.5453 0.0955  109 THR A O   
851 C CB  . THR A 113 ? 1.1272 0.9598 0.8907 -0.0201 -0.5422 0.1337  109 THR A CB  
852 O OG1 . THR A 113 ? 1.3498 1.1911 1.1201 -0.0373 -0.5409 0.1269  109 THR A OG1 
853 C CG2 . THR A 113 ? 1.1330 0.9351 0.8903 -0.0068 -0.5410 0.1589  109 THR A CG2 
854 N N   . MET A 114 ? 1.1853 1.0621 0.9600 -0.0694 -0.5401 0.1000  110 MET A N   
855 C CA  . MET A 114 ? 1.2624 1.1688 1.0439 -0.0809 -0.5413 0.0754  110 MET A CA  
856 C C   . MET A 114 ? 1.4359 1.3459 1.2163 -0.0955 -0.5399 0.0744  110 MET A C   
857 O O   . MET A 114 ? 1.9033 1.8372 1.6886 -0.1032 -0.5410 0.0546  110 MET A O   
858 C CB  . MET A 114 ? 1.5155 1.4316 1.3040 -0.1001 -0.5391 0.0678  110 MET A CB  
859 C CG  . MET A 114 ? 1.8134 1.7590 1.6094 -0.1152 -0.5394 0.0436  110 MET A CG  
860 S SD  . MET A 114 ? 1.9675 1.9409 1.7673 -0.0932 -0.5447 0.0182  110 MET A SD  
861 C CE  . MET A 114 ? 1.5545 1.5583 1.3634 -0.1174 -0.5437 -0.0059 110 MET A CE  
862 N N   . LYS A 115 ? 1.3943 1.2801 1.1681 -0.0989 -0.5375 0.0958  111 LYS A N   
863 C CA  . LYS A 115 ? 1.6245 1.5103 1.3967 -0.1144 -0.5357 0.0978  111 LYS A CA  
864 C C   . LYS A 115 ? 1.8235 1.7264 1.5950 -0.1030 -0.5391 0.0826  111 LYS A C   
865 O O   . LYS A 115 ? 1.7149 1.6365 1.4906 -0.1178 -0.5389 0.0680  111 LYS A O   
866 C CB  . LYS A 115 ? 1.5091 1.3641 1.2739 -0.1154 -0.5329 0.1248  111 LYS A CB  
867 N N   . LYS A 116 ? 1.7718 1.6678 1.5379 -0.0767 -0.5422 0.0861  112 LYS A N   
868 C CA  . LYS A 116 ? 1.7058 1.6146 1.4697 -0.0636 -0.5457 0.0738  112 LYS A CA  
869 C C   . LYS A 116 ? 1.6142 1.5554 1.3863 -0.0648 -0.5487 0.0458  112 LYS A C   
870 O O   . LYS A 116 ? 1.5886 1.5458 1.3621 -0.0675 -0.5505 0.0326  112 LYS A O   
871 C CB  . LYS A 116 ? 1.9106 1.8052 1.6670 -0.0340 -0.5483 0.0829  112 LYS A CB  
872 N N   . LEU A 117 ? 1.6366 1.5875 1.4143 -0.0627 -0.5494 0.0370  113 LEU A N   
873 C CA  . LEU A 117 ? 1.6736 1.6547 1.4594 -0.0620 -0.5523 0.0107  113 LEU A CA  
874 C C   . LEU A 117 ? 1.5423 1.5406 1.3357 -0.0903 -0.5496 -0.0013 113 LEU A C   
875 O O   . LEU A 117 ? 1.6730 1.6977 1.4735 -0.0931 -0.5517 -0.0236 113 LEU A O   
876 C CB  . LEU A 117 ? 2.0390 2.0237 1.8278 -0.0489 -0.5538 0.0060  113 LEU A CB  
877 C CG  . LEU A 117 ? 1.9102 1.8779 1.6919 -0.0206 -0.5564 0.0174  113 LEU A CG  
878 C CD1 . LEU A 117 ? 1.6740 1.6466 1.4596 -0.0106 -0.5576 0.0120  113 LEU A CD1 
879 C CD2 . LEU A 117 ? 1.9210 1.8968 1.6992 -0.0006 -0.5608 0.0085  113 LEU A CD2 
880 N N   . MET A 118 ? 1.3373 1.3206 1.1294 -0.1111 -0.5451 0.0137  114 MET A N   
881 C CA  . MET A 118 ? 1.5373 1.5343 1.3359 -0.1390 -0.5421 0.0044  114 MET A CA  
882 C C   . MET A 118 ? 1.6192 1.6256 1.4181 -0.1495 -0.5420 -0.0020 114 MET A C   
883 O O   . MET A 118 ? 1.6263 1.6491 1.4313 -0.1706 -0.5402 -0.0141 114 MET A O   
884 C CB  . MET A 118 ? 1.6293 1.6060 1.4264 -0.1573 -0.5374 0.0231  114 MET A CB  
885 C CG  . MET A 118 ? 1.9492 1.9388 1.7528 -0.1862 -0.5341 0.0140  114 MET A CG  
886 S SD  . MET A 118 ? 2.2553 2.2752 2.0692 -0.1880 -0.5354 -0.0127 114 MET A SD  
887 C CE  . MET A 118 ? 1.8733 1.9029 1.6928 -0.2235 -0.5306 -0.0185 114 MET A CE  
888 N N   . LYS A 119 ? 1.7118 1.7077 1.5036 -0.1347 -0.5440 0.0061  115 LYS A N   
889 C CA  . LYS A 119 ? 1.6213 1.6240 1.4123 -0.1428 -0.5442 0.0015  115 LYS A CA  
890 C C   . LYS A 119 ? 1.6004 1.6348 1.3992 -0.1429 -0.5474 -0.0257 115 LYS A C   
891 O O   . LYS A 119 ? 1.3003 1.3457 1.1011 -0.1551 -0.5472 -0.0336 115 LYS A O   
892 C CB  . LYS A 119 ? 1.6664 1.6508 1.4478 -0.1237 -0.5460 0.0155  115 LYS A CB  
893 N N   . GLN A 120 ? 1.6347 1.6836 1.4381 -0.1292 -0.5503 -0.0398 116 GLN A N   
894 C CA  . GLN A 120 ? 1.6281 1.7077 1.4399 -0.1283 -0.5535 -0.0662 116 GLN A CA  
895 C C   . GLN A 120 ? 1.5697 1.6667 1.3911 -0.1478 -0.5510 -0.0793 116 GLN A C   
896 O O   . GLN A 120 ? 1.5146 1.6324 1.3430 -0.1411 -0.5533 -0.0980 116 GLN A O   
897 C CB  . GLN A 120 ? 1.6795 1.7660 1.4905 -0.0995 -0.5589 -0.0753 116 GLN A CB  
898 C CG  . GLN A 120 ? 1.7469 1.8243 1.5497 -0.0800 -0.5623 -0.0697 116 GLN A CG  
899 C CD  . GLN A 120 ? 1.4595 1.5048 1.2518 -0.0758 -0.5598 -0.0425 116 GLN A CD  
900 O OE1 . GLN A 120 ? 1.4383 1.4667 1.2273 -0.0685 -0.5585 -0.0289 116 GLN A OE1 
901 N NE2 . GLN A 120 ? 1.1680 1.2045 0.9549 -0.0805 -0.5592 -0.0344 116 GLN A NE2 
902 N N   . ILE A 121 ? 1.4125 1.5006 1.2341 -0.1719 -0.5460 -0.0694 117 ILE A N   
903 C CA  . ILE A 121 ? 1.4464 1.5489 1.2762 -0.1926 -0.5430 -0.0804 117 ILE A CA  
904 C C   . ILE A 121 ? 1.2809 1.3869 1.1130 -0.2200 -0.5392 -0.0805 117 ILE A C   
905 O O   . ILE A 121 ? 1.1986 1.3254 1.0389 -0.2363 -0.5377 -0.0971 117 ILE A O   
906 C CB  . ILE A 121 ? 1.4047 1.4908 1.2329 -0.1947 -0.5404 -0.0670 117 ILE A CB  
907 C CG1 . ILE A 121 ? 1.4851 1.5698 1.3120 -0.1682 -0.5440 -0.0685 117 ILE A CG1 
908 C CG2 . ILE A 121 ? 1.2063 1.3062 1.0422 -0.2177 -0.5369 -0.0777 117 ILE A CG2 
909 C CD1 . ILE A 121 ? 1.3863 1.5000 1.2219 -0.1606 -0.5472 -0.0941 117 ILE A CD1 
# 
